data_5BVG
#
_entry.id   5BVG
#
_cell.length_a   77.582
_cell.length_b   130.825
_cell.length_c   107.128
_cell.angle_alpha   90.00
_cell.angle_beta   108.85
_cell.angle_gamma   90.00
#
_symmetry.space_group_name_H-M   'P 1 21 1'
#
loop_
_entity.id
_entity.type
_entity.pdbx_description
1 polymer 'Nitrogenase molybdenum-iron protein alpha chain'
2 polymer 'Nitrogenase molybdenum-iron protein beta chain'
3 non-polymer '3-HYDROXY-3-CARBOXY-ADIPIC ACID'
4 non-polymer 'iron-sulfur-molybdenum cluster with interstitial carbon with selenium incorporated'
5 non-polymer IMIDAZOLE
6 non-polymer 'CHLORIDE ION'
7 non-polymer 'FE(8)-S(7) CLUSTER'
8 non-polymer 'FE (II) ION'
9 non-polymer 'SELENIUM ATOM'
10 water water
#
loop_
_entity_poly.entity_id
_entity_poly.type
_entity_poly.pdbx_seq_one_letter_code
_entity_poly.pdbx_strand_id
1 'polypeptide(L)'
;MTGMSREEVESLIQEVLEVYPEKARKDRNKHLAVNDPAVTQSKKCIISNKKSQPGLMTIRGCAYAGSKGVVWGPIKDMIH
ISHGPVGCGQYSRAGRRNYYIGTTGVNAFVTMNFTSDFQEKDIVFGGDKKLAKLIDEVETLFPLNKGISVQSECPIGLIG
DDIESVSKVKGAELSKTIVPVRCEGFRGVSQSLGHHIANDAVRDWVLGKRDEDTTFASTPYDVAIIGDYNIGGDAWSSRI
LLEEMGLRCVAQWSGDGSISEIELTPKVKLNLVHCYRSMNYISRHMEEKYGIPWMEYNFFGPTKTIESLRAIAAKFDESI
QKKCEEVIAKYKPEWEAVVAKYRPRLEGKRVMLYIGGLRPRHVIGAYEDLGMEVVGTGYEFAHNDDYDRTMKEMGDSTLL
YDDVTGYEFEEFVKRIKPDLIGSGIKEKFIFQKMGIPFRQMHSWDYSGPYHGFDGFAIFARDMDMTLNNPCWKKLQAPWE
ASEGAEKVAASA
;
A,C
2 'polypeptide(L)'
;MSQQVDKIKASYPLFLDQDYKDMLAKKRDGFEEKYPQDKIDEVFQWTTTKEYQELNFQREALTVNPAKACQPLGAVLCAL
GFEKTMPYVHGSQGCVAYFRSYFNRHFREPVSCVSDSMTEDAAVFGGQQNMKDGLQNCKATYKPDMIAVSTTCMAEVIGD
DLNAFINNSKKEGFIPDEFPVPFAHTPSFVGSHVTGWDNMFEGIARYFTLKSMDDKVVGSNKKINIVPGFETYLGNFRVI
KRMLSEMGVGYSLLSDPEEVLDTPADGQFRMYAGGTTQEEMKDAPNALNTVLLQPWHLEKTKKFVEGTWKHEVPKLNIPM
GLDWTDEFLMKVSEISGQPIPASLTKERGRLVDMMTDSHTWLHGKRFALWGDPDFVMGLVKFLLELGCEPVHILCHNGNK
RWKKAVDAILAASPYGKNATVYIGKDLWHLRSLVFTDKPDFMIGNSYGKFIQRDTLHKGKEFEVPLIRIGFPIFDRHHLH
RSTTLGYEGAMQILTTLVNSILERLDEETRGMQATDYNHDLVR
;
B,D
#
# COMPACT_ATOMS: atom_id res chain seq x y z
N MET A 4 3.12 -41.41 -24.50
CA MET A 4 4.40 -42.06 -24.94
C MET A 4 4.44 -43.56 -24.61
N SER A 5 5.06 -44.34 -25.51
CA SER A 5 5.34 -45.75 -25.30
C SER A 5 6.56 -45.98 -24.40
N ARG A 6 6.73 -47.23 -23.95
CA ARG A 6 7.89 -47.66 -23.17
C ARG A 6 9.19 -47.34 -23.92
N GLU A 7 9.22 -47.64 -25.22
CA GLU A 7 10.43 -47.44 -26.03
C GLU A 7 10.76 -45.93 -26.16
N GLU A 8 9.72 -45.10 -26.27
CA GLU A 8 9.88 -43.64 -26.32
C GLU A 8 10.38 -43.04 -25.01
N VAL A 9 9.89 -43.56 -23.89
CA VAL A 9 10.38 -43.15 -22.58
C VAL A 9 11.82 -43.63 -22.40
N GLU A 10 12.10 -44.87 -22.82
CA GLU A 10 13.48 -45.39 -22.75
C GLU A 10 14.48 -44.52 -23.51
N SER A 11 14.08 -44.18 -24.74
N SER A 11 14.19 -44.16 -24.76
CA SER A 11 14.80 -43.30 -25.65
CA SER A 11 15.11 -43.30 -25.51
C SER A 11 15.03 -41.92 -25.05
C SER A 11 15.10 -41.84 -25.01
N LEU A 12 13.99 -41.37 -24.45
CA LEU A 12 14.03 -40.08 -23.73
C LEU A 12 15.09 -40.13 -22.64
N ILE A 13 15.12 -41.20 -21.85
CA ILE A 13 16.09 -41.34 -20.77
C ILE A 13 17.52 -41.34 -21.30
N GLN A 14 17.77 -42.09 -22.37
CA GLN A 14 19.13 -42.16 -22.95
C GLN A 14 19.57 -40.84 -23.56
N GLU A 15 18.66 -40.17 -24.26
N GLU A 15 18.67 -40.17 -24.27
CA GLU A 15 18.91 -38.86 -24.86
CA GLU A 15 18.92 -38.84 -24.85
C GLU A 15 19.30 -37.80 -23.83
C GLU A 15 19.33 -37.82 -23.80
N VAL A 16 18.57 -37.77 -22.72
CA VAL A 16 18.82 -36.83 -21.61
C VAL A 16 20.20 -37.13 -20.99
N LEU A 17 20.47 -38.42 -20.73
CA LEU A 17 21.76 -38.87 -20.16
C LEU A 17 23.01 -38.54 -21.00
N GLU A 18 22.86 -38.27 -22.29
CA GLU A 18 23.97 -37.92 -23.19
C GLU A 18 24.80 -36.71 -22.77
N VAL A 19 24.18 -35.79 -22.03
CA VAL A 19 24.84 -34.56 -21.59
C VAL A 19 25.99 -34.86 -20.61
N TYR A 20 25.87 -35.95 -19.85
CA TYR A 20 26.70 -36.15 -18.68
C TYR A 20 28.09 -36.70 -18.98
N PRO A 21 29.08 -36.36 -18.14
CA PRO A 21 30.33 -37.13 -18.13
C PRO A 21 30.04 -38.57 -17.74
N GLU A 22 30.96 -39.47 -18.09
CA GLU A 22 30.69 -40.92 -18.01
C GLU A 22 30.27 -41.41 -16.61
N LYS A 23 30.93 -40.93 -15.57
CA LYS A 23 30.65 -41.34 -14.19
C LYS A 23 29.25 -40.93 -13.75
N ALA A 24 28.89 -39.68 -14.01
CA ALA A 24 27.55 -39.20 -13.69
C ALA A 24 26.49 -39.93 -14.54
N ARG A 25 26.81 -40.17 -15.81
CA ARG A 25 25.89 -40.85 -16.71
C ARG A 25 25.54 -42.25 -16.21
N LYS A 26 26.57 -43.03 -15.88
CA LYS A 26 26.36 -44.39 -15.37
C LYS A 26 25.57 -44.40 -14.08
N ASP A 27 25.81 -43.42 -13.22
CA ASP A 27 25.07 -43.34 -11.96
C ASP A 27 23.60 -42.98 -12.20
N ARG A 28 23.35 -41.91 -12.95
CA ARG A 28 21.99 -41.42 -13.14
C ARG A 28 21.09 -42.42 -13.87
N ASN A 29 21.67 -43.20 -14.80
CA ASN A 29 20.92 -44.28 -15.45
C ASN A 29 20.24 -45.26 -14.46
N LYS A 30 20.87 -45.50 -13.31
CA LYS A 30 20.32 -46.41 -12.30
C LYS A 30 19.14 -45.81 -11.51
N HIS A 31 18.97 -44.49 -11.59
CA HIS A 31 17.98 -43.76 -10.83
C HIS A 31 16.76 -43.33 -11.64
N LEU A 32 16.67 -43.82 -12.88
CA LEU A 32 15.59 -43.45 -13.81
C LEU A 32 15.01 -44.74 -14.35
N ALA A 33 13.68 -44.87 -14.36
CA ALA A 33 13.07 -46.11 -14.83
C ALA A 33 11.72 -45.88 -15.48
N VAL A 34 11.35 -46.82 -16.34
CA VAL A 34 10.01 -46.88 -16.91
C VAL A 34 9.19 -47.86 -16.09
N ASN A 35 8.08 -47.40 -15.56
CA ASN A 35 7.30 -48.22 -14.64
C ASN A 35 6.73 -49.45 -15.28
N ASP A 36 6.77 -50.54 -14.53
CA ASP A 36 6.06 -51.75 -14.84
C ASP A 36 5.32 -52.17 -13.56
N PRO A 37 3.97 -52.01 -13.53
CA PRO A 37 3.24 -52.35 -12.30
C PRO A 37 3.19 -53.84 -11.97
N ALA A 38 3.61 -54.71 -12.90
CA ALA A 38 3.83 -56.14 -12.64
C ALA A 38 5.02 -56.40 -11.70
N VAL A 39 6.00 -55.50 -11.65
CA VAL A 39 7.14 -55.62 -10.72
C VAL A 39 6.73 -55.35 -9.26
N THR A 40 7.20 -56.22 -8.36
CA THR A 40 7.03 -56.05 -6.93
C THR A 40 8.34 -55.73 -6.19
N GLN A 41 9.48 -56.10 -6.77
CA GLN A 41 10.79 -55.77 -6.22
C GLN A 41 11.45 -54.62 -7.00
N SER A 42 11.30 -53.40 -6.49
CA SER A 42 11.86 -52.22 -7.16
C SER A 42 13.38 -52.22 -7.23
N LYS A 43 14.04 -53.00 -6.37
CA LYS A 43 15.47 -53.23 -6.49
C LYS A 43 15.91 -53.91 -7.80
N LYS A 44 14.97 -54.46 -8.57
CA LYS A 44 15.25 -54.85 -9.95
C LYS A 44 15.17 -53.73 -11.01
N CYS A 45 14.61 -52.58 -10.63
N CYS A 45 14.63 -52.56 -10.69
CA CYS A 45 14.24 -51.51 -11.56
CA CYS A 45 14.48 -51.50 -11.70
C CYS A 45 14.92 -50.16 -11.31
C CYS A 45 14.95 -50.10 -11.33
N ILE A 46 15.14 -49.80 -10.04
CA ILE A 46 15.63 -48.49 -9.66
C ILE A 46 16.45 -48.55 -8.36
N ILE A 47 17.51 -47.76 -8.35
CA ILE A 47 18.37 -47.53 -7.20
C ILE A 47 17.91 -46.24 -6.50
N SER A 48 17.98 -46.22 -5.16
CA SER A 48 17.55 -45.06 -4.37
C SER A 48 18.36 -44.94 -3.09
N ASN A 49 18.21 -43.81 -2.42
CA ASN A 49 18.85 -43.54 -1.13
C ASN A 49 20.38 -43.69 -1.20
N LYS A 50 20.96 -43.17 -2.28
CA LYS A 50 22.41 -43.08 -2.48
C LYS A 50 22.81 -41.63 -2.45
N LYS A 51 24.12 -41.39 -2.39
CA LYS A 51 24.66 -40.02 -2.48
C LYS A 51 24.21 -39.32 -3.77
N SER A 52 24.11 -37.99 -3.72
CA SER A 52 23.84 -37.20 -4.93
C SER A 52 25.17 -36.98 -5.65
N GLN A 53 25.11 -36.94 -6.97
CA GLN A 53 26.30 -36.68 -7.77
C GLN A 53 26.67 -35.21 -7.65
N PRO A 54 27.97 -34.90 -7.45
CA PRO A 54 28.34 -33.48 -7.32
C PRO A 54 28.04 -32.64 -8.54
N GLY A 55 27.56 -31.42 -8.32
CA GLY A 55 27.43 -30.44 -9.38
C GLY A 55 26.20 -30.53 -10.26
N LEU A 56 25.26 -31.42 -9.93
CA LEU A 56 24.13 -31.70 -10.82
C LEU A 56 22.81 -31.03 -10.44
N MET A 57 22.85 -30.21 -9.38
CA MET A 57 21.67 -29.47 -8.92
C MET A 57 20.55 -30.41 -8.44
N THR A 58 20.91 -31.30 -7.52
CA THR A 58 19.90 -32.02 -6.73
C THR A 58 18.96 -31.05 -6.03
N ILE A 59 17.74 -31.50 -5.83
CA ILE A 59 16.69 -30.73 -5.17
C ILE A 59 16.67 -31.07 -3.66
N ARG A 60 17.47 -32.07 -3.27
CA ARG A 60 17.53 -32.53 -1.88
C ARG A 60 18.03 -31.49 -0.86
N GLY A 61 17.58 -31.70 0.36
CA GLY A 61 18.06 -31.00 1.56
C GLY A 61 19.01 -31.92 2.34
N CYS A 62 19.06 -31.70 3.65
CA CYS A 62 20.00 -32.40 4.55
C CYS A 62 19.30 -32.99 5.75
N ALA A 63 20.08 -33.68 6.59
CA ALA A 63 19.54 -34.34 7.78
C ALA A 63 18.97 -33.37 8.81
N TYR A 64 19.54 -32.18 8.89
CA TYR A 64 18.97 -31.14 9.77
C TYR A 64 17.56 -30.75 9.31
N ALA A 65 17.36 -30.58 8.01
CA ALA A 65 16.00 -30.32 7.51
C ALA A 65 15.04 -31.45 7.90
N GLY A 66 15.47 -32.69 7.73
CA GLY A 66 14.66 -33.84 8.14
C GLY A 66 14.36 -33.95 9.62
N SER A 67 15.31 -33.54 10.47
CA SER A 67 15.11 -33.59 11.92
C SER A 67 14.43 -32.33 12.46
N LYS A 68 15.08 -31.18 12.27
CA LYS A 68 14.57 -29.92 12.81
C LYS A 68 13.36 -29.44 12.03
N GLY A 69 13.52 -29.32 10.72
CA GLY A 69 12.46 -28.82 9.85
C GLY A 69 11.21 -29.66 9.81
N VAL A 70 11.40 -30.97 9.89
CA VAL A 70 10.33 -31.91 9.61
C VAL A 70 9.77 -32.55 10.89
N VAL A 71 10.61 -33.27 11.63
CA VAL A 71 10.11 -34.06 12.75
C VAL A 71 9.96 -33.22 14.02
N TRP A 72 11.03 -32.53 14.44
CA TRP A 72 11.01 -31.86 15.75
C TRP A 72 10.35 -30.49 15.74
N GLY A 73 10.70 -29.68 14.75
CA GLY A 73 10.22 -28.29 14.68
C GLY A 73 8.74 -28.06 14.90
N PRO A 74 7.88 -28.96 14.40
CA PRO A 74 6.44 -28.79 14.63
C PRO A 74 5.94 -28.97 16.06
N ILE A 75 6.71 -29.64 16.93
CA ILE A 75 6.28 -29.89 18.30
C ILE A 75 6.20 -28.54 19.01
N LYS A 76 5.00 -28.17 19.44
CA LYS A 76 4.66 -26.76 19.62
C LYS A 76 5.07 -26.18 20.95
N ASP A 77 5.09 -26.98 22.00
CA ASP A 77 5.36 -26.47 23.36
C ASP A 77 6.79 -26.72 23.84
N MET A 78 7.65 -27.19 22.93
CA MET A 78 9.09 -27.28 23.17
C MET A 78 9.79 -26.17 22.42
N ILE A 79 11.00 -25.85 22.86
CA ILE A 79 11.89 -24.93 22.19
C ILE A 79 12.99 -25.73 21.49
N HIS A 80 13.15 -25.49 20.20
CA HIS A 80 14.12 -26.23 19.39
C HIS A 80 15.27 -25.30 19.04
N ILE A 81 16.46 -25.65 19.47
CA ILE A 81 17.62 -24.82 19.22
C ILE A 81 18.31 -25.27 17.95
N SER A 82 18.48 -24.33 17.02
CA SER A 82 19.33 -24.56 15.85
C SER A 82 20.76 -24.25 16.31
N HIS A 83 21.52 -25.32 16.52
CA HIS A 83 22.77 -25.26 17.24
C HIS A 83 23.93 -25.29 16.27
N GLY A 84 24.65 -24.17 16.19
CA GLY A 84 25.67 -23.95 15.17
C GLY A 84 25.50 -22.55 14.60
N PRO A 85 26.06 -22.29 13.40
CA PRO A 85 25.97 -20.93 12.85
C PRO A 85 24.57 -20.53 12.40
N VAL A 86 24.43 -19.27 12.04
CA VAL A 86 23.11 -18.64 11.90
C VAL A 86 22.27 -19.07 10.70
N GLY A 87 22.90 -19.60 9.65
CA GLY A 87 22.20 -19.84 8.39
C GLY A 87 21.02 -20.78 8.51
N CYS A 88 21.24 -21.98 9.04
CA CYS A 88 20.25 -23.07 8.91
C CYS A 88 18.92 -22.74 9.57
N GLY A 89 18.99 -22.20 10.78
CA GLY A 89 17.80 -21.77 11.50
C GLY A 89 17.03 -20.65 10.83
N GLN A 90 17.74 -19.79 10.13
CA GLN A 90 17.13 -18.62 9.48
C GLN A 90 16.40 -19.03 8.19
N TYR A 91 17.05 -19.82 7.35
CA TYR A 91 16.42 -20.28 6.12
C TYR A 91 15.22 -21.18 6.37
N SER A 92 15.26 -21.92 7.47
CA SER A 92 14.16 -22.83 7.79
C SER A 92 13.14 -22.19 8.74
N ARG A 93 13.28 -20.91 9.03
CA ARG A 93 12.33 -20.27 9.95
C ARG A 93 10.98 -20.08 9.26
N ALA A 94 9.96 -20.80 9.73
CA ALA A 94 8.56 -20.62 9.27
C ALA A 94 8.35 -20.88 7.77
N GLY A 95 9.22 -21.68 7.18
CA GLY A 95 9.13 -22.04 5.77
C GLY A 95 8.17 -23.18 5.54
N ARG A 96 7.97 -24.02 6.55
CA ARG A 96 7.08 -25.16 6.45
C ARG A 96 5.83 -24.91 7.26
N ARG A 97 4.69 -25.15 6.63
CA ARG A 97 3.40 -24.75 7.17
C ARG A 97 2.81 -25.81 8.10
N ASN A 98 3.60 -26.17 9.12
CA ASN A 98 3.18 -27.18 10.10
C ASN A 98 2.32 -26.49 11.17
N TYR A 99 1.02 -26.48 10.95
CA TYR A 99 0.13 -25.60 11.69
C TYR A 99 -0.11 -26.04 13.12
N TYR A 100 -0.41 -25.07 13.98
CA TYR A 100 -0.62 -25.33 15.40
C TYR A 100 -1.50 -24.26 16.03
N ILE A 101 -2.10 -24.61 17.16
CA ILE A 101 -2.80 -23.68 18.04
C ILE A 101 -1.93 -23.40 19.26
N GLY A 102 -1.57 -22.13 19.46
CA GLY A 102 -0.86 -21.74 20.66
C GLY A 102 -0.63 -20.25 20.72
N THR A 103 0.05 -19.82 21.79
CA THR A 103 0.37 -18.41 22.01
C THR A 103 1.88 -18.26 21.80
N THR A 104 2.24 -17.80 20.62
CA THR A 104 3.62 -17.89 20.15
C THR A 104 4.53 -16.92 20.92
N GLY A 105 5.64 -17.46 21.44
CA GLY A 105 6.56 -16.70 22.29
C GLY A 105 6.24 -16.84 23.77
N VAL A 106 5.11 -17.49 24.10
CA VAL A 106 4.64 -17.64 25.47
C VAL A 106 4.53 -19.13 25.80
N ASN A 107 3.59 -19.85 25.19
CA ASN A 107 3.52 -21.28 25.43
C ASN A 107 3.84 -22.16 24.22
N ALA A 108 3.98 -21.54 23.05
CA ALA A 108 4.31 -22.27 21.82
C ALA A 108 5.36 -21.48 21.07
N PHE A 109 6.18 -22.17 20.29
CA PHE A 109 7.41 -21.56 19.77
C PHE A 109 7.77 -21.90 18.32
N VAL A 110 6.81 -22.43 17.56
CA VAL A 110 7.12 -23.13 16.31
C VAL A 110 7.72 -22.21 15.24
N THR A 111 7.16 -21.02 15.07
CA THR A 111 7.61 -20.09 14.02
C THR A 111 8.78 -19.18 14.42
N MET A 112 9.33 -19.41 15.63
CA MET A 112 10.49 -18.68 16.14
C MET A 112 11.77 -19.38 15.69
N ASN A 113 12.87 -18.63 15.65
CA ASN A 113 14.20 -19.18 15.37
C ASN A 113 15.09 -18.94 16.58
N PHE A 114 15.26 -19.98 17.40
CA PHE A 114 16.24 -19.99 18.50
C PHE A 114 17.53 -20.59 17.97
N THR A 115 18.66 -19.89 18.21
CA THR A 115 19.96 -20.31 17.69
C THR A 115 21.12 -19.94 18.62
N SER A 116 22.17 -20.75 18.59
CA SER A 116 23.41 -20.42 19.29
C SER A 116 24.37 -19.56 18.45
N ASP A 117 24.00 -19.20 17.22
CA ASP A 117 24.72 -18.24 16.37
C ASP A 117 26.24 -18.36 16.47
N PHE A 118 26.77 -19.54 16.13
CA PHE A 118 28.20 -19.83 16.30
C PHE A 118 29.07 -18.78 15.63
N GLN A 119 30.05 -18.30 16.40
CA GLN A 119 31.12 -17.47 15.89
C GLN A 119 32.42 -18.28 15.89
N GLU A 120 33.48 -17.66 15.36
CA GLU A 120 34.78 -18.31 15.29
C GLU A 120 35.22 -18.89 16.62
N LYS A 121 35.09 -18.14 17.71
CA LYS A 121 35.53 -18.67 19.01
C LYS A 121 34.79 -19.95 19.44
N ASP A 122 33.54 -20.10 18.99
CA ASP A 122 32.78 -21.31 19.24
C ASP A 122 33.29 -22.50 18.43
N ILE A 123 33.73 -22.26 17.20
CA ILE A 123 34.33 -23.31 16.35
C ILE A 123 35.69 -23.76 16.88
N VAL A 124 36.52 -22.80 17.28
CA VAL A 124 37.87 -23.06 17.76
C VAL A 124 37.86 -23.74 19.13
N PHE A 125 37.01 -23.30 20.04
CA PHE A 125 37.05 -23.80 21.42
C PHE A 125 35.89 -24.66 21.88
N GLY A 126 34.88 -24.82 21.03
CA GLY A 126 33.70 -25.64 21.33
C GLY A 126 32.54 -24.79 21.79
N GLY A 127 31.33 -25.30 21.56
CA GLY A 127 30.08 -24.63 21.90
C GLY A 127 29.33 -25.17 23.10
N ASP A 128 29.92 -26.13 23.83
CA ASP A 128 29.20 -26.75 24.97
C ASP A 128 28.92 -25.79 26.11
N LYS A 129 29.87 -24.90 26.41
CA LYS A 129 29.66 -23.88 27.45
C LYS A 129 28.59 -22.89 27.02
N LYS A 130 28.64 -22.50 25.75
CA LYS A 130 27.63 -21.61 25.19
C LYS A 130 26.25 -22.26 25.23
N LEU A 131 26.17 -23.55 24.90
CA LEU A 131 24.89 -24.26 24.95
C LEU A 131 24.31 -24.31 26.37
N ALA A 132 25.15 -24.55 27.39
CA ALA A 132 24.70 -24.55 28.77
C ALA A 132 24.15 -23.18 29.19
N LYS A 133 24.88 -22.12 28.86
CA LYS A 133 24.46 -20.74 29.13
C LYS A 133 23.17 -20.42 28.37
N LEU A 134 23.09 -20.87 27.11
CA LEU A 134 21.91 -20.66 26.28
C LEU A 134 20.66 -21.28 26.91
N ILE A 135 20.80 -22.50 27.44
CA ILE A 135 19.69 -23.20 28.12
C ILE A 135 19.15 -22.39 29.31
N ASP A 136 20.05 -21.87 30.15
CA ASP A 136 19.62 -21.03 31.28
C ASP A 136 18.87 -19.78 30.79
N GLU A 137 19.35 -19.18 29.71
CA GLU A 137 18.71 -17.99 29.14
C GLU A 137 17.34 -18.30 28.56
N VAL A 138 17.18 -19.48 27.96
CA VAL A 138 15.89 -19.97 27.52
C VAL A 138 14.92 -20.12 28.68
N GLU A 139 15.38 -20.74 29.77
CA GLU A 139 14.52 -20.94 30.95
C GLU A 139 14.05 -19.63 31.58
N THR A 140 14.94 -18.65 31.63
CA THR A 140 14.59 -17.35 32.17
C THR A 140 13.54 -16.64 31.31
N LEU A 141 13.77 -16.63 30.00
CA LEU A 141 12.96 -15.80 29.09
C LEU A 141 11.73 -16.48 28.54
N PHE A 142 11.68 -17.82 28.62
CA PHE A 142 10.58 -18.60 28.10
C PHE A 142 10.17 -19.66 29.12
N PRO A 143 9.70 -19.22 30.29
CA PRO A 143 9.47 -20.15 31.43
C PRO A 143 8.38 -21.21 31.19
N LEU A 144 7.44 -20.97 30.27
CA LEU A 144 6.40 -21.96 29.98
C LEU A 144 6.79 -23.03 28.97
N ASN A 145 8.03 -23.01 28.46
CA ASN A 145 8.47 -24.11 27.58
C ASN A 145 8.44 -25.43 28.35
N LYS A 146 8.04 -26.50 27.67
CA LYS A 146 7.84 -27.80 28.33
C LYS A 146 8.94 -28.81 27.95
N GLY A 147 9.99 -28.31 27.31
CA GLY A 147 11.15 -29.10 26.92
C GLY A 147 11.94 -28.39 25.84
N ILE A 148 13.17 -28.85 25.66
CA ILE A 148 14.13 -28.24 24.76
C ILE A 148 14.74 -29.32 23.88
N SER A 149 14.85 -29.07 22.57
CA SER A 149 15.68 -29.94 21.71
C SER A 149 16.86 -29.16 21.20
N VAL A 150 17.95 -29.89 20.93
CA VAL A 150 19.19 -29.32 20.43
C VAL A 150 19.44 -29.94 19.06
N GLN A 151 19.19 -29.14 18.01
CA GLN A 151 19.24 -29.63 16.63
C GLN A 151 20.62 -29.28 16.08
N SER A 152 21.47 -30.29 15.96
CA SER A 152 22.84 -30.06 15.57
C SER A 152 22.99 -29.72 14.10
N GLU A 153 23.74 -28.66 13.84
CA GLU A 153 24.13 -28.27 12.50
C GLU A 153 25.56 -28.76 12.23
N CYS A 154 25.98 -28.70 10.97
CA CYS A 154 27.24 -29.30 10.48
C CYS A 154 28.44 -29.24 11.43
N PRO A 155 28.78 -28.05 11.96
CA PRO A 155 30.01 -27.99 12.75
C PRO A 155 30.05 -28.78 14.07
N ILE A 156 28.90 -29.09 14.68
CA ILE A 156 28.87 -29.66 16.04
C ILE A 156 29.72 -30.95 16.17
N GLY A 157 29.39 -31.96 15.38
CA GLY A 157 30.15 -33.20 15.40
C GLY A 157 31.55 -33.05 14.86
N LEU A 158 31.71 -32.18 13.86
CA LEU A 158 33.02 -31.99 13.25
C LEU A 158 34.04 -31.47 14.25
N ILE A 159 33.61 -30.57 15.14
CA ILE A 159 34.53 -30.00 16.15
C ILE A 159 34.63 -30.81 17.44
N GLY A 160 33.87 -31.90 17.57
CA GLY A 160 33.97 -32.77 18.73
C GLY A 160 33.24 -32.31 19.98
N ASP A 161 32.18 -31.51 19.81
CA ASP A 161 31.34 -31.10 20.95
C ASP A 161 30.58 -32.29 21.51
N ASP A 162 30.17 -32.18 22.76
CA ASP A 162 29.44 -33.24 23.47
C ASP A 162 28.09 -32.71 23.96
N ILE A 163 27.15 -32.57 23.04
CA ILE A 163 25.81 -32.06 23.39
C ILE A 163 25.02 -33.04 24.28
N GLU A 164 25.39 -34.32 24.24
CA GLU A 164 24.73 -35.33 25.06
C GLU A 164 25.01 -35.08 26.54
N SER A 165 26.27 -34.80 26.85
CA SER A 165 26.66 -34.46 28.22
C SER A 165 25.94 -33.21 28.72
N VAL A 166 25.97 -32.17 27.89
CA VAL A 166 25.29 -30.92 28.24
C VAL A 166 23.80 -31.17 28.49
N SER A 167 23.16 -31.96 27.62
CA SER A 167 21.73 -32.26 27.76
C SER A 167 21.42 -33.01 29.05
N LYS A 168 22.20 -34.06 29.34
CA LYS A 168 22.03 -34.83 30.58
C LYS A 168 22.23 -33.97 31.83
N VAL A 169 23.32 -33.21 31.87
CA VAL A 169 23.68 -32.42 33.05
C VAL A 169 22.65 -31.31 33.29
N LYS A 170 22.37 -30.52 32.25
CA LYS A 170 21.41 -29.43 32.35
C LYS A 170 20.00 -29.95 32.55
N GLY A 171 19.67 -31.09 31.93
CA GLY A 171 18.36 -31.71 32.13
C GLY A 171 18.11 -32.13 33.56
N ALA A 172 19.11 -32.73 34.20
CA ALA A 172 19.00 -33.15 35.59
C ALA A 172 18.94 -31.93 36.53
N GLU A 173 19.80 -30.94 36.27
CA GLU A 173 19.84 -29.69 37.04
C GLU A 173 18.48 -28.97 37.07
N LEU A 174 17.84 -28.89 35.91
CA LEU A 174 16.60 -28.15 35.72
C LEU A 174 15.32 -28.99 35.79
N SER A 175 15.44 -30.31 35.99
CA SER A 175 14.30 -31.23 35.92
C SER A 175 13.49 -30.99 34.64
N LYS A 176 14.22 -31.03 33.52
CA LYS A 176 13.73 -30.62 32.21
C LYS A 176 14.14 -31.67 31.18
N THR A 177 13.24 -31.99 30.26
CA THR A 177 13.57 -32.81 29.11
C THR A 177 14.35 -31.95 28.12
N ILE A 178 15.62 -32.28 27.95
CA ILE A 178 16.48 -31.61 26.97
C ILE A 178 17.01 -32.71 26.05
N VAL A 179 16.71 -32.62 24.75
CA VAL A 179 16.95 -33.71 23.82
C VAL A 179 18.10 -33.36 22.87
N PRO A 180 19.25 -34.08 22.94
CA PRO A 180 20.32 -33.85 21.97
C PRO A 180 20.04 -34.59 20.67
N VAL A 181 20.04 -33.88 19.54
CA VAL A 181 19.77 -34.50 18.26
C VAL A 181 20.97 -34.30 17.34
N ARG A 182 21.61 -35.41 16.98
CA ARG A 182 22.79 -35.40 16.13
C ARG A 182 22.41 -35.46 14.67
N CYS A 183 21.74 -34.39 14.21
CA CYS A 183 21.22 -34.33 12.85
C CYS A 183 22.06 -33.45 11.92
N GLU A 184 23.36 -33.40 12.16
CA GLU A 184 24.26 -32.57 11.35
C GLU A 184 24.10 -32.91 9.86
N GLY A 185 24.10 -31.88 9.01
CA GLY A 185 23.84 -32.05 7.59
C GLY A 185 24.85 -32.87 6.82
N PHE A 186 26.04 -33.07 7.38
CA PHE A 186 27.02 -33.96 6.77
C PHE A 186 26.63 -35.44 6.86
N ARG A 187 25.67 -35.76 7.73
CA ARG A 187 25.26 -37.16 7.95
C ARG A 187 24.26 -37.61 6.88
N GLY A 188 24.37 -38.87 6.45
CA GLY A 188 23.47 -39.40 5.41
C GLY A 188 23.65 -38.70 4.07
N VAL A 189 22.57 -38.65 3.29
CA VAL A 189 22.61 -38.13 1.93
C VAL A 189 21.47 -37.18 1.56
N SER A 190 20.59 -36.88 2.52
CA SER A 190 19.32 -36.21 2.24
C SER A 190 18.60 -35.97 3.56
N GLN A 191 17.35 -35.53 3.48
CA GLN A 191 16.46 -35.39 4.63
C GLN A 191 16.22 -36.70 5.37
N SER A 192 16.28 -37.81 4.63
CA SER A 192 15.87 -39.10 5.15
C SER A 192 16.56 -39.52 6.44
N LEU A 193 17.89 -39.48 6.49
CA LEU A 193 18.59 -39.90 7.71
C LEU A 193 18.22 -39.00 8.90
N GLY A 194 17.90 -37.74 8.63
CA GLY A 194 17.36 -36.85 9.64
C GLY A 194 16.10 -37.36 10.31
N HIS A 195 15.18 -37.96 9.54
CA HIS A 195 13.99 -38.62 10.11
C HIS A 195 14.39 -39.69 11.11
N HIS A 196 15.30 -40.55 10.68
CA HIS A 196 15.69 -41.73 11.48
C HIS A 196 16.39 -41.27 12.78
N ILE A 197 17.34 -40.36 12.63
CA ILE A 197 18.02 -39.74 13.77
C ILE A 197 16.99 -39.13 14.74
N ALA A 198 16.05 -38.39 14.18
CA ALA A 198 14.99 -37.74 14.97
C ALA A 198 14.09 -38.73 15.69
N ASN A 199 13.69 -39.80 15.00
CA ASN A 199 12.86 -40.86 15.63
C ASN A 199 13.61 -41.48 16.81
N ASP A 200 14.89 -41.80 16.60
CA ASP A 200 15.72 -42.43 17.65
C ASP A 200 15.90 -41.50 18.86
N ALA A 201 15.99 -40.19 18.62
CA ALA A 201 16.05 -39.20 19.71
C ALA A 201 14.75 -39.13 20.50
N VAL A 202 13.60 -39.21 19.81
CA VAL A 202 12.30 -39.31 20.51
C VAL A 202 12.28 -40.56 21.39
N ARG A 203 12.62 -41.70 20.79
CA ARG A 203 12.72 -42.95 21.54
C ARG A 203 13.58 -42.85 22.79
N ASP A 204 14.78 -42.30 22.63
CA ASP A 204 15.80 -42.36 23.68
C ASP A 204 15.59 -41.33 24.79
N TRP A 205 14.94 -40.20 24.48
CA TRP A 205 14.87 -39.08 25.42
C TRP A 205 13.49 -38.63 25.84
N VAL A 206 12.44 -39.03 25.11
CA VAL A 206 11.08 -38.58 25.39
C VAL A 206 10.09 -39.69 25.64
N LEU A 207 10.06 -40.67 24.74
CA LEU A 207 8.93 -41.60 24.64
C LEU A 207 8.71 -42.50 25.84
N GLY A 208 9.78 -42.80 26.58
CA GLY A 208 9.70 -43.66 27.75
C GLY A 208 9.35 -42.99 29.06
N LYS A 209 9.14 -41.67 29.07
CA LYS A 209 8.92 -40.97 30.35
C LYS A 209 7.81 -41.53 31.22
N ARG A 210 6.71 -41.95 30.61
CA ARG A 210 5.55 -42.42 31.37
C ARG A 210 5.42 -43.95 31.39
N ASP A 211 6.51 -44.67 31.14
CA ASP A 211 6.49 -46.15 31.15
C ASP A 211 5.95 -46.78 32.45
N GLU A 212 6.20 -46.15 33.59
CA GLU A 212 5.72 -46.68 34.90
C GLU A 212 4.46 -46.00 35.42
N ASP A 213 3.85 -45.13 34.62
CA ASP A 213 2.70 -44.34 35.06
C ASP A 213 1.42 -45.04 34.58
N THR A 214 0.52 -45.33 35.53
CA THR A 214 -0.75 -46.04 35.27
C THR A 214 -1.99 -45.15 35.43
N THR A 215 -1.82 -43.83 35.32
CA THR A 215 -2.92 -42.90 35.61
C THR A 215 -3.78 -42.54 34.39
N PHE A 216 -3.33 -42.89 33.18
CA PHE A 216 -4.06 -42.50 31.99
C PHE A 216 -5.31 -43.37 31.83
N ALA A 217 -6.45 -42.69 31.69
CA ALA A 217 -7.75 -43.36 31.52
C ALA A 217 -7.88 -43.77 30.06
N SER A 218 -7.46 -45.00 29.77
CA SER A 218 -7.46 -45.55 28.43
C SER A 218 -8.86 -46.03 28.02
N THR A 219 -9.10 -46.09 26.70
CA THR A 219 -10.33 -46.63 26.14
C THR A 219 -9.95 -47.58 25.00
N PRO A 220 -10.89 -48.45 24.58
CA PRO A 220 -10.59 -49.34 23.46
C PRO A 220 -10.38 -48.66 22.10
N TYR A 221 -10.73 -47.38 21.99
CA TYR A 221 -10.73 -46.67 20.70
C TYR A 221 -9.62 -45.62 20.59
N ASP A 222 -8.59 -45.75 21.42
CA ASP A 222 -7.49 -44.79 21.44
C ASP A 222 -6.51 -45.06 20.31
N VAL A 223 -6.28 -44.04 19.48
CA VAL A 223 -5.31 -44.09 18.40
C VAL A 223 -4.36 -42.91 18.45
N ALA A 224 -3.28 -43.02 17.68
CA ALA A 224 -2.42 -41.87 17.40
C ALA A 224 -2.23 -41.73 15.90
N ILE A 225 -2.26 -40.49 15.43
CA ILE A 225 -1.90 -40.13 14.06
C ILE A 225 -0.38 -39.97 14.02
N ILE A 226 0.28 -40.86 13.28
CA ILE A 226 1.75 -40.88 13.19
C ILE A 226 2.17 -40.47 11.79
N GLY A 227 2.97 -39.41 11.71
CA GLY A 227 3.50 -38.94 10.44
C GLY A 227 2.55 -38.07 9.65
N ASP A 228 1.89 -37.12 10.34
CA ASP A 228 1.13 -36.04 9.69
C ASP A 228 1.57 -34.75 10.35
N TYR A 229 2.14 -33.87 9.54
CA TYR A 229 2.76 -32.67 10.07
C TYR A 229 1.85 -31.47 9.93
N ASN A 230 0.57 -31.74 9.65
CA ASN A 230 -0.49 -30.74 9.68
C ASN A 230 -0.26 -29.57 8.74
N ILE A 231 0.19 -29.86 7.52
CA ILE A 231 0.48 -28.84 6.54
C ILE A 231 -0.84 -28.16 6.14
N GLY A 232 -0.96 -26.87 6.44
CA GLY A 232 -2.17 -26.13 6.20
C GLY A 232 -3.40 -26.69 6.92
N GLY A 233 -3.17 -27.42 8.01
CA GLY A 233 -4.23 -28.04 8.78
C GLY A 233 -4.62 -29.46 8.41
N ASP A 234 -3.78 -30.12 7.61
CA ASP A 234 -4.03 -31.50 7.14
C ASP A 234 -4.38 -32.50 8.23
N ALA A 235 -3.73 -32.40 9.38
CA ALA A 235 -3.95 -33.35 10.47
C ALA A 235 -5.29 -33.10 11.16
N TRP A 236 -5.69 -31.83 11.20
CA TRP A 236 -6.99 -31.50 11.77
C TRP A 236 -8.16 -32.00 10.93
N SER A 237 -8.06 -31.88 9.60
CA SER A 237 -9.10 -32.37 8.69
C SER A 237 -9.07 -33.90 8.53
N SER A 238 -8.07 -34.56 9.12
CA SER A 238 -8.01 -36.04 9.23
C SER A 238 -8.57 -36.48 10.59
N ARG A 239 -8.08 -35.83 11.64
CA ARG A 239 -8.54 -36.04 13.02
C ARG A 239 -10.06 -35.98 13.14
N ILE A 240 -10.67 -34.99 12.51
CA ILE A 240 -12.11 -34.82 12.62
C ILE A 240 -12.85 -36.09 12.17
N LEU A 241 -12.38 -36.73 11.11
CA LEU A 241 -13.03 -37.92 10.56
C LEU A 241 -12.83 -39.13 11.48
N LEU A 242 -11.63 -39.28 12.01
CA LEU A 242 -11.33 -40.38 12.92
C LEU A 242 -12.20 -40.31 14.16
N GLU A 243 -12.41 -39.10 14.68
CA GLU A 243 -13.24 -38.93 15.87
C GLU A 243 -14.75 -38.98 15.60
N GLU A 244 -15.20 -38.54 14.41
CA GLU A 244 -16.60 -38.80 14.01
C GLU A 244 -16.88 -40.32 13.87
N MET A 245 -15.85 -41.09 13.52
CA MET A 245 -15.94 -42.54 13.44
C MET A 245 -15.91 -43.21 14.84
N GLY A 246 -15.75 -42.44 15.91
CA GLY A 246 -15.82 -42.95 17.28
C GLY A 246 -14.47 -43.23 17.92
N LEU A 247 -13.39 -42.92 17.21
CA LEU A 247 -12.05 -43.11 17.78
C LEU A 247 -11.64 -41.90 18.62
N ARG A 248 -10.63 -42.09 19.47
CA ARG A 248 -10.09 -41.01 20.29
C ARG A 248 -8.63 -40.79 19.94
N CYS A 249 -8.34 -39.65 19.30
N CYS A 249 -8.34 -39.65 19.30
CA CYS A 249 -6.98 -39.35 18.84
CA CYS A 249 -6.99 -39.38 18.82
C CYS A 249 -6.13 -38.77 19.96
C CYS A 249 -6.13 -38.79 19.95
N VAL A 250 -5.37 -39.65 20.61
CA VAL A 250 -4.57 -39.28 21.77
C VAL A 250 -3.37 -38.41 21.40
N ALA A 251 -2.82 -38.59 20.19
CA ALA A 251 -1.63 -37.88 19.75
C ALA A 251 -1.58 -37.65 18.24
N GLN A 252 -0.91 -36.56 17.84
CA GLN A 252 -0.55 -36.26 16.43
C GLN A 252 0.95 -36.08 16.34
N TRP A 253 1.62 -36.92 15.57
CA TRP A 253 3.07 -36.81 15.39
C TRP A 253 3.39 -36.24 14.03
N SER A 254 3.90 -35.01 13.92
CA SER A 254 4.06 -34.05 15.01
C SER A 254 3.37 -32.71 14.74
N GLY A 255 2.52 -32.64 13.70
CA GLY A 255 1.80 -31.42 13.39
C GLY A 255 0.81 -31.07 14.48
N ASP A 256 0.93 -29.85 15.01
CA ASP A 256 0.18 -29.39 16.19
C ASP A 256 0.44 -30.25 17.42
N GLY A 257 1.58 -30.92 17.43
CA GLY A 257 1.89 -31.91 18.47
C GLY A 257 2.42 -31.23 19.72
N SER A 258 2.07 -31.79 20.88
CA SER A 258 2.61 -31.41 22.18
C SER A 258 3.50 -32.52 22.72
N ILE A 259 4.41 -32.14 23.61
CA ILE A 259 5.27 -33.15 24.25
C ILE A 259 4.45 -34.16 25.05
N SER A 260 3.40 -33.72 25.74
CA SER A 260 2.61 -34.66 26.54
C SER A 260 1.92 -35.70 25.64
N GLU A 261 1.40 -35.30 24.48
CA GLU A 261 0.72 -36.28 23.66
C GLU A 261 1.72 -37.30 23.06
N ILE A 262 2.97 -36.88 22.83
CA ILE A 262 4.04 -37.82 22.46
C ILE A 262 4.27 -38.82 23.61
N GLU A 263 4.38 -38.31 24.83
CA GLU A 263 4.59 -39.16 26.01
C GLU A 263 3.42 -40.10 26.33
N LEU A 264 2.20 -39.73 25.91
CA LEU A 264 1.02 -40.56 26.09
C LEU A 264 0.82 -41.60 24.98
N THR A 265 1.59 -41.49 23.90
CA THR A 265 1.39 -42.36 22.73
C THR A 265 1.54 -43.85 23.04
N PRO A 266 2.50 -44.23 23.93
CA PRO A 266 2.57 -45.66 24.27
C PRO A 266 1.32 -46.26 24.92
N LYS A 267 0.36 -45.43 25.32
CA LYS A 267 -0.88 -45.90 25.92
C LYS A 267 -1.99 -46.22 24.89
N VAL A 268 -1.75 -45.97 23.59
CA VAL A 268 -2.83 -46.15 22.58
C VAL A 268 -2.97 -47.60 22.13
N LYS A 269 -4.06 -47.86 21.42
CA LYS A 269 -4.34 -49.20 20.90
C LYS A 269 -3.81 -49.44 19.50
N LEU A 270 -3.62 -48.36 18.73
CA LEU A 270 -3.24 -48.49 17.33
C LEU A 270 -2.58 -47.22 16.82
N ASN A 271 -1.45 -47.38 16.14
CA ASN A 271 -0.74 -46.28 15.49
C ASN A 271 -1.12 -46.22 14.02
N LEU A 272 -1.64 -45.07 13.60
CA LEU A 272 -2.08 -44.86 12.23
C LEU A 272 -1.00 -44.07 11.53
N VAL A 273 -0.29 -44.72 10.61
CA VAL A 273 0.88 -44.14 9.95
C VAL A 273 0.49 -43.56 8.60
N HIS A 274 0.60 -42.24 8.47
CA HIS A 274 0.41 -41.60 7.17
C HIS A 274 1.76 -41.56 6.46
N CYS A 275 2.69 -40.71 6.92
CA CYS A 275 4.03 -40.73 6.36
C CYS A 275 4.86 -41.93 6.88
N TYR A 276 4.82 -43.01 6.10
CA TYR A 276 5.67 -44.17 6.30
C TYR A 276 7.18 -43.82 6.36
N ARG A 277 7.67 -43.04 5.39
CA ARG A 277 9.10 -42.77 5.26
C ARG A 277 9.68 -42.18 6.54
N SER A 278 9.00 -41.17 7.07
CA SER A 278 9.56 -40.41 8.21
C SER A 278 9.36 -41.05 9.57
N MET A 279 8.32 -41.88 9.70
N MET A 279 8.31 -41.86 9.73
CA MET A 279 7.88 -42.39 10.99
CA MET A 279 7.98 -42.40 11.06
C MET A 279 7.75 -43.90 11.16
C MET A 279 7.72 -43.90 11.16
N ASN A 280 8.11 -44.68 10.14
CA ASN A 280 8.07 -46.13 10.27
C ASN A 280 9.02 -46.60 11.40
N TYR A 281 10.09 -45.85 11.62
CA TYR A 281 11.11 -46.23 12.63
C TYR A 281 10.51 -46.30 14.03
N ILE A 282 9.88 -45.20 14.47
CA ILE A 282 9.30 -45.19 15.80
C ILE A 282 8.07 -46.12 15.92
N SER A 283 7.33 -46.29 14.81
CA SER A 283 6.18 -47.19 14.78
C SER A 283 6.61 -48.64 15.01
N ARG A 284 7.70 -49.06 14.37
CA ARG A 284 8.27 -50.39 14.61
C ARG A 284 8.74 -50.52 16.06
N HIS A 285 9.41 -49.48 16.57
CA HIS A 285 9.85 -49.48 17.96
C HIS A 285 8.68 -49.68 18.91
N MET A 286 7.58 -48.97 18.67
CA MET A 286 6.43 -49.07 19.56
C MET A 286 5.73 -50.42 19.53
N GLU A 287 5.73 -51.06 18.36
CA GLU A 287 5.25 -52.44 18.28
C GLU A 287 6.16 -53.37 19.09
N GLU A 288 7.49 -53.21 18.93
CA GLU A 288 8.47 -54.08 19.61
C GLU A 288 8.37 -53.93 21.14
N LYS A 289 8.42 -52.69 21.63
CA LYS A 289 8.46 -52.43 23.07
C LYS A 289 7.10 -52.52 23.77
N TYR A 290 6.07 -51.91 23.17
CA TYR A 290 4.75 -51.77 23.81
C TYR A 290 3.66 -52.69 23.26
N GLY A 291 3.95 -53.42 22.18
CA GLY A 291 2.96 -54.27 21.53
C GLY A 291 1.88 -53.55 20.75
N ILE A 292 2.10 -52.27 20.43
CA ILE A 292 1.09 -51.49 19.71
C ILE A 292 1.22 -51.77 18.21
N PRO A 293 0.15 -52.31 17.57
CA PRO A 293 0.19 -52.47 16.11
C PRO A 293 0.14 -51.15 15.36
N TRP A 294 0.66 -51.15 14.14
CA TRP A 294 0.59 -49.97 13.29
C TRP A 294 0.11 -50.36 11.91
N MET A 295 -0.47 -49.39 11.21
CA MET A 295 -0.96 -49.59 9.85
C MET A 295 -0.82 -48.33 9.02
N GLU A 296 -0.47 -48.51 7.75
CA GLU A 296 -0.37 -47.41 6.80
C GLU A 296 -1.75 -47.03 6.32
N TYR A 297 -1.99 -45.73 6.15
CA TYR A 297 -3.25 -45.28 5.55
C TYR A 297 -2.99 -44.08 4.62
N ASN A 298 -4.05 -43.64 3.94
CA ASN A 298 -3.99 -42.58 2.95
C ASN A 298 -5.32 -41.81 2.97
N PHE A 299 -5.22 -40.51 3.25
CA PHE A 299 -6.35 -39.61 3.34
C PHE A 299 -6.33 -38.58 2.20
N PHE A 300 -5.73 -38.94 1.07
CA PHE A 300 -5.76 -38.07 -0.13
C PHE A 300 -6.88 -38.49 -1.07
N GLY A 301 -7.94 -37.69 -1.14
CA GLY A 301 -9.07 -37.93 -2.03
C GLY A 301 -10.11 -38.87 -1.43
N PRO A 302 -11.33 -38.87 -1.99
CA PRO A 302 -12.40 -39.69 -1.39
C PRO A 302 -12.18 -41.21 -1.48
N THR A 303 -11.66 -41.69 -2.61
CA THR A 303 -11.48 -43.14 -2.78
C THR A 303 -10.53 -43.69 -1.71
N LYS A 304 -9.36 -43.08 -1.57
CA LYS A 304 -8.38 -43.50 -0.55
C LYS A 304 -8.88 -43.26 0.87
N THR A 305 -9.50 -42.12 1.13
CA THR A 305 -10.02 -41.80 2.47
C THR A 305 -11.08 -42.83 2.92
N ILE A 306 -12.01 -43.16 2.04
CA ILE A 306 -13.05 -44.18 2.31
C ILE A 306 -12.43 -45.55 2.59
N GLU A 307 -11.50 -45.96 1.73
N GLU A 307 -11.51 -45.95 1.73
CA GLU A 307 -10.77 -47.21 1.91
CA GLU A 307 -10.79 -47.19 1.89
C GLU A 307 -10.05 -47.23 3.26
C GLU A 307 -10.04 -47.24 3.24
N SER A 308 -9.37 -46.13 3.59
CA SER A 308 -8.65 -46.02 4.87
C SER A 308 -9.57 -46.06 6.09
N LEU A 309 -10.65 -45.28 6.05
CA LEU A 309 -11.62 -45.31 7.15
C LEU A 309 -12.13 -46.73 7.41
N ARG A 310 -12.51 -47.43 6.34
CA ARG A 310 -12.99 -48.81 6.47
C ARG A 310 -11.93 -49.78 7.01
N ALA A 311 -10.70 -49.65 6.54
CA ALA A 311 -9.62 -50.53 7.00
C ALA A 311 -9.28 -50.28 8.47
N ILE A 312 -9.31 -49.02 8.89
CA ILE A 312 -9.07 -48.63 10.26
C ILE A 312 -10.21 -49.14 11.17
N ALA A 313 -11.46 -48.90 10.75
CA ALA A 313 -12.61 -49.35 11.54
C ALA A 313 -12.61 -50.86 11.75
N ALA A 314 -12.12 -51.59 10.75
CA ALA A 314 -12.08 -53.06 10.80
C ALA A 314 -11.19 -53.59 11.94
N LYS A 315 -10.29 -52.75 12.43
CA LYS A 315 -9.44 -53.09 13.58
C LYS A 315 -10.16 -53.03 14.93
N PHE A 316 -11.37 -52.47 14.95
CA PHE A 316 -12.15 -52.27 16.19
C PHE A 316 -13.44 -53.09 16.10
N ASP A 317 -14.46 -52.73 16.85
CA ASP A 317 -15.68 -53.52 16.95
C ASP A 317 -16.77 -53.02 15.99
N GLU A 318 -17.92 -53.69 16.03
CA GLU A 318 -19.08 -53.33 15.20
C GLU A 318 -19.55 -51.88 15.39
N SER A 319 -19.45 -51.34 16.60
CA SER A 319 -19.86 -49.94 16.85
C SER A 319 -19.04 -48.95 16.02
N ILE A 320 -17.75 -49.21 15.87
CA ILE A 320 -16.89 -48.34 15.06
C ILE A 320 -17.12 -48.53 13.55
N GLN A 321 -17.35 -49.77 13.13
CA GLN A 321 -17.68 -50.05 11.73
C GLN A 321 -19.03 -49.41 11.34
N LYS A 322 -19.99 -49.38 12.26
CA LYS A 322 -21.27 -48.66 12.04
C LYS A 322 -21.05 -47.16 11.86
N LYS A 323 -20.30 -46.55 12.79
CA LYS A 323 -19.96 -45.13 12.69
C LYS A 323 -19.16 -44.81 11.42
N CYS A 324 -18.26 -45.72 11.03
CA CYS A 324 -17.53 -45.58 9.76
C CYS A 324 -18.49 -45.35 8.59
N GLU A 325 -19.50 -46.21 8.48
CA GLU A 325 -20.45 -46.10 7.36
C GLU A 325 -21.32 -44.84 7.48
N GLU A 326 -21.60 -44.40 8.71
CA GLU A 326 -22.29 -43.11 8.93
C GLU A 326 -21.47 -41.92 8.43
N VAL A 327 -20.17 -41.93 8.75
CA VAL A 327 -19.25 -40.88 8.32
C VAL A 327 -19.19 -40.87 6.80
N ILE A 328 -19.00 -42.05 6.21
CA ILE A 328 -18.93 -42.18 4.75
C ILE A 328 -20.22 -41.62 4.09
N ALA A 329 -21.37 -41.97 4.65
CA ALA A 329 -22.66 -41.46 4.15
C ALA A 329 -22.81 -39.94 4.31
N LYS A 330 -22.37 -39.40 5.44
CA LYS A 330 -22.41 -37.96 5.67
C LYS A 330 -21.67 -37.18 4.58
N TYR A 331 -20.43 -37.57 4.30
CA TYR A 331 -19.59 -36.82 3.37
C TYR A 331 -19.83 -37.15 1.90
N LYS A 332 -20.51 -38.26 1.61
CA LYS A 332 -20.81 -38.67 0.23
C LYS A 332 -21.31 -37.52 -0.65
N PRO A 333 -22.39 -36.81 -0.22
CA PRO A 333 -22.86 -35.69 -1.08
C PRO A 333 -21.87 -34.54 -1.25
N GLU A 334 -21.01 -34.34 -0.25
CA GLU A 334 -20.02 -33.25 -0.28
C GLU A 334 -18.93 -33.53 -1.33
N TRP A 335 -18.25 -34.68 -1.24
CA TRP A 335 -17.23 -34.97 -2.24
C TRP A 335 -17.83 -35.26 -3.63
N GLU A 336 -19.04 -35.79 -3.69
CA GLU A 336 -19.69 -36.02 -4.99
C GLU A 336 -19.93 -34.67 -5.68
N ALA A 337 -20.35 -33.66 -4.91
CA ALA A 337 -20.49 -32.30 -5.44
C ALA A 337 -19.16 -31.72 -5.95
N VAL A 338 -18.06 -31.99 -5.24
CA VAL A 338 -16.72 -31.57 -5.70
C VAL A 338 -16.37 -32.24 -7.02
N VAL A 339 -16.55 -33.55 -7.09
CA VAL A 339 -16.26 -34.29 -8.33
C VAL A 339 -17.14 -33.76 -9.49
N ALA A 340 -18.44 -33.56 -9.24
CA ALA A 340 -19.34 -33.08 -10.29
C ALA A 340 -18.96 -31.71 -10.83
N LYS A 341 -18.48 -30.83 -9.96
CA LYS A 341 -18.06 -29.50 -10.40
C LYS A 341 -16.71 -29.53 -11.13
N TYR A 342 -15.71 -30.19 -10.55
CA TYR A 342 -14.33 -30.08 -11.00
C TYR A 342 -13.82 -31.18 -11.95
N ARG A 343 -14.33 -32.41 -11.83
CA ARG A 343 -13.83 -33.47 -12.71
C ARG A 343 -14.04 -33.12 -14.21
N PRO A 344 -15.21 -32.58 -14.61
CA PRO A 344 -15.34 -32.17 -16.02
C PRO A 344 -14.33 -31.11 -16.50
N ARG A 345 -13.84 -30.29 -15.59
N ARG A 345 -13.85 -30.28 -15.58
CA ARG A 345 -12.85 -29.28 -15.88
CA ARG A 345 -12.85 -29.27 -15.86
C ARG A 345 -11.42 -29.82 -15.92
C ARG A 345 -11.43 -29.85 -15.97
N LEU A 346 -11.21 -31.04 -15.40
CA LEU A 346 -9.87 -31.63 -15.29
C LEU A 346 -9.68 -32.98 -15.98
N GLU A 347 -10.78 -33.59 -16.44
CA GLU A 347 -10.77 -34.94 -17.02
C GLU A 347 -9.73 -35.10 -18.13
N GLY A 348 -8.88 -36.12 -18.03
CA GLY A 348 -7.89 -36.41 -19.05
C GLY A 348 -6.59 -35.63 -18.94
N LYS A 349 -6.52 -34.64 -18.05
CA LYS A 349 -5.31 -33.83 -17.93
C LYS A 349 -4.20 -34.64 -17.26
N ARG A 350 -2.98 -34.37 -17.68
N ARG A 350 -2.98 -34.37 -17.68
CA ARG A 350 -1.80 -35.15 -17.32
CA ARG A 350 -1.81 -35.14 -17.30
C ARG A 350 -0.89 -34.37 -16.38
C ARG A 350 -0.90 -34.37 -16.37
N VAL A 351 -0.45 -35.04 -15.32
N VAL A 351 -0.48 -35.01 -15.27
CA VAL A 351 0.37 -34.41 -14.29
CA VAL A 351 0.34 -34.36 -14.26
C VAL A 351 1.71 -35.12 -14.13
C VAL A 351 1.68 -35.11 -14.07
N MET A 352 2.75 -34.34 -13.84
CA MET A 352 4.03 -34.90 -13.41
C MET A 352 4.28 -34.38 -12.01
N LEU A 353 4.69 -35.27 -11.11
CA LEU A 353 5.00 -34.93 -9.73
C LEU A 353 6.48 -35.10 -9.42
N TYR A 354 6.98 -34.29 -8.49
CA TYR A 354 8.28 -34.53 -7.87
C TYR A 354 8.26 -33.95 -6.48
N ILE A 355 8.34 -34.82 -5.48
CA ILE A 355 8.22 -34.41 -4.08
C ILE A 355 9.23 -35.24 -3.24
N GLY A 356 8.98 -35.48 -1.95
CA GLY A 356 10.05 -35.91 -1.02
C GLY A 356 10.16 -37.40 -0.81
N GLY A 357 9.22 -37.94 -0.03
CA GLY A 357 9.24 -39.35 0.38
C GLY A 357 7.89 -40.06 0.55
N LEU A 358 6.78 -39.35 0.32
CA LEU A 358 5.44 -39.95 0.49
C LEU A 358 4.48 -39.50 -0.61
N ARG A 359 4.31 -38.19 -0.71
CA ARG A 359 3.30 -37.59 -1.59
C ARG A 359 3.40 -37.97 -3.08
N PRO A 360 4.63 -38.22 -3.63
CA PRO A 360 4.72 -38.63 -5.04
C PRO A 360 3.91 -39.89 -5.40
N ARG A 361 3.65 -40.78 -4.43
CA ARG A 361 2.66 -41.87 -4.64
C ARG A 361 1.31 -41.58 -3.99
N HIS A 362 1.33 -40.93 -2.84
CA HIS A 362 0.13 -40.85 -2.00
C HIS A 362 -0.98 -40.00 -2.60
N VAL A 363 -0.63 -39.01 -3.41
CA VAL A 363 -1.64 -38.15 -4.02
C VAL A 363 -2.23 -38.67 -5.34
N ILE A 364 -1.75 -39.80 -5.85
CA ILE A 364 -2.17 -40.27 -7.18
C ILE A 364 -3.69 -40.53 -7.20
N GLY A 365 -4.21 -41.18 -6.16
CA GLY A 365 -5.65 -41.49 -6.09
C GLY A 365 -6.54 -40.25 -6.17
N ALA A 366 -6.13 -39.17 -5.48
CA ALA A 366 -6.85 -37.89 -5.52
C ALA A 366 -6.89 -37.31 -6.93
N TYR A 367 -5.77 -37.36 -7.64
CA TYR A 367 -5.75 -36.94 -9.04
C TYR A 367 -6.70 -37.79 -9.87
N GLU A 368 -6.68 -39.10 -9.66
CA GLU A 368 -7.55 -40.00 -10.41
C GLU A 368 -9.04 -39.79 -10.11
N ASP A 369 -9.35 -39.36 -8.87
CA ASP A 369 -10.73 -39.00 -8.49
C ASP A 369 -11.25 -37.75 -9.23
N LEU A 370 -10.36 -37.00 -9.86
CA LEU A 370 -10.71 -35.88 -10.73
C LEU A 370 -10.45 -36.21 -12.21
N GLY A 371 -10.29 -37.50 -12.53
CA GLY A 371 -10.04 -37.94 -13.90
C GLY A 371 -8.69 -37.59 -14.50
N MET A 372 -7.72 -37.22 -13.66
CA MET A 372 -6.41 -36.84 -14.13
C MET A 372 -5.48 -38.03 -14.11
N GLU A 373 -4.39 -37.96 -14.89
CA GLU A 373 -3.44 -39.06 -15.04
C GLU A 373 -2.06 -38.59 -14.59
N VAL A 374 -1.46 -39.34 -13.66
CA VAL A 374 -0.10 -39.06 -13.22
C VAL A 374 0.88 -39.81 -14.15
N VAL A 375 1.52 -39.06 -15.06
CA VAL A 375 2.34 -39.66 -16.13
C VAL A 375 3.83 -39.75 -15.78
N GLY A 376 4.22 -39.08 -14.70
CA GLY A 376 5.58 -39.16 -14.20
C GLY A 376 5.58 -38.83 -12.72
N THR A 377 6.37 -39.55 -11.95
CA THR A 377 6.50 -39.20 -10.54
C THR A 377 7.89 -39.55 -10.05
N GLY A 378 8.25 -38.98 -8.92
CA GLY A 378 9.52 -39.29 -8.33
C GLY A 378 9.75 -38.62 -6.99
N TYR A 379 10.83 -39.03 -6.34
CA TYR A 379 11.10 -38.62 -5.00
C TYR A 379 12.51 -38.06 -4.83
N GLU A 380 12.65 -37.08 -3.94
CA GLU A 380 13.96 -36.60 -3.52
C GLU A 380 14.80 -37.64 -2.79
N PHE A 381 14.18 -38.35 -1.83
CA PHE A 381 14.97 -39.13 -0.85
C PHE A 381 14.31 -40.45 -0.44
N ALA A 382 13.34 -40.93 -1.22
CA ALA A 382 12.69 -42.22 -0.94
C ALA A 382 13.66 -43.40 -0.94
N HIS A 383 13.27 -44.48 -0.28
CA HIS A 383 14.06 -45.74 -0.28
C HIS A 383 13.31 -46.74 -1.16
N ASN A 384 13.91 -47.89 -1.42
CA ASN A 384 13.26 -48.86 -2.29
C ASN A 384 11.91 -49.39 -1.79
N ASP A 385 11.71 -49.43 -0.47
CA ASP A 385 10.37 -49.76 0.06
C ASP A 385 9.30 -48.75 -0.36
N ASP A 386 9.66 -47.47 -0.50
CA ASP A 386 8.73 -46.50 -1.09
C ASP A 386 8.46 -46.80 -2.58
N TYR A 387 9.52 -47.08 -3.35
CA TYR A 387 9.35 -47.41 -4.78
C TYR A 387 8.53 -48.68 -4.97
N ASP A 388 8.67 -49.67 -4.09
CA ASP A 388 7.80 -50.87 -4.14
C ASP A 388 6.32 -50.49 -4.06
N ARG A 389 6.01 -49.58 -3.14
CA ARG A 389 4.63 -49.10 -2.97
C ARG A 389 4.15 -48.21 -4.12
N THR A 390 5.08 -47.70 -4.93
CA THR A 390 4.78 -46.75 -6.00
C THR A 390 4.42 -47.44 -7.30
N MET A 391 5.12 -48.52 -7.63
CA MET A 391 5.01 -49.11 -8.96
C MET A 391 3.60 -49.64 -9.25
N LYS A 392 2.90 -50.13 -8.23
CA LYS A 392 1.50 -50.58 -8.39
C LYS A 392 0.50 -49.42 -8.47
N GLU A 393 0.87 -48.25 -7.93
CA GLU A 393 0.01 -47.04 -7.97
C GLU A 393 0.12 -46.27 -9.29
N MET A 394 1.24 -46.43 -9.99
CA MET A 394 1.48 -45.74 -11.25
C MET A 394 1.09 -46.61 -12.44
N GLY A 395 0.71 -45.96 -13.53
CA GLY A 395 0.34 -46.66 -14.75
C GLY A 395 1.53 -47.32 -15.41
N ASP A 396 1.23 -48.26 -16.30
CA ASP A 396 2.29 -48.87 -17.10
C ASP A 396 2.96 -47.84 -17.98
N SER A 397 4.27 -48.01 -18.17
CA SER A 397 5.07 -47.15 -19.05
C SER A 397 5.19 -45.68 -18.63
N THR A 398 4.84 -45.35 -17.39
CA THR A 398 5.05 -44.02 -16.85
C THR A 398 6.50 -43.88 -16.42
N LEU A 399 6.92 -42.63 -16.23
CA LEU A 399 8.31 -42.31 -15.91
C LEU A 399 8.50 -42.16 -14.40
N LEU A 400 9.54 -42.81 -13.86
CA LEU A 400 9.94 -42.71 -12.45
C LEU A 400 11.34 -42.13 -12.35
N TYR A 401 11.55 -41.16 -11.45
CA TYR A 401 12.88 -40.53 -11.28
C TYR A 401 13.21 -40.41 -9.80
N ASP A 402 14.38 -40.91 -9.42
CA ASP A 402 14.88 -40.79 -8.05
C ASP A 402 15.98 -39.74 -8.00
N ASP A 403 15.89 -38.83 -7.03
CA ASP A 403 16.86 -37.73 -6.88
C ASP A 403 17.11 -37.07 -8.23
N VAL A 404 16.03 -36.66 -8.89
CA VAL A 404 16.12 -36.07 -10.21
C VAL A 404 17.00 -34.83 -10.20
N THR A 405 17.76 -34.63 -11.27
CA THR A 405 18.57 -33.41 -11.41
C THR A 405 17.70 -32.34 -12.05
N GLY A 406 18.07 -31.09 -11.85
CA GLY A 406 17.34 -29.98 -12.48
C GLY A 406 17.28 -30.15 -13.99
N TYR A 407 18.42 -30.45 -14.59
CA TYR A 407 18.49 -30.69 -16.03
C TYR A 407 17.51 -31.80 -16.49
N GLU A 408 17.56 -32.95 -15.84
CA GLU A 408 16.65 -34.06 -16.16
C GLU A 408 15.18 -33.64 -16.12
N PHE A 409 14.80 -32.98 -15.02
CA PHE A 409 13.39 -32.65 -14.79
C PHE A 409 12.93 -31.72 -15.91
N GLU A 410 13.74 -30.72 -16.26
CA GLU A 410 13.38 -29.80 -17.34
C GLU A 410 13.23 -30.53 -18.67
N GLU A 411 14.21 -31.38 -19.01
CA GLU A 411 14.19 -32.09 -20.29
C GLU A 411 13.05 -33.11 -20.38
N PHE A 412 12.77 -33.82 -19.29
CA PHE A 412 11.61 -34.71 -19.26
C PHE A 412 10.30 -33.95 -19.52
N VAL A 413 10.15 -32.80 -18.88
CA VAL A 413 8.96 -31.97 -19.04
C VAL A 413 8.83 -31.44 -20.47
N LYS A 414 9.94 -31.02 -21.07
CA LYS A 414 9.93 -30.54 -22.45
C LYS A 414 9.38 -31.58 -23.45
N ARG A 415 9.70 -32.85 -23.23
CA ARG A 415 9.27 -33.93 -24.12
C ARG A 415 7.87 -34.41 -23.78
N ILE A 416 7.62 -34.60 -22.49
CA ILE A 416 6.34 -35.16 -22.00
C ILE A 416 5.19 -34.15 -22.11
N LYS A 417 5.47 -32.87 -21.89
CA LYS A 417 4.49 -31.80 -22.01
C LYS A 417 3.26 -32.07 -21.14
N PRO A 418 3.48 -32.23 -19.82
CA PRO A 418 2.35 -32.39 -18.92
C PRO A 418 1.49 -31.13 -18.89
N ASP A 419 0.21 -31.32 -18.55
CA ASP A 419 -0.71 -30.18 -18.39
C ASP A 419 -0.50 -29.46 -17.06
N LEU A 420 0.09 -30.16 -16.08
CA LEU A 420 0.30 -29.65 -14.73
C LEU A 420 1.53 -30.31 -14.12
N ILE A 421 2.28 -29.54 -13.33
CA ILE A 421 3.39 -30.08 -12.54
C ILE A 421 3.16 -29.78 -11.07
N GLY A 422 3.43 -30.77 -10.22
CA GLY A 422 3.27 -30.66 -8.79
C GLY A 422 4.62 -30.92 -8.14
N SER A 423 5.27 -29.86 -7.63
CA SER A 423 6.58 -30.04 -7.01
C SER A 423 6.86 -28.94 -5.99
N GLY A 424 8.12 -28.53 -5.81
CA GLY A 424 8.47 -27.53 -4.79
C GLY A 424 8.82 -26.14 -5.26
N ILE A 425 9.22 -25.33 -4.29
CA ILE A 425 9.48 -23.91 -4.51
C ILE A 425 10.65 -23.67 -5.46
N LYS A 426 11.65 -24.54 -5.43
CA LYS A 426 12.80 -24.39 -6.31
C LYS A 426 12.48 -24.75 -7.77
N GLU A 427 11.36 -25.47 -7.98
CA GLU A 427 10.88 -25.90 -9.28
C GLU A 427 9.80 -24.96 -9.84
N LYS A 428 8.99 -24.38 -8.97
CA LYS A 428 7.80 -23.64 -9.37
C LYS A 428 8.00 -22.66 -10.52
N PHE A 429 8.97 -21.76 -10.37
CA PHE A 429 9.04 -20.61 -11.28
C PHE A 429 9.67 -20.97 -12.61
N ILE A 430 10.47 -22.04 -12.62
CA ILE A 430 11.03 -22.58 -13.85
C ILE A 430 9.89 -23.00 -14.78
N PHE A 431 8.95 -23.79 -14.24
CA PHE A 431 7.93 -24.40 -15.08
C PHE A 431 6.82 -23.44 -15.47
N GLN A 432 6.52 -22.47 -14.62
CA GLN A 432 5.60 -21.40 -15.01
C GLN A 432 6.10 -20.61 -16.21
N LYS A 433 7.40 -20.34 -16.26
CA LYS A 433 7.97 -19.61 -17.39
C LYS A 433 7.90 -20.40 -18.69
N MET A 434 7.93 -21.73 -18.57
CA MET A 434 7.70 -22.61 -19.70
C MET A 434 6.22 -22.70 -20.14
N GLY A 435 5.32 -22.06 -19.40
CA GLY A 435 3.88 -22.09 -19.72
C GLY A 435 3.14 -23.30 -19.20
N ILE A 436 3.72 -23.98 -18.22
CA ILE A 436 3.09 -25.15 -17.62
C ILE A 436 2.55 -24.80 -16.25
N PRO A 437 1.23 -24.92 -16.05
CA PRO A 437 0.63 -24.74 -14.74
C PRO A 437 1.34 -25.55 -13.64
N PHE A 438 1.60 -24.89 -12.51
CA PHE A 438 2.40 -25.49 -11.44
C PHE A 438 1.67 -25.34 -10.12
N ARG A 439 1.60 -26.42 -9.35
CA ARG A 439 1.10 -26.36 -7.98
C ARG A 439 2.17 -26.87 -7.05
N GLN A 440 2.42 -26.11 -5.99
CA GLN A 440 3.35 -26.55 -4.94
C GLN A 440 2.72 -27.68 -4.15
N MET A 441 3.38 -28.84 -4.15
CA MET A 441 2.86 -29.99 -3.44
C MET A 441 3.61 -30.32 -2.15
N HIS A 442 4.43 -29.37 -1.69
CA HIS A 442 4.87 -29.38 -0.29
C HIS A 442 4.01 -28.41 0.53
N SER A 443 4.09 -27.13 0.18
CA SER A 443 3.42 -26.06 0.92
C SER A 443 1.97 -25.87 0.54
N TRP A 444 1.47 -26.65 -0.40
CA TRP A 444 0.12 -26.47 -0.94
C TRP A 444 -0.12 -25.08 -1.55
N ASP A 445 0.97 -24.39 -1.91
CA ASP A 445 0.87 -23.04 -2.47
C ASP A 445 0.08 -22.12 -1.56
N TYR A 446 0.31 -22.28 -0.25
CA TYR A 446 -0.26 -21.41 0.80
C TYR A 446 -1.76 -21.62 0.95
N SER A 447 -2.24 -22.78 0.49
CA SER A 447 -3.62 -23.18 0.56
C SER A 447 -3.72 -24.48 1.40
N GLY A 448 -4.74 -25.29 1.15
CA GLY A 448 -4.96 -26.47 1.97
C GLY A 448 -5.89 -26.18 3.14
N PRO A 449 -6.24 -27.18 3.95
CA PRO A 449 -5.66 -28.54 3.87
C PRO A 449 -6.02 -29.34 2.63
N TYR A 450 -5.24 -30.38 2.33
CA TYR A 450 -5.59 -31.34 1.29
C TYR A 450 -6.00 -32.70 1.82
N HIS A 451 -5.74 -33.03 3.09
CA HIS A 451 -6.18 -34.32 3.63
C HIS A 451 -7.70 -34.36 3.88
N GLY A 452 -8.27 -35.55 3.73
CA GLY A 452 -9.62 -35.83 4.17
C GLY A 452 -10.63 -35.34 3.15
N PHE A 453 -11.90 -35.37 3.55
CA PHE A 453 -12.97 -34.93 2.67
C PHE A 453 -12.93 -33.41 2.49
N ASP A 454 -12.77 -32.68 3.59
CA ASP A 454 -12.71 -31.21 3.48
C ASP A 454 -11.50 -30.74 2.68
N GLY A 455 -10.39 -31.46 2.83
CA GLY A 455 -9.21 -31.20 2.05
C GLY A 455 -9.33 -31.47 0.57
N PHE A 456 -10.10 -32.50 0.20
CA PHE A 456 -10.29 -32.80 -1.22
C PHE A 456 -10.97 -31.65 -1.96
N ALA A 457 -11.91 -30.97 -1.31
CA ALA A 457 -12.59 -29.83 -1.94
C ALA A 457 -11.59 -28.73 -2.30
N ILE A 458 -10.66 -28.46 -1.40
CA ILE A 458 -9.66 -27.39 -1.60
C ILE A 458 -8.65 -27.83 -2.66
N PHE A 459 -8.22 -29.09 -2.58
CA PHE A 459 -7.35 -29.69 -3.60
C PHE A 459 -7.93 -29.53 -5.02
N ALA A 460 -9.20 -29.88 -5.17
CA ALA A 460 -9.87 -29.80 -6.47
C ALA A 460 -9.95 -28.36 -6.96
N ARG A 461 -10.37 -27.47 -6.07
CA ARG A 461 -10.46 -26.04 -6.37
C ARG A 461 -9.11 -25.51 -6.85
N ASP A 462 -8.06 -25.90 -6.15
CA ASP A 462 -6.69 -25.45 -6.44
C ASP A 462 -6.14 -25.99 -7.76
N MET A 463 -6.29 -27.29 -8.03
CA MET A 463 -5.81 -27.82 -9.31
C MET A 463 -6.53 -27.14 -10.49
N ASP A 464 -7.82 -26.91 -10.33
CA ASP A 464 -8.63 -26.24 -11.35
C ASP A 464 -8.25 -24.78 -11.55
N MET A 465 -8.10 -24.04 -10.46
CA MET A 465 -7.82 -22.59 -10.57
C MET A 465 -6.52 -22.37 -11.34
N THR A 466 -5.56 -23.25 -11.12
CA THR A 466 -4.24 -23.13 -11.72
C THR A 466 -4.20 -23.72 -13.13
N LEU A 467 -4.62 -24.97 -13.30
CA LEU A 467 -4.54 -25.60 -14.63
C LEU A 467 -5.36 -24.79 -15.63
N ASN A 468 -6.56 -24.39 -15.25
CA ASN A 468 -7.45 -23.67 -16.16
C ASN A 468 -7.37 -22.14 -16.11
N ASN A 469 -6.32 -21.59 -15.50
CA ASN A 469 -6.25 -20.14 -15.32
C ASN A 469 -6.10 -19.42 -16.66
N PRO A 470 -6.76 -18.25 -16.83
CA PRO A 470 -6.59 -17.52 -18.09
C PRO A 470 -5.15 -17.07 -18.44
N CYS A 471 -4.25 -17.02 -17.47
CA CYS A 471 -2.88 -16.56 -17.71
C CYS A 471 -2.14 -17.45 -18.71
N TRP A 472 -2.45 -18.74 -18.71
CA TRP A 472 -1.68 -19.70 -19.53
C TRP A 472 -1.89 -19.60 -21.02
N LYS A 473 -2.92 -18.88 -21.47
CA LYS A 473 -3.13 -18.62 -22.89
C LYS A 473 -2.41 -17.36 -23.38
N LYS A 474 -1.64 -16.69 -22.51
CA LYS A 474 -1.12 -15.36 -22.77
C LYS A 474 0.39 -15.28 -22.89
N LEU A 475 1.10 -16.41 -22.80
CA LEU A 475 2.58 -16.37 -22.81
C LEU A 475 3.17 -15.99 -24.17
N GLN A 476 2.53 -16.38 -25.27
CA GLN A 476 3.02 -15.99 -26.60
C GLN A 476 2.42 -14.63 -27.00
N ALA A 477 3.30 -13.65 -27.22
CA ALA A 477 2.89 -12.35 -27.76
C ALA A 477 2.21 -12.56 -29.12
N PRO A 478 1.06 -11.89 -29.35
CA PRO A 478 0.36 -12.09 -30.64
C PRO A 478 1.13 -11.71 -31.91
N TRP A 479 2.24 -10.98 -31.79
CA TRP A 479 3.04 -10.57 -32.94
C TRP A 479 4.21 -11.51 -33.22
N GLU A 480 4.53 -12.43 -32.32
CA GLU A 480 5.56 -13.42 -32.61
C GLU A 480 4.87 -14.72 -33.01
N SER B 2 -16.89 -29.90 7.26
CA SER B 2 -17.79 -29.93 6.07
C SER B 2 -17.43 -28.79 5.15
N GLN B 3 -17.82 -28.93 3.89
CA GLN B 3 -17.63 -27.89 2.88
C GLN B 3 -18.91 -27.73 2.09
N GLN B 4 -19.18 -26.49 1.71
CA GLN B 4 -20.23 -26.14 0.77
C GLN B 4 -19.55 -25.89 -0.57
N VAL B 5 -19.89 -26.68 -1.58
CA VAL B 5 -19.14 -26.69 -2.85
C VAL B 5 -18.99 -25.33 -3.55
N ASP B 6 -20.03 -24.49 -3.41
N ASP B 6 -19.96 -24.43 -3.44
CA ASP B 6 -20.10 -23.14 -3.97
CA ASP B 6 -19.83 -23.15 -4.14
C ASP B 6 -19.16 -22.11 -3.31
C ASP B 6 -19.18 -22.04 -3.29
N LYS B 7 -18.73 -22.38 -2.08
CA LYS B 7 -17.92 -21.46 -1.29
C LYS B 7 -17.00 -22.28 -0.39
N ILE B 8 -16.00 -22.86 -1.03
CA ILE B 8 -15.04 -23.71 -0.33
C ILE B 8 -14.19 -22.87 0.62
N LYS B 9 -13.95 -23.40 1.82
CA LYS B 9 -13.12 -22.70 2.82
C LYS B 9 -11.78 -23.39 2.92
N ALA B 10 -10.71 -22.61 2.76
CA ALA B 10 -9.35 -23.03 3.11
C ALA B 10 -9.17 -22.93 4.62
N SER B 11 -8.00 -23.32 5.12
CA SER B 11 -7.73 -23.42 6.59
C SER B 11 -8.33 -22.25 7.38
N TYR B 12 -8.08 -21.03 6.92
CA TYR B 12 -8.84 -19.87 7.35
C TYR B 12 -9.92 -19.64 6.27
N PRO B 13 -11.23 -19.71 6.58
CA PRO B 13 -11.81 -19.82 7.91
C PRO B 13 -12.35 -21.21 8.30
N LEU B 14 -11.99 -22.26 7.57
CA LEU B 14 -12.54 -23.60 7.82
C LEU B 14 -12.47 -24.02 9.29
N PHE B 15 -11.33 -23.79 9.93
CA PHE B 15 -11.12 -24.28 11.29
C PHE B 15 -11.79 -23.46 12.40
N LEU B 16 -12.48 -22.38 12.01
CA LEU B 16 -13.39 -21.66 12.90
C LEU B 16 -14.81 -22.23 12.91
N ASP B 17 -15.11 -23.19 12.02
CA ASP B 17 -16.39 -23.93 12.09
C ASP B 17 -16.50 -24.57 13.46
N GLN B 18 -17.73 -24.65 13.98
CA GLN B 18 -17.96 -25.09 15.34
C GLN B 18 -17.42 -26.50 15.60
N ASP B 19 -17.63 -27.39 14.63
CA ASP B 19 -17.15 -28.76 14.82
C ASP B 19 -15.62 -28.83 14.96
N TYR B 20 -14.89 -28.08 14.14
CA TYR B 20 -13.42 -27.99 14.30
C TYR B 20 -12.99 -27.33 15.63
N LYS B 21 -13.69 -26.25 16.02
N LYS B 21 -13.70 -26.27 16.03
CA LYS B 21 -13.42 -25.58 17.31
CA LYS B 21 -13.42 -25.57 17.28
C LYS B 21 -13.57 -26.55 18.47
C LYS B 21 -13.60 -26.50 18.48
N ASP B 22 -14.68 -27.28 18.47
CA ASP B 22 -14.95 -28.26 19.52
C ASP B 22 -13.87 -29.36 19.54
N MET B 23 -13.49 -29.84 18.36
CA MET B 23 -12.46 -30.88 18.25
C MET B 23 -11.14 -30.39 18.84
N LEU B 24 -10.77 -29.15 18.53
CA LEU B 24 -9.49 -28.59 18.98
C LEU B 24 -9.50 -28.34 20.48
N ALA B 25 -10.64 -27.93 21.02
CA ALA B 25 -10.81 -27.82 22.48
C ALA B 25 -10.63 -29.16 23.18
N LYS B 26 -11.22 -30.22 22.60
CA LYS B 26 -11.10 -31.59 23.14
C LYS B 26 -9.66 -32.12 23.08
N LYS B 27 -8.97 -31.85 21.97
CA LYS B 27 -7.55 -32.22 21.84
C LYS B 27 -6.71 -31.55 22.94
N ARG B 28 -6.87 -30.23 23.08
CA ARG B 28 -6.19 -29.48 24.12
C ARG B 28 -6.46 -30.06 25.52
N ASP B 29 -7.74 -30.15 25.86
CA ASP B 29 -8.11 -30.56 27.22
C ASP B 29 -7.71 -31.98 27.51
N GLY B 30 -7.80 -32.84 26.49
CA GLY B 30 -7.55 -34.25 26.70
C GLY B 30 -6.08 -34.61 26.83
N PHE B 31 -5.25 -34.02 25.97
CA PHE B 31 -3.90 -34.58 25.72
C PHE B 31 -2.73 -33.60 25.74
N GLU B 32 -2.99 -32.29 25.74
CA GLU B 32 -1.91 -31.30 25.59
C GLU B 32 -1.32 -30.83 26.91
N GLU B 33 -2.02 -31.07 28.02
CA GLU B 33 -1.57 -30.67 29.36
C GLU B 33 -1.08 -29.24 29.31
N LYS B 34 -1.94 -28.40 28.75
CA LYS B 34 -1.58 -27.02 28.44
C LYS B 34 -1.64 -26.15 29.69
N TYR B 35 -0.74 -25.17 29.76
CA TYR B 35 -0.79 -24.18 30.85
C TYR B 35 -2.14 -23.47 30.82
N PRO B 36 -2.73 -23.18 32.00
CA PRO B 36 -4.02 -22.48 32.02
C PRO B 36 -3.92 -21.12 31.33
N GLN B 37 -5.01 -20.68 30.71
CA GLN B 37 -4.99 -19.40 29.98
C GLN B 37 -4.56 -18.20 30.84
N ASP B 38 -4.97 -18.20 32.12
N ASP B 38 -4.94 -18.20 32.12
CA ASP B 38 -4.56 -17.15 33.07
CA ASP B 38 -4.57 -17.10 33.02
C ASP B 38 -3.05 -17.03 33.17
C ASP B 38 -3.06 -17.03 33.24
N LYS B 39 -2.39 -18.17 33.22
CA LYS B 39 -0.93 -18.22 33.29
C LYS B 39 -0.27 -17.77 31.98
N ILE B 40 -0.85 -18.16 30.85
CA ILE B 40 -0.36 -17.71 29.54
C ILE B 40 -0.49 -16.19 29.47
N ASP B 41 -1.66 -15.67 29.85
CA ASP B 41 -1.88 -14.23 29.89
C ASP B 41 -0.87 -13.50 30.78
N GLU B 42 -0.63 -14.05 31.97
CA GLU B 42 0.32 -13.46 32.91
C GLU B 42 1.73 -13.40 32.34
N VAL B 43 2.18 -14.51 31.75
CA VAL B 43 3.52 -14.56 31.17
C VAL B 43 3.59 -13.62 29.96
N PHE B 44 2.57 -13.63 29.09
CA PHE B 44 2.55 -12.67 27.98
C PHE B 44 2.76 -11.23 28.47
N GLN B 45 1.97 -10.81 29.47
N GLN B 45 1.98 -10.82 29.46
CA GLN B 45 2.08 -9.44 29.98
CA GLN B 45 2.08 -9.46 29.99
C GLN B 45 3.50 -9.16 30.50
C GLN B 45 3.50 -9.17 30.49
N TRP B 46 4.08 -10.13 31.20
CA TRP B 46 5.46 -10.00 31.69
C TRP B 46 6.48 -9.81 30.56
N THR B 47 6.28 -10.51 29.44
CA THR B 47 7.19 -10.33 28.28
C THR B 47 7.12 -8.94 27.62
N THR B 48 6.11 -8.11 27.96
CA THR B 48 6.00 -6.74 27.47
C THR B 48 6.62 -5.70 28.39
N THR B 49 7.17 -6.11 29.53
CA THR B 49 7.62 -5.19 30.57
C THR B 49 9.09 -4.76 30.43
N LYS B 50 9.41 -3.65 31.10
CA LYS B 50 10.80 -3.20 31.21
C LYS B 50 11.65 -4.22 32.01
N GLU B 51 11.07 -4.84 33.04
CA GLU B 51 11.75 -5.92 33.78
C GLU B 51 12.21 -7.04 32.84
N TYR B 52 11.31 -7.49 31.98
CA TYR B 52 11.63 -8.52 30.99
C TYR B 52 12.67 -8.01 30.01
N GLN B 53 12.51 -6.77 29.53
CA GLN B 53 13.48 -6.20 28.59
C GLN B 53 14.92 -6.22 29.15
N GLU B 54 15.08 -5.87 30.42
CA GLU B 54 16.42 -5.89 31.06
C GLU B 54 17.06 -7.28 30.98
N LEU B 55 16.30 -8.30 31.38
CA LEU B 55 16.74 -9.70 31.30
C LEU B 55 17.07 -10.10 29.86
N ASN B 56 16.16 -9.71 28.95
CA ASN B 56 16.32 -9.98 27.53
C ASN B 56 17.65 -9.41 26.99
N PHE B 57 17.96 -8.17 27.36
CA PHE B 57 19.17 -7.49 26.87
C PHE B 57 20.47 -7.98 27.52
N GLN B 58 20.36 -8.75 28.60
CA GLN B 58 21.53 -9.42 29.22
C GLN B 58 21.92 -10.75 28.58
N ARG B 59 21.17 -11.21 27.58
CA ARG B 59 21.54 -12.45 26.87
C ARG B 59 22.96 -12.39 26.33
N GLU B 60 23.71 -13.48 26.55
CA GLU B 60 25.08 -13.63 26.02
C GLU B 60 25.21 -14.81 25.04
N ALA B 61 24.42 -15.87 25.24
CA ALA B 61 24.56 -17.13 24.49
C ALA B 61 23.43 -17.40 23.51
N LEU B 62 22.19 -17.06 23.90
CA LEU B 62 20.99 -17.30 23.10
C LEU B 62 20.70 -16.15 22.14
N THR B 63 20.45 -16.51 20.89
CA THR B 63 19.90 -15.60 19.87
C THR B 63 18.50 -16.08 19.52
N VAL B 64 17.57 -15.12 19.40
CA VAL B 64 16.17 -15.40 19.10
C VAL B 64 15.73 -14.48 17.97
N ASN B 65 15.26 -15.07 16.86
CA ASN B 65 14.75 -14.32 15.70
C ASN B 65 15.82 -13.34 15.16
N PRO B 66 16.93 -13.89 14.65
CA PRO B 66 17.98 -13.04 14.09
C PRO B 66 17.52 -12.24 12.86
N ALA B 67 18.16 -11.10 12.63
CA ALA B 67 18.03 -10.28 11.44
C ALA B 67 19.32 -10.28 10.62
N LYS B 68 19.76 -11.48 10.29
CA LYS B 68 20.91 -11.72 9.44
C LYS B 68 20.88 -13.17 8.97
N ALA B 69 21.64 -13.45 7.92
CA ALA B 69 21.85 -14.80 7.42
C ALA B 69 23.35 -15.08 7.30
N CYS B 70 23.73 -16.18 6.65
CA CYS B 70 25.15 -16.60 6.62
C CYS B 70 25.84 -16.29 5.30
N GLN B 71 27.17 -16.22 5.39
CA GLN B 71 28.03 -15.79 4.27
C GLN B 71 27.69 -16.33 2.88
N PRO B 72 27.61 -17.67 2.72
CA PRO B 72 27.43 -18.16 1.35
C PRO B 72 26.15 -17.67 0.63
N LEU B 73 25.10 -17.29 1.35
CA LEU B 73 23.93 -16.68 0.71
C LEU B 73 24.34 -15.44 -0.11
N GLY B 74 25.18 -14.61 0.49
CA GLY B 74 25.70 -13.42 -0.17
C GLY B 74 26.63 -13.74 -1.32
N ALA B 75 27.48 -14.75 -1.16
CA ALA B 75 28.34 -15.20 -2.25
C ALA B 75 27.52 -15.64 -3.45
N VAL B 76 26.44 -16.38 -3.20
CA VAL B 76 25.56 -16.83 -4.28
C VAL B 76 24.93 -15.64 -5.01
N LEU B 77 24.40 -14.66 -4.27
CA LEU B 77 23.79 -13.50 -4.92
C LEU B 77 24.80 -12.70 -5.77
N CYS B 78 26.02 -12.54 -5.25
CA CYS B 78 27.08 -11.86 -5.98
C CYS B 78 27.38 -12.59 -7.29
N ALA B 79 27.52 -13.90 -7.19
CA ALA B 79 27.85 -14.74 -8.33
C ALA B 79 26.79 -14.67 -9.42
N LEU B 80 25.52 -14.62 -9.04
CA LEU B 80 24.42 -14.54 -10.00
C LEU B 80 24.46 -13.31 -10.90
N GLY B 81 25.17 -12.26 -10.45
CA GLY B 81 25.30 -11.02 -11.21
C GLY B 81 26.29 -11.02 -12.35
N PHE B 82 26.90 -12.17 -12.63
CA PHE B 82 27.86 -12.30 -13.72
C PHE B 82 27.32 -13.13 -14.87
N GLU B 83 27.67 -12.71 -16.08
CA GLU B 83 27.14 -13.32 -17.29
C GLU B 83 27.40 -14.83 -17.34
N LYS B 84 26.33 -15.58 -17.60
CA LYS B 84 26.37 -17.05 -17.72
C LYS B 84 27.18 -17.74 -16.61
N THR B 85 27.03 -17.24 -15.39
CA THR B 85 27.80 -17.74 -14.25
C THR B 85 26.92 -18.63 -13.38
N MET B 86 27.44 -19.80 -13.05
CA MET B 86 26.84 -20.67 -12.06
C MET B 86 27.44 -20.49 -10.67
N PRO B 87 26.63 -20.05 -9.69
CA PRO B 87 27.09 -20.13 -8.31
C PRO B 87 27.24 -21.58 -7.89
N TYR B 88 28.34 -21.87 -7.19
CA TYR B 88 28.72 -23.25 -6.82
C TYR B 88 29.23 -23.17 -5.40
N VAL B 89 28.59 -23.88 -4.48
CA VAL B 89 29.00 -23.84 -3.09
C VAL B 89 29.64 -25.19 -2.72
N HIS B 90 30.95 -25.15 -2.53
CA HIS B 90 31.72 -26.32 -2.15
C HIS B 90 31.38 -26.69 -0.71
N GLY B 91 30.93 -27.93 -0.49
CA GLY B 91 30.44 -28.37 0.82
C GLY B 91 29.13 -29.14 0.76
N SER B 92 28.27 -28.85 1.73
N SER B 92 28.26 -28.86 1.74
CA SER B 92 27.06 -29.63 1.99
CA SER B 92 27.09 -29.67 2.03
C SER B 92 25.89 -29.17 1.16
C SER B 92 25.86 -29.18 1.23
N GLN B 93 25.14 -30.11 0.58
CA GLN B 93 24.04 -29.74 -0.33
C GLN B 93 22.82 -29.14 0.37
N GLY B 94 22.59 -29.49 1.63
CA GLY B 94 21.45 -28.93 2.37
C GLY B 94 21.43 -27.42 2.35
N CYS B 95 22.62 -26.83 2.43
CA CYS B 95 22.79 -25.38 2.39
C CYS B 95 22.22 -24.77 1.11
N VAL B 96 22.56 -25.38 -0.02
CA VAL B 96 22.14 -24.85 -1.33
C VAL B 96 20.63 -24.93 -1.53
N ALA B 97 19.98 -26.01 -1.06
CA ALA B 97 18.50 -26.05 -1.09
C ALA B 97 17.96 -24.83 -0.37
N TYR B 98 18.54 -24.50 0.79
CA TYR B 98 18.04 -23.36 1.56
C TYR B 98 18.34 -22.02 0.88
N PHE B 99 19.54 -21.85 0.32
CA PHE B 99 19.88 -20.56 -0.33
C PHE B 99 18.90 -20.30 -1.48
N ARG B 100 18.66 -21.32 -2.30
CA ARG B 100 17.80 -21.17 -3.48
C ARG B 100 16.37 -20.85 -3.06
N SER B 101 15.83 -21.63 -2.11
N SER B 101 15.83 -21.63 -2.11
CA SER B 101 14.46 -21.39 -1.64
CA SER B 101 14.46 -21.40 -1.63
C SER B 101 14.28 -20.01 -1.02
C SER B 101 14.25 -20.03 -0.97
N TYR B 102 15.30 -19.54 -0.30
CA TYR B 102 15.24 -18.22 0.35
C TYR B 102 15.08 -17.13 -0.69
N PHE B 103 15.95 -17.15 -1.70
CA PHE B 103 15.84 -16.23 -2.81
C PHE B 103 14.60 -16.50 -3.69
N ASN B 104 14.23 -17.77 -3.91
CA ASN B 104 13.00 -18.08 -4.67
C ASN B 104 11.80 -17.31 -4.09
N ARG B 105 11.66 -17.39 -2.78
CA ARG B 105 10.50 -16.80 -2.08
C ARG B 105 10.48 -15.27 -2.13
N HIS B 106 11.66 -14.64 -2.13
CA HIS B 106 11.78 -13.18 -2.18
C HIS B 106 11.54 -12.63 -3.59
N PHE B 107 12.18 -13.24 -4.59
CA PHE B 107 12.08 -12.74 -5.96
C PHE B 107 10.94 -13.34 -6.78
N ARG B 108 10.37 -14.46 -6.29
CA ARG B 108 9.41 -15.27 -7.05
C ARG B 108 9.95 -15.59 -8.43
N GLU B 109 11.18 -16.12 -8.43
CA GLU B 109 11.92 -16.45 -9.65
C GLU B 109 12.76 -17.67 -9.41
N PRO B 110 13.18 -18.37 -10.49
CA PRO B 110 14.16 -19.44 -10.32
C PRO B 110 15.45 -18.87 -9.77
N VAL B 111 16.16 -19.69 -9.02
CA VAL B 111 17.48 -19.34 -8.50
C VAL B 111 18.34 -20.57 -8.65
N SER B 112 19.34 -20.45 -9.52
CA SER B 112 20.16 -21.60 -9.92
C SER B 112 21.47 -21.52 -9.16
N CYS B 113 21.88 -22.65 -8.60
CA CYS B 113 23.06 -22.77 -7.75
C CYS B 113 23.29 -24.26 -7.54
N VAL B 114 24.56 -24.68 -7.56
CA VAL B 114 24.90 -26.10 -7.34
C VAL B 114 25.74 -26.29 -6.08
N SER B 115 25.75 -27.53 -5.62
CA SER B 115 26.60 -28.01 -4.54
C SER B 115 27.51 -29.06 -5.15
N ASP B 116 28.60 -29.41 -4.47
CA ASP B 116 29.33 -30.62 -4.84
C ASP B 116 29.14 -31.76 -3.82
N SER B 117 28.14 -31.60 -2.96
CA SER B 117 27.57 -32.70 -2.19
C SER B 117 28.60 -33.49 -1.40
N MET B 118 29.39 -32.77 -0.60
CA MET B 118 30.28 -33.41 0.34
C MET B 118 29.46 -34.08 1.43
N THR B 119 29.91 -35.27 1.82
CA THR B 119 29.25 -36.04 2.85
C THR B 119 30.23 -36.32 3.99
N GLU B 120 29.76 -37.03 5.00
CA GLU B 120 30.58 -37.40 6.16
C GLU B 120 31.94 -37.98 5.79
N ASP B 121 31.97 -38.77 4.71
CA ASP B 121 33.19 -39.45 4.29
C ASP B 121 34.33 -38.47 3.99
N ALA B 122 33.99 -37.28 3.49
CA ALA B 122 34.98 -36.23 3.20
C ALA B 122 35.79 -35.70 4.41
N ALA B 123 35.36 -35.99 5.64
CA ALA B 123 36.12 -35.59 6.84
C ALA B 123 37.48 -36.29 6.99
N VAL B 124 37.60 -37.48 6.42
CA VAL B 124 38.87 -38.22 6.44
C VAL B 124 39.82 -37.59 5.43
N PHE B 125 39.32 -37.46 4.20
CA PHE B 125 40.16 -37.23 3.03
C PHE B 125 40.01 -35.85 2.36
N GLY B 126 39.07 -35.02 2.82
CA GLY B 126 38.79 -33.72 2.23
C GLY B 126 37.90 -33.79 1.01
N GLY B 127 37.50 -32.63 0.51
CA GLY B 127 36.56 -32.56 -0.61
C GLY B 127 37.15 -32.42 -2.01
N GLN B 128 38.39 -32.85 -2.22
CA GLN B 128 39.04 -32.66 -3.52
C GLN B 128 38.30 -33.37 -4.66
N GLN B 129 37.92 -34.62 -4.44
CA GLN B 129 37.24 -35.37 -5.49
C GLN B 129 35.89 -34.79 -5.79
N ASN B 130 35.20 -34.29 -4.76
CA ASN B 130 33.92 -33.59 -4.97
C ASN B 130 34.09 -32.38 -5.88
N MET B 131 35.17 -31.64 -5.69
CA MET B 131 35.47 -30.48 -6.54
C MET B 131 35.71 -30.93 -7.98
N LYS B 132 36.49 -31.99 -8.15
CA LYS B 132 36.86 -32.45 -9.49
C LYS B 132 35.64 -32.87 -10.29
N ASP B 133 34.88 -33.80 -9.75
CA ASP B 133 33.65 -34.26 -10.39
C ASP B 133 32.59 -33.16 -10.46
N GLY B 134 32.50 -32.33 -9.41
CA GLY B 134 31.50 -31.27 -9.33
C GLY B 134 31.69 -30.23 -10.41
N LEU B 135 32.92 -29.74 -10.55
CA LEU B 135 33.24 -28.80 -11.61
C LEU B 135 32.99 -29.41 -12.99
N GLN B 136 33.45 -30.65 -13.23
CA GLN B 136 33.22 -31.29 -14.53
C GLN B 136 31.73 -31.46 -14.84
N ASN B 137 30.98 -31.98 -13.87
CA ASN B 137 29.56 -32.22 -14.02
C ASN B 137 28.77 -30.95 -14.26
N CYS B 138 29.10 -29.93 -13.49
CA CYS B 138 28.40 -28.66 -13.58
C CYS B 138 28.62 -28.05 -14.96
N LYS B 139 29.88 -28.02 -15.40
CA LYS B 139 30.19 -27.43 -16.70
C LYS B 139 29.47 -28.13 -17.86
N ALA B 140 29.49 -29.45 -17.87
CA ALA B 140 28.86 -30.23 -18.94
C ALA B 140 27.35 -30.10 -18.94
N THR B 141 26.76 -30.13 -17.76
CA THR B 141 25.30 -30.24 -17.62
C THR B 141 24.61 -28.89 -17.81
N TYR B 142 25.12 -27.85 -17.15
CA TYR B 142 24.47 -26.53 -17.17
C TYR B 142 25.17 -25.49 -18.04
N LYS B 143 26.30 -25.86 -18.62
CA LYS B 143 26.97 -25.06 -19.64
C LYS B 143 27.19 -23.58 -19.25
N PRO B 144 27.68 -23.33 -18.02
CA PRO B 144 28.04 -21.95 -17.68
C PRO B 144 29.31 -21.53 -18.38
N ASP B 145 29.53 -20.23 -18.48
CA ASP B 145 30.83 -19.71 -18.94
C ASP B 145 31.80 -19.42 -17.79
N MET B 146 31.29 -19.44 -16.56
CA MET B 146 32.10 -19.26 -15.37
C MET B 146 31.40 -19.99 -14.23
N ILE B 147 32.20 -20.55 -13.33
CA ILE B 147 31.68 -21.15 -12.09
C ILE B 147 32.33 -20.42 -10.94
N ALA B 148 31.52 -19.82 -10.07
CA ALA B 148 32.02 -19.00 -8.96
C ALA B 148 31.84 -19.75 -7.65
N VAL B 149 32.96 -20.12 -7.02
CA VAL B 149 32.98 -21.08 -5.91
C VAL B 149 33.04 -20.42 -4.54
N SER B 150 32.12 -20.80 -3.66
CA SER B 150 32.11 -20.41 -2.26
C SER B 150 32.09 -21.67 -1.40
N THR B 151 31.95 -21.53 -0.08
CA THR B 151 31.97 -22.69 0.83
C THR B 151 30.84 -22.70 1.87
N THR B 152 30.47 -23.92 2.26
CA THR B 152 29.64 -24.15 3.44
C THR B 152 30.52 -24.43 4.64
N CYS B 153 29.91 -24.45 5.83
CA CYS B 153 30.68 -24.43 7.05
C CYS B 153 31.43 -25.74 7.30
N MET B 154 30.86 -26.86 6.84
N MET B 154 30.92 -26.89 6.84
CA MET B 154 31.54 -28.17 6.89
CA MET B 154 31.67 -28.13 7.03
C MET B 154 32.90 -28.11 6.21
C MET B 154 32.97 -28.11 6.22
N ALA B 155 32.94 -27.51 5.02
CA ALA B 155 34.16 -27.39 4.23
C ALA B 155 35.19 -26.48 4.90
N GLU B 156 34.70 -25.41 5.52
CA GLU B 156 35.58 -24.54 6.31
C GLU B 156 36.18 -25.23 7.53
N VAL B 157 35.35 -25.93 8.30
CA VAL B 157 35.82 -26.63 9.50
C VAL B 157 36.85 -27.71 9.19
N ILE B 158 36.55 -28.52 8.16
N ILE B 158 36.61 -28.52 8.17
CA ILE B 158 37.50 -29.54 7.65
CA ILE B 158 37.60 -29.53 7.81
C ILE B 158 38.79 -28.92 7.11
C ILE B 158 38.80 -28.94 7.06
N GLY B 159 38.70 -27.69 6.59
CA GLY B 159 39.86 -26.92 6.14
C GLY B 159 40.28 -27.15 4.69
N ASP B 160 39.30 -27.39 3.81
CA ASP B 160 39.57 -27.59 2.38
C ASP B 160 40.18 -26.33 1.77
N ASP B 161 41.28 -26.51 1.05
CA ASP B 161 41.99 -25.41 0.39
C ASP B 161 41.39 -25.30 -1.02
N LEU B 162 40.48 -24.34 -1.20
CA LEU B 162 39.80 -24.14 -2.48
C LEU B 162 40.77 -23.92 -3.64
N ASN B 163 41.75 -23.07 -3.40
CA ASN B 163 42.73 -22.75 -4.44
C ASN B 163 43.43 -24.00 -4.96
N ALA B 164 43.94 -24.83 -4.05
CA ALA B 164 44.64 -26.05 -4.44
C ALA B 164 43.72 -27.03 -5.14
N PHE B 165 42.49 -27.15 -4.63
CA PHE B 165 41.50 -28.07 -5.18
C PHE B 165 41.07 -27.69 -6.61
N ILE B 166 40.90 -26.39 -6.86
CA ILE B 166 40.56 -25.92 -8.20
C ILE B 166 41.76 -26.09 -9.13
N ASN B 167 42.95 -25.74 -8.65
CA ASN B 167 44.17 -25.92 -9.45
C ASN B 167 44.38 -27.39 -9.85
N ASN B 168 44.16 -28.31 -8.91
CA ASN B 168 44.29 -29.75 -9.19
C ASN B 168 43.20 -30.27 -10.14
N SER B 169 42.00 -29.68 -10.06
CA SER B 169 40.93 -30.00 -11.00
C SER B 169 41.32 -29.65 -12.44
N LYS B 170 41.95 -28.49 -12.63
CA LYS B 170 42.48 -28.11 -13.93
C LYS B 170 43.69 -28.97 -14.34
N LYS B 171 44.62 -29.19 -13.41
CA LYS B 171 45.83 -30.01 -13.68
C LYS B 171 45.45 -31.41 -14.19
N GLU B 172 44.42 -32.02 -13.61
CA GLU B 172 43.98 -33.37 -13.97
C GLU B 172 42.91 -33.44 -15.08
N GLY B 173 42.58 -32.30 -15.70
CA GLY B 173 41.70 -32.28 -16.88
C GLY B 173 40.20 -32.29 -16.65
N PHE B 174 39.76 -32.07 -15.41
CA PHE B 174 38.32 -32.07 -15.10
C PHE B 174 37.61 -30.86 -15.68
N ILE B 175 38.33 -29.75 -15.78
CA ILE B 175 37.87 -28.58 -16.54
C ILE B 175 39.06 -27.97 -17.27
N PRO B 176 38.80 -27.22 -18.36
CA PRO B 176 39.90 -26.64 -19.10
C PRO B 176 40.66 -25.59 -18.28
N ASP B 177 41.96 -25.45 -18.58
CA ASP B 177 42.80 -24.57 -17.80
C ASP B 177 42.36 -23.12 -17.90
N GLU B 178 41.82 -22.75 -19.04
CA GLU B 178 41.38 -21.38 -19.31
C GLU B 178 39.97 -21.05 -18.78
N PHE B 179 39.23 -22.06 -18.30
CA PHE B 179 37.86 -21.86 -17.82
C PHE B 179 37.85 -21.12 -16.46
N PRO B 180 37.13 -19.98 -16.36
CA PRO B 180 37.20 -19.16 -15.14
C PRO B 180 36.53 -19.79 -13.92
N VAL B 181 37.32 -20.04 -12.87
CA VAL B 181 36.80 -20.56 -11.59
C VAL B 181 37.29 -19.68 -10.44
N PRO B 182 36.74 -18.46 -10.31
CA PRO B 182 37.04 -17.65 -9.14
C PRO B 182 36.45 -18.27 -7.89
N PHE B 183 37.08 -18.01 -6.76
CA PHE B 183 36.67 -18.60 -5.49
C PHE B 183 36.80 -17.64 -4.32
N ALA B 184 36.11 -18.00 -3.25
CA ALA B 184 36.20 -17.30 -1.98
C ALA B 184 35.80 -18.24 -0.86
N HIS B 185 36.58 -18.25 0.22
CA HIS B 185 36.19 -18.91 1.46
C HIS B 185 35.09 -18.07 2.12
N THR B 186 33.99 -18.72 2.48
CA THR B 186 32.81 -18.02 3.01
C THR B 186 32.28 -18.68 4.28
N PRO B 187 33.05 -18.63 5.37
CA PRO B 187 32.61 -19.28 6.61
C PRO B 187 31.35 -18.63 7.23
N SER B 188 30.32 -19.43 7.47
CA SER B 188 29.05 -18.92 8.04
C SER B 188 29.19 -18.40 9.47
N PHE B 189 30.27 -18.80 10.14
CA PHE B 189 30.52 -18.41 11.53
C PHE B 189 31.35 -17.12 11.64
N VAL B 190 31.57 -16.43 10.51
CA VAL B 190 32.21 -15.11 10.49
C VAL B 190 31.24 -14.14 9.82
N GLY B 191 31.00 -13.00 10.45
CA GLY B 191 30.14 -11.96 9.89
C GLY B 191 28.76 -12.46 9.51
N SER B 192 28.35 -12.19 8.27
CA SER B 192 26.98 -12.49 7.83
C SER B 192 26.92 -12.63 6.32
N HIS B 193 25.72 -12.78 5.78
CA HIS B 193 25.52 -12.82 4.34
C HIS B 193 26.22 -11.70 3.56
N VAL B 194 26.24 -10.48 4.10
CA VAL B 194 26.90 -9.38 3.41
C VAL B 194 28.42 -9.59 3.25
N THR B 195 29.04 -10.20 4.27
CA THR B 195 30.46 -10.54 4.25
C THR B 195 30.78 -11.54 3.13
N GLY B 196 29.87 -12.51 2.93
CA GLY B 196 29.97 -13.47 1.82
C GLY B 196 29.98 -12.81 0.44
N TRP B 197 29.17 -11.76 0.30
CA TRP B 197 29.11 -10.99 -0.92
C TRP B 197 30.46 -10.31 -1.16
N ASP B 198 30.96 -9.61 -0.14
CA ASP B 198 32.28 -8.95 -0.20
C ASP B 198 33.38 -9.95 -0.57
N ASN B 199 33.43 -11.07 0.14
CA ASN B 199 34.45 -12.09 -0.13
C ASN B 199 34.35 -12.66 -1.54
N MET B 200 33.14 -12.95 -2.00
CA MET B 200 32.95 -13.47 -3.35
C MET B 200 33.38 -12.47 -4.40
N PHE B 201 32.94 -11.22 -4.24
CA PHE B 201 33.29 -10.18 -5.22
C PHE B 201 34.80 -9.99 -5.29
N GLU B 202 35.45 -9.85 -4.13
CA GLU B 202 36.91 -9.66 -4.10
C GLU B 202 37.62 -10.85 -4.76
N GLY B 203 37.09 -12.06 -4.56
CA GLY B 203 37.65 -13.24 -5.24
C GLY B 203 37.54 -13.16 -6.75
N ILE B 204 36.40 -12.72 -7.26
CA ILE B 204 36.17 -12.60 -8.70
C ILE B 204 37.06 -11.50 -9.30
N ALA B 205 37.14 -10.36 -8.60
CA ALA B 205 37.99 -9.25 -9.06
C ALA B 205 39.45 -9.68 -9.14
N ARG B 206 39.92 -10.37 -8.12
CA ARG B 206 41.29 -10.91 -8.10
C ARG B 206 41.52 -11.84 -9.27
N TYR B 207 40.58 -12.79 -9.45
CA TYR B 207 40.69 -13.79 -10.50
C TYR B 207 41.01 -13.14 -11.85
N PHE B 208 40.27 -12.09 -12.20
CA PHE B 208 40.36 -11.47 -13.52
C PHE B 208 41.40 -10.37 -13.67
N THR B 209 42.00 -9.90 -12.58
CA THR B 209 42.89 -8.74 -12.67
C THR B 209 44.27 -8.84 -12.02
N LEU B 210 44.47 -9.70 -11.02
CA LEU B 210 45.70 -9.65 -10.22
C LEU B 210 46.97 -9.89 -11.04
N LYS B 211 46.93 -10.87 -11.95
CA LYS B 211 48.09 -11.24 -12.74
C LYS B 211 48.29 -10.41 -14.02
N SER B 212 47.35 -9.53 -14.36
CA SER B 212 47.42 -8.77 -15.62
C SER B 212 47.54 -7.26 -15.42
N MET B 213 47.96 -6.84 -14.23
CA MET B 213 48.05 -5.42 -13.89
C MET B 213 49.06 -4.62 -14.74
N ASP B 214 50.08 -5.28 -15.29
CA ASP B 214 51.17 -4.58 -16.00
C ASP B 214 50.73 -3.68 -17.15
N ASP B 215 49.63 -4.01 -17.84
CA ASP B 215 49.20 -3.18 -18.99
C ASP B 215 48.09 -2.17 -18.65
N LYS B 216 47.70 -2.09 -17.38
CA LYS B 216 46.58 -1.24 -16.97
C LYS B 216 47.02 0.18 -16.67
N VAL B 217 46.17 1.13 -17.04
CA VAL B 217 46.43 2.55 -16.81
C VAL B 217 45.13 3.13 -16.26
N VAL B 218 45.18 3.67 -15.04
CA VAL B 218 44.00 4.24 -14.40
C VAL B 218 43.43 5.36 -15.28
N GLY B 219 42.13 5.27 -15.54
CA GLY B 219 41.39 6.25 -16.32
C GLY B 219 41.37 6.06 -17.83
N SER B 220 42.06 5.05 -18.34
CA SER B 220 42.23 4.89 -19.79
C SER B 220 40.94 4.53 -20.55
N ASN B 221 39.99 3.86 -19.89
CA ASN B 221 38.69 3.55 -20.52
C ASN B 221 37.59 4.59 -20.28
N LYS B 222 37.89 5.60 -19.45
CA LYS B 222 36.98 6.72 -19.14
C LYS B 222 35.64 6.37 -18.50
N LYS B 223 35.59 5.22 -17.82
CA LYS B 223 34.40 4.79 -17.11
C LYS B 223 34.60 4.83 -15.61
N ILE B 224 33.48 4.74 -14.89
CA ILE B 224 33.48 4.53 -13.45
C ILE B 224 32.90 3.14 -13.17
N ASN B 225 33.63 2.33 -12.40
CA ASN B 225 33.08 1.07 -11.92
C ASN B 225 32.10 1.33 -10.78
N ILE B 226 31.01 0.57 -10.76
CA ILE B 226 30.03 0.65 -9.69
C ILE B 226 29.92 -0.74 -9.10
N VAL B 227 30.15 -0.87 -7.80
CA VAL B 227 29.96 -2.15 -7.09
C VAL B 227 28.73 -2.00 -6.19
N PRO B 228 27.67 -2.78 -6.44
CA PRO B 228 26.42 -2.50 -5.71
C PRO B 228 26.32 -3.14 -4.33
N GLY B 229 27.10 -4.20 -4.08
CA GLY B 229 26.91 -5.01 -2.89
C GLY B 229 25.64 -5.83 -2.93
N PHE B 230 25.33 -6.48 -1.80
CA PHE B 230 24.19 -7.32 -1.58
C PHE B 230 22.94 -6.49 -1.71
N GLU B 231 22.17 -6.76 -2.77
CA GLU B 231 21.08 -5.89 -3.18
C GLU B 231 19.95 -6.77 -3.71
N THR B 232 18.76 -6.59 -3.11
CA THR B 232 17.63 -7.47 -3.41
C THR B 232 16.40 -6.70 -3.89
N TYR B 233 16.60 -5.44 -4.30
CA TYR B 233 15.59 -4.67 -5.01
C TYR B 233 16.04 -4.45 -6.45
N LEU B 234 15.28 -4.96 -7.40
CA LEU B 234 15.58 -4.81 -8.83
C LEU B 234 15.66 -3.34 -9.20
N GLY B 235 14.82 -2.52 -8.58
CA GLY B 235 14.80 -1.09 -8.88
C GLY B 235 16.08 -0.34 -8.58
N ASN B 236 16.87 -0.87 -7.66
CA ASN B 236 18.14 -0.29 -7.27
C ASN B 236 19.25 -0.49 -8.29
N PHE B 237 19.35 -1.68 -8.88
CA PHE B 237 20.29 -1.87 -10.00
C PHE B 237 19.87 -0.95 -11.14
N ARG B 238 18.57 -0.90 -11.39
CA ARG B 238 18.01 -0.17 -12.51
C ARG B 238 18.17 1.34 -12.38
N VAL B 239 17.89 1.90 -11.20
CA VAL B 239 17.97 3.35 -11.02
C VAL B 239 19.41 3.87 -11.17
N ILE B 240 20.38 3.11 -10.67
CA ILE B 240 21.78 3.51 -10.76
C ILE B 240 22.19 3.56 -12.22
N LYS B 241 21.87 2.52 -12.97
CA LYS B 241 22.18 2.50 -14.41
C LYS B 241 21.45 3.63 -15.17
N ARG B 242 20.19 3.86 -14.80
CA ARG B 242 19.41 4.91 -15.43
C ARG B 242 19.99 6.30 -15.18
N MET B 243 20.36 6.60 -13.94
CA MET B 243 20.93 7.92 -13.60
C MET B 243 22.27 8.16 -14.30
N LEU B 244 23.13 7.14 -14.32
CA LEU B 244 24.44 7.30 -14.97
C LEU B 244 24.29 7.48 -16.49
N SER B 245 23.35 6.73 -17.08
CA SER B 245 23.05 6.88 -18.51
C SER B 245 22.51 8.27 -18.86
N GLU B 246 21.60 8.80 -18.03
N GLU B 246 21.63 8.82 -18.04
CA GLU B 246 21.06 10.15 -18.18
CA GLU B 246 21.08 10.14 -18.35
C GLU B 246 22.15 11.21 -18.13
C GLU B 246 22.11 11.26 -18.09
N MET B 247 23.16 10.98 -17.31
CA MET B 247 24.32 11.87 -17.17
C MET B 247 25.33 11.76 -18.32
N GLY B 248 25.22 10.71 -19.14
CA GLY B 248 26.20 10.44 -20.17
C GLY B 248 27.51 9.97 -19.58
N VAL B 249 27.45 9.29 -18.44
CA VAL B 249 28.63 8.78 -17.74
C VAL B 249 28.90 7.34 -18.17
N GLY B 250 30.11 7.09 -18.64
CA GLY B 250 30.58 5.73 -18.92
C GLY B 250 30.75 4.96 -17.62
N TYR B 251 30.23 3.75 -17.57
CA TYR B 251 30.22 3.00 -16.33
C TYR B 251 30.23 1.51 -16.60
N SER B 252 30.55 0.75 -15.56
N SER B 252 30.57 0.76 -15.56
CA SER B 252 30.47 -0.70 -15.58
CA SER B 252 30.46 -0.70 -15.57
C SER B 252 29.90 -1.15 -14.25
C SER B 252 29.88 -1.12 -14.23
N LEU B 253 28.70 -1.73 -14.26
CA LEU B 253 28.07 -2.23 -13.03
C LEU B 253 28.60 -3.65 -12.81
N LEU B 254 29.37 -3.81 -11.73
CA LEU B 254 30.07 -5.07 -11.43
C LEU B 254 29.29 -5.92 -10.42
N SER B 255 28.74 -7.03 -10.93
CA SER B 255 27.67 -7.85 -10.33
C SER B 255 26.33 -7.17 -10.57
N ASP B 256 25.63 -7.62 -11.61
CA ASP B 256 24.33 -7.07 -12.01
C ASP B 256 23.35 -8.22 -12.32
N PRO B 257 22.57 -8.64 -11.31
CA PRO B 257 21.67 -9.75 -11.47
C PRO B 257 20.26 -9.34 -11.95
N GLU B 258 20.08 -8.11 -12.43
CA GLU B 258 18.70 -7.63 -12.63
C GLU B 258 17.99 -8.39 -13.75
N GLU B 259 18.72 -8.83 -14.78
CA GLU B 259 18.10 -9.62 -15.85
C GLU B 259 17.76 -11.05 -15.42
N VAL B 260 18.68 -11.71 -14.72
CA VAL B 260 18.50 -13.10 -14.33
C VAL B 260 17.45 -13.28 -13.22
N LEU B 261 17.18 -12.21 -12.47
CA LEU B 261 16.15 -12.20 -11.43
C LEU B 261 14.81 -11.61 -11.94
N ASP B 262 14.66 -11.47 -13.25
CA ASP B 262 13.42 -10.89 -13.83
C ASP B 262 13.23 -11.31 -15.30
N THR B 263 13.29 -12.61 -15.56
CA THR B 263 13.13 -13.10 -16.92
C THR B 263 11.64 -13.13 -17.27
N PRO B 264 11.31 -12.91 -18.55
CA PRO B 264 9.90 -12.95 -18.94
C PRO B 264 9.33 -14.36 -18.95
N ALA B 265 8.04 -14.47 -18.67
CA ALA B 265 7.30 -15.74 -18.80
C ALA B 265 6.73 -15.80 -20.22
N ASP B 266 7.55 -16.30 -21.13
CA ASP B 266 7.21 -16.33 -22.56
C ASP B 266 7.31 -17.73 -23.18
N GLY B 267 7.33 -18.76 -22.35
CA GLY B 267 7.32 -20.15 -22.80
C GLY B 267 8.67 -20.83 -22.75
N GLN B 268 9.72 -20.11 -22.36
CA GLN B 268 11.00 -20.78 -22.11
C GLN B 268 11.62 -20.35 -20.80
N PHE B 269 12.35 -21.29 -20.20
CA PHE B 269 13.15 -21.02 -19.01
C PHE B 269 14.54 -20.61 -19.44
N ARG B 270 15.03 -19.50 -18.91
CA ARG B 270 16.39 -19.00 -19.21
C ARG B 270 17.19 -19.13 -17.94
N MET B 271 18.09 -20.13 -17.86
CA MET B 271 18.89 -20.30 -16.65
C MET B 271 19.78 -19.08 -16.38
N TYR B 272 20.29 -18.46 -17.43
CA TYR B 272 21.16 -17.28 -17.34
C TYR B 272 20.54 -16.16 -18.16
N ALA B 273 20.70 -14.92 -17.70
CA ALA B 273 20.35 -13.74 -18.50
C ALA B 273 21.16 -12.55 -18.04
N GLY B 274 21.65 -11.76 -18.99
CA GLY B 274 22.37 -10.52 -18.67
C GLY B 274 23.65 -10.73 -17.87
N GLY B 275 23.92 -9.80 -16.96
CA GLY B 275 25.05 -9.91 -16.03
C GLY B 275 26.30 -9.20 -16.49
N THR B 276 27.17 -8.91 -15.54
CA THR B 276 28.49 -8.34 -15.81
C THR B 276 29.32 -9.30 -16.66
N THR B 277 29.94 -8.78 -17.72
CA THR B 277 30.71 -9.65 -18.61
C THR B 277 32.12 -9.88 -18.05
N GLN B 278 32.77 -10.95 -18.50
CA GLN B 278 34.17 -11.18 -18.11
C GLN B 278 35.07 -10.04 -18.61
N GLU B 279 34.73 -9.54 -19.79
CA GLU B 279 35.46 -8.45 -20.42
C GLU B 279 35.39 -7.19 -19.56
N GLU B 280 34.23 -6.94 -18.93
CA GLU B 280 34.10 -5.81 -18.00
C GLU B 280 34.96 -5.96 -16.75
N MET B 281 35.03 -7.17 -16.19
CA MET B 281 35.89 -7.40 -15.04
C MET B 281 37.36 -7.26 -15.42
N LYS B 282 37.76 -7.84 -16.56
CA LYS B 282 39.16 -7.73 -17.03
C LYS B 282 39.62 -6.29 -17.27
N ASP B 283 38.70 -5.46 -17.76
CA ASP B 283 39.00 -4.06 -18.12
C ASP B 283 38.79 -3.10 -16.95
N ALA B 284 38.21 -3.58 -15.84
CA ALA B 284 37.86 -2.71 -14.69
C ALA B 284 39.01 -1.85 -14.12
N PRO B 285 40.25 -2.38 -14.05
CA PRO B 285 41.34 -1.52 -13.56
C PRO B 285 41.61 -0.27 -14.42
N ASN B 286 41.19 -0.27 -15.67
CA ASN B 286 41.32 0.90 -16.55
C ASN B 286 40.31 2.00 -16.32
N ALA B 287 39.35 1.79 -15.42
CA ALA B 287 38.40 2.84 -15.02
C ALA B 287 39.08 4.03 -14.36
N LEU B 288 38.39 5.17 -14.41
CA LEU B 288 38.79 6.37 -13.68
C LEU B 288 38.87 6.09 -12.19
N ASN B 289 37.89 5.32 -11.70
CA ASN B 289 37.73 5.06 -10.28
C ASN B 289 36.66 3.99 -10.10
N THR B 290 36.46 3.59 -8.85
CA THR B 290 35.48 2.60 -8.47
C THR B 290 34.68 3.19 -7.30
N VAL B 291 33.36 3.19 -7.46
CA VAL B 291 32.42 3.64 -6.43
C VAL B 291 31.73 2.44 -5.82
N LEU B 292 31.75 2.37 -4.49
CA LEU B 292 31.10 1.31 -3.71
C LEU B 292 29.75 1.82 -3.21
N LEU B 293 28.64 1.21 -3.62
CA LEU B 293 27.33 1.71 -3.23
C LEU B 293 26.99 1.41 -1.77
N GLN B 294 27.60 0.35 -1.21
CA GLN B 294 27.32 -0.10 0.14
C GLN B 294 28.65 -0.37 0.84
N PRO B 295 29.36 0.72 1.20
CA PRO B 295 30.75 0.57 1.66
C PRO B 295 30.93 -0.21 2.96
N TRP B 296 29.93 -0.23 3.83
CA TRP B 296 30.06 -0.88 5.12
C TRP B 296 30.08 -2.40 5.07
N HIS B 297 29.75 -3.00 3.92
CA HIS B 297 30.09 -4.42 3.70
C HIS B 297 30.94 -4.68 2.47
N LEU B 298 31.73 -3.70 2.05
CA LEU B 298 32.63 -3.87 0.92
C LEU B 298 34.07 -3.50 1.29
N GLU B 299 34.44 -3.75 2.54
CA GLU B 299 35.76 -3.35 3.08
C GLU B 299 36.91 -4.16 2.47
N LYS B 300 36.72 -5.46 2.29
CA LYS B 300 37.74 -6.28 1.62
C LYS B 300 37.89 -5.88 0.15
N THR B 301 36.77 -5.72 -0.54
CA THR B 301 36.78 -5.25 -1.92
C THR B 301 37.50 -3.90 -2.02
N LYS B 302 37.20 -2.97 -1.11
CA LYS B 302 37.85 -1.67 -1.13
C LYS B 302 39.36 -1.77 -1.05
N LYS B 303 39.88 -2.58 -0.13
CA LYS B 303 41.32 -2.77 0.03
C LYS B 303 41.95 -3.32 -1.23
N PHE B 304 41.26 -4.23 -1.93
CA PHE B 304 41.80 -4.78 -3.17
C PHE B 304 41.80 -3.75 -4.28
N VAL B 305 40.69 -3.04 -4.43
CA VAL B 305 40.55 -2.01 -5.44
C VAL B 305 41.58 -0.88 -5.23
N GLU B 306 41.77 -0.47 -3.98
CA GLU B 306 42.78 0.56 -3.69
C GLU B 306 44.21 0.03 -3.80
N GLY B 307 44.47 -1.13 -3.21
CA GLY B 307 45.83 -1.67 -3.14
C GLY B 307 46.36 -2.21 -4.46
N THR B 308 45.49 -2.81 -5.27
CA THR B 308 45.89 -3.42 -6.54
C THR B 308 45.52 -2.56 -7.76
N TRP B 309 44.26 -2.13 -7.88
CA TRP B 309 43.86 -1.31 -9.03
C TRP B 309 44.33 0.14 -8.95
N LYS B 310 44.73 0.59 -7.75
CA LYS B 310 45.21 1.96 -7.51
C LYS B 310 44.13 3.03 -7.72
N HIS B 311 42.88 2.66 -7.45
CA HIS B 311 41.75 3.59 -7.53
C HIS B 311 41.58 4.28 -6.19
N GLU B 312 41.34 5.59 -6.21
CA GLU B 312 41.15 6.36 -4.98
C GLU B 312 39.64 6.37 -4.69
N VAL B 313 39.16 5.26 -4.13
CA VAL B 313 37.74 5.05 -3.91
C VAL B 313 37.19 6.19 -3.06
N PRO B 314 36.18 6.91 -3.59
CA PRO B 314 35.67 8.07 -2.83
C PRO B 314 34.90 7.65 -1.58
N LYS B 315 34.96 8.50 -0.55
CA LYS B 315 34.20 8.29 0.68
C LYS B 315 32.79 8.80 0.45
N LEU B 316 31.94 7.89 -0.01
CA LEU B 316 30.53 8.17 -0.23
C LEU B 316 29.69 7.24 0.61
N ASN B 317 28.62 7.79 1.16
CA ASN B 317 27.58 6.99 1.76
C ASN B 317 26.74 6.38 0.63
N ILE B 318 26.01 5.33 0.99
CA ILE B 318 24.96 4.77 0.12
C ILE B 318 24.08 5.91 -0.42
N PRO B 319 23.75 5.88 -1.72
CA PRO B 319 22.93 6.98 -2.28
C PRO B 319 21.44 6.82 -1.97
N MET B 320 21.10 7.12 -0.71
CA MET B 320 19.73 7.05 -0.20
C MET B 320 19.38 8.38 0.40
N GLY B 321 18.16 8.84 0.12
CA GLY B 321 17.73 10.13 0.59
C GLY B 321 18.26 11.25 -0.28
N LEU B 322 17.97 12.46 0.15
CA LEU B 322 18.27 13.64 -0.65
C LEU B 322 19.76 13.99 -0.65
N ASP B 323 20.34 14.21 0.53
CA ASP B 323 21.74 14.66 0.64
C ASP B 323 22.72 13.66 0.05
N TRP B 324 22.55 12.38 0.36
CA TRP B 324 23.49 11.36 -0.11
C TRP B 324 23.33 11.03 -1.60
N THR B 325 22.14 11.23 -2.16
CA THR B 325 21.98 11.13 -3.62
C THR B 325 22.66 12.32 -4.27
N ASP B 326 22.48 13.51 -3.70
CA ASP B 326 23.18 14.71 -4.18
C ASP B 326 24.70 14.48 -4.21
N GLU B 327 25.24 13.95 -3.12
CA GLU B 327 26.67 13.76 -2.95
C GLU B 327 27.23 12.77 -3.97
N PHE B 328 26.49 11.69 -4.18
CA PHE B 328 26.82 10.67 -5.16
C PHE B 328 26.91 11.29 -6.56
N LEU B 329 25.86 12.02 -6.96
CA LEU B 329 25.84 12.62 -8.28
C LEU B 329 26.94 13.66 -8.46
N MET B 330 27.20 14.46 -7.41
CA MET B 330 28.28 15.45 -7.46
C MET B 330 29.65 14.79 -7.57
N LYS B 331 29.86 13.68 -6.88
CA LYS B 331 31.13 12.97 -6.97
C LYS B 331 31.31 12.32 -8.35
N VAL B 332 30.25 11.68 -8.85
CA VAL B 332 30.25 11.10 -10.20
C VAL B 332 30.53 12.18 -11.26
N SER B 333 29.93 13.37 -11.09
CA SER B 333 30.19 14.50 -11.96
C SER B 333 31.68 14.89 -11.96
N GLU B 334 32.25 14.98 -10.76
CA GLU B 334 33.64 15.38 -10.60
C GLU B 334 34.58 14.37 -11.27
N ILE B 335 34.32 13.08 -11.02
CA ILE B 335 35.16 12.00 -11.58
C ILE B 335 35.03 11.93 -13.10
N SER B 336 33.80 11.98 -13.60
CA SER B 336 33.53 11.78 -15.03
C SER B 336 33.71 13.02 -15.88
N GLY B 337 33.64 14.21 -15.26
CA GLY B 337 33.60 15.46 -15.99
C GLY B 337 32.26 15.75 -16.65
N GLN B 338 31.23 14.96 -16.35
CA GLN B 338 29.91 15.17 -16.93
C GLN B 338 29.11 16.04 -15.97
N PRO B 339 28.45 17.09 -16.50
CA PRO B 339 27.57 17.84 -15.62
C PRO B 339 26.33 17.04 -15.23
N ILE B 340 25.73 17.41 -14.11
CA ILE B 340 24.44 16.84 -13.71
C ILE B 340 23.39 17.44 -14.67
N PRO B 341 22.69 16.59 -15.43
CA PRO B 341 21.75 17.08 -16.44
C PRO B 341 20.45 17.61 -15.86
N ALA B 342 19.76 18.39 -16.67
CA ALA B 342 18.46 18.99 -16.32
C ALA B 342 17.43 17.97 -15.85
N SER B 343 17.45 16.77 -16.42
CA SER B 343 16.49 15.73 -16.04
C SER B 343 16.62 15.33 -14.57
N LEU B 344 17.85 15.10 -14.11
CA LEU B 344 18.11 14.78 -12.71
C LEU B 344 17.87 15.96 -11.78
N THR B 345 18.19 17.17 -12.21
CA THR B 345 17.88 18.36 -11.40
C THR B 345 16.38 18.48 -11.17
N LYS B 346 15.59 18.22 -12.22
CA LYS B 346 14.14 18.29 -12.10
C LYS B 346 13.61 17.19 -11.18
N GLU B 347 14.11 15.97 -11.36
CA GLU B 347 13.73 14.84 -10.49
C GLU B 347 13.97 15.15 -9.01
N ARG B 348 15.16 15.67 -8.71
CA ARG B 348 15.48 16.12 -7.35
C ARG B 348 14.40 17.09 -6.83
N GLY B 349 14.05 18.07 -7.63
CA GLY B 349 13.05 19.08 -7.22
C GLY B 349 11.65 18.53 -7.06
N ARG B 350 11.34 17.46 -7.81
CA ARG B 350 10.09 16.75 -7.63
C ARG B 350 10.05 15.98 -6.31
N LEU B 351 11.18 15.40 -5.92
CA LEU B 351 11.28 14.78 -4.58
C LEU B 351 11.08 15.83 -3.51
N VAL B 352 11.74 16.99 -3.67
CA VAL B 352 11.61 18.04 -2.68
C VAL B 352 10.17 18.52 -2.65
N ASP B 353 9.51 18.61 -3.80
CA ASP B 353 8.10 18.99 -3.80
C ASP B 353 7.26 18.01 -2.97
N MET B 354 7.49 16.73 -3.18
CA MET B 354 6.74 15.70 -2.42
C MET B 354 7.01 15.84 -0.93
N MET B 355 8.24 16.16 -0.56
CA MET B 355 8.58 16.38 0.85
C MET B 355 7.79 17.56 1.42
N THR B 356 7.72 18.66 0.68
CA THR B 356 6.93 19.82 1.14
C THR B 356 5.44 19.46 1.25
N ASP B 357 4.92 18.65 0.32
CA ASP B 357 3.51 18.27 0.32
C ASP B 357 3.11 17.36 1.47
N SER B 358 4.06 16.53 1.94
CA SER B 358 3.75 15.46 2.89
C SER B 358 4.35 15.68 4.28
N HIS B 359 5.07 16.79 4.48
CA HIS B 359 5.80 16.99 5.73
C HIS B 359 4.93 17.03 6.97
N THR B 360 3.69 17.48 6.86
CA THR B 360 2.88 17.63 8.07
C THR B 360 2.43 16.29 8.67
N TRP B 361 2.27 15.25 7.85
CA TRP B 361 1.91 13.93 8.37
C TRP B 361 3.13 13.13 8.82
N LEU B 362 4.28 13.42 8.21
CA LEU B 362 5.54 12.76 8.56
C LEU B 362 6.15 13.31 9.85
N HIS B 363 5.93 14.60 10.12
CA HIS B 363 6.64 15.26 11.18
C HIS B 363 6.52 14.58 12.55
N GLY B 364 7.66 14.28 13.17
CA GLY B 364 7.66 13.68 14.49
C GLY B 364 7.22 12.23 14.61
N LYS B 365 6.93 11.57 13.50
CA LYS B 365 6.54 10.15 13.54
C LYS B 365 7.74 9.31 13.95
N ARG B 366 7.49 8.34 14.82
CA ARG B 366 8.52 7.53 15.46
C ARG B 366 8.60 6.15 14.81
N PHE B 367 9.81 5.73 14.47
CA PHE B 367 10.03 4.44 13.82
C PHE B 367 11.04 3.55 14.54
N ALA B 368 10.74 2.26 14.52
CA ALA B 368 11.73 1.21 14.78
C ALA B 368 12.05 0.60 13.44
N LEU B 369 13.30 0.21 13.23
CA LEU B 369 13.74 -0.25 11.94
C LEU B 369 14.97 -1.14 12.06
N TRP B 370 15.13 -1.98 11.04
CA TRP B 370 16.28 -2.91 10.97
C TRP B 370 16.63 -3.27 9.55
N GLY B 371 17.75 -3.97 9.40
CA GLY B 371 18.28 -4.33 8.09
C GLY B 371 19.78 -4.38 8.12
N ASP B 372 20.36 -4.42 6.93
CA ASP B 372 21.82 -4.45 6.78
C ASP B 372 22.36 -3.04 7.02
N PRO B 373 23.67 -2.92 7.35
CA PRO B 373 24.20 -1.64 7.83
C PRO B 373 24.00 -0.43 6.92
N ASP B 374 24.31 -0.58 5.63
CA ASP B 374 24.19 0.53 4.69
C ASP B 374 22.73 0.90 4.46
N PHE B 375 21.88 -0.10 4.26
CA PHE B 375 20.41 0.15 4.12
C PHE B 375 19.88 0.89 5.34
N VAL B 376 20.26 0.43 6.53
CA VAL B 376 19.77 1.04 7.77
C VAL B 376 20.19 2.50 7.91
N MET B 377 21.47 2.78 7.64
CA MET B 377 21.96 4.16 7.81
C MET B 377 21.35 5.11 6.77
N GLY B 378 21.12 4.62 5.56
CA GLY B 378 20.43 5.41 4.54
C GLY B 378 18.98 5.69 4.92
N LEU B 379 18.32 4.69 5.47
CA LEU B 379 16.94 4.88 5.92
C LEU B 379 16.88 5.89 7.07
N VAL B 380 17.80 5.77 8.02
CA VAL B 380 17.90 6.71 9.15
C VAL B 380 18.10 8.13 8.63
N LYS B 381 19.04 8.31 7.70
CA LYS B 381 19.35 9.62 7.15
C LYS B 381 18.12 10.23 6.48
N PHE B 382 17.46 9.45 5.64
CA PHE B 382 16.26 9.94 4.95
C PHE B 382 15.13 10.25 5.92
N LEU B 383 14.98 9.42 6.94
CA LEU B 383 13.96 9.70 7.98
C LEU B 383 14.24 11.05 8.64
N LEU B 384 15.50 11.34 8.95
CA LEU B 384 15.83 12.64 9.54
C LEU B 384 15.50 13.78 8.59
N GLU B 385 15.77 13.58 7.31
CA GLU B 385 15.44 14.56 6.26
C GLU B 385 13.94 14.85 6.16
N LEU B 386 13.12 13.83 6.43
CA LEU B 386 11.67 13.95 6.45
C LEU B 386 11.10 14.53 7.75
N GLY B 387 11.94 14.82 8.73
CA GLY B 387 11.48 15.26 10.05
C GLY B 387 10.86 14.17 10.91
N CYS B 388 11.25 12.91 10.67
CA CYS B 388 10.81 11.78 11.49
C CYS B 388 11.89 11.42 12.50
N GLU B 389 11.49 10.68 13.54
CA GLU B 389 12.39 10.22 14.59
C GLU B 389 12.66 8.73 14.52
N PRO B 390 13.87 8.32 14.09
CA PRO B 390 14.19 6.88 14.02
C PRO B 390 14.66 6.34 15.37
N VAL B 391 13.71 6.09 16.27
CA VAL B 391 14.04 5.89 17.68
C VAL B 391 14.74 4.58 18.05
N HIS B 392 14.37 3.47 17.39
CA HIS B 392 15.02 2.16 17.58
C HIS B 392 15.66 1.74 16.26
N ILE B 393 16.98 1.76 16.22
CA ILE B 393 17.76 1.42 15.02
C ILE B 393 18.52 0.14 15.33
N LEU B 394 18.13 -0.97 14.68
CA LEU B 394 18.68 -2.29 15.01
C LEU B 394 19.40 -2.82 13.80
N CYS B 395 20.67 -3.15 13.97
CA CYS B 395 21.44 -3.79 12.92
C CYS B 395 22.19 -4.95 13.52
N HIS B 396 21.62 -6.14 13.36
CA HIS B 396 22.14 -7.35 13.99
C HIS B 396 23.60 -7.60 13.59
N ASN B 397 23.87 -7.41 12.30
CA ASN B 397 25.18 -7.60 11.73
C ASN B 397 26.00 -6.33 11.61
N GLY B 398 25.70 -5.33 12.44
CA GLY B 398 26.45 -4.08 12.48
C GLY B 398 27.72 -4.21 13.30
N ASN B 399 28.63 -3.26 13.16
CA ASN B 399 29.85 -3.24 13.96
C ASN B 399 30.02 -1.92 14.71
N LYS B 400 31.01 -1.88 15.59
CA LYS B 400 31.23 -0.72 16.45
C LYS B 400 31.53 0.56 15.68
N ARG B 401 32.36 0.46 14.63
CA ARG B 401 32.70 1.61 13.79
C ARG B 401 31.48 2.17 13.07
N TRP B 402 30.68 1.27 12.50
CA TRP B 402 29.41 1.64 11.89
C TRP B 402 28.49 2.36 12.88
N LYS B 403 28.32 1.77 14.07
CA LYS B 403 27.48 2.40 15.11
C LYS B 403 27.92 3.83 15.45
N LYS B 404 29.24 4.04 15.54
CA LYS B 404 29.79 5.39 15.74
C LYS B 404 29.39 6.35 14.60
N ALA B 405 29.47 5.86 13.36
CA ALA B 405 29.07 6.66 12.21
C ALA B 405 27.59 7.01 12.25
N VAL B 406 26.74 6.06 12.64
CA VAL B 406 25.30 6.35 12.71
C VAL B 406 25.00 7.32 13.86
N ASP B 407 25.64 7.11 15.01
CA ASP B 407 25.49 8.02 16.13
C ASP B 407 25.88 9.47 15.75
N ALA B 408 26.90 9.62 14.92
CA ALA B 408 27.28 10.95 14.39
C ALA B 408 26.18 11.59 13.53
N ILE B 409 25.56 10.77 12.68
CA ILE B 409 24.46 11.21 11.83
C ILE B 409 23.29 11.69 12.70
N LEU B 410 22.99 10.93 13.77
CA LEU B 410 21.90 11.29 14.69
C LEU B 410 22.20 12.61 15.37
N ALA B 411 23.45 12.79 15.82
CA ALA B 411 23.93 14.07 16.40
C ALA B 411 23.80 15.31 15.49
N ALA B 412 23.87 15.15 14.17
CA ALA B 412 23.80 16.27 13.23
C ALA B 412 22.39 16.83 13.04
N SER B 413 21.36 16.13 13.57
CA SER B 413 19.97 16.55 13.45
C SER B 413 19.22 16.53 14.79
N PRO B 414 18.36 17.55 15.05
CA PRO B 414 17.47 17.49 16.24
C PRO B 414 16.51 16.30 16.27
N TYR B 415 16.22 15.73 15.11
CA TYR B 415 15.32 14.58 14.99
C TYR B 415 15.96 13.27 15.44
N GLY B 416 17.26 13.29 15.74
CA GLY B 416 17.97 12.14 16.28
C GLY B 416 18.06 12.07 17.79
N LYS B 417 17.51 13.05 18.50
CA LYS B 417 17.67 13.16 19.95
C LYS B 417 17.17 11.97 20.77
N ASN B 418 16.13 11.28 20.30
CA ASN B 418 15.50 10.19 21.05
C ASN B 418 15.81 8.81 20.44
N ALA B 419 16.87 8.75 19.64
CA ALA B 419 17.25 7.54 18.90
C ALA B 419 18.42 6.78 19.56
N THR B 420 18.36 5.45 19.54
CA THR B 420 19.46 4.59 19.95
C THR B 420 19.74 3.57 18.86
N VAL B 421 21.02 3.32 18.63
CA VAL B 421 21.50 2.36 17.65
C VAL B 421 21.95 1.09 18.41
N TYR B 422 21.49 -0.07 17.93
CA TYR B 422 21.75 -1.37 18.54
C TYR B 422 22.45 -2.28 17.53
N ILE B 423 23.59 -2.83 17.94
CA ILE B 423 24.31 -3.82 17.14
C ILE B 423 24.39 -5.13 17.91
N GLY B 424 24.39 -6.24 17.20
CA GLY B 424 24.42 -7.56 17.82
C GLY B 424 23.10 -8.01 18.42
N LYS B 425 22.06 -7.19 18.31
CA LYS B 425 20.75 -7.50 18.89
C LYS B 425 19.82 -8.00 17.79
N ASP B 426 18.77 -8.72 18.19
CA ASP B 426 17.93 -9.48 17.28
C ASP B 426 16.50 -8.98 17.39
N LEU B 427 15.57 -9.62 16.69
CA LEU B 427 14.18 -9.19 16.67
C LEU B 427 13.42 -9.51 17.95
N TRP B 428 13.95 -10.40 18.81
CA TRP B 428 13.37 -10.59 20.13
C TRP B 428 13.76 -9.40 21.04
N HIS B 429 14.97 -8.89 20.85
CA HIS B 429 15.35 -7.63 21.49
C HIS B 429 14.45 -6.48 21.00
N LEU B 430 14.27 -6.38 19.69
CA LEU B 430 13.47 -5.29 19.13
C LEU B 430 12.02 -5.33 19.63
N ARG B 431 11.46 -6.54 19.71
CA ARG B 431 10.12 -6.73 20.28
C ARG B 431 9.97 -6.02 21.64
N SER B 432 10.95 -6.19 22.52
CA SER B 432 10.89 -5.56 23.83
C SER B 432 10.85 -4.04 23.66
N LEU B 433 11.70 -3.50 22.80
CA LEU B 433 11.76 -2.03 22.63
C LEU B 433 10.44 -1.44 22.12
N VAL B 434 9.75 -2.14 21.22
CA VAL B 434 8.48 -1.63 20.70
C VAL B 434 7.33 -1.73 21.70
N PHE B 435 7.49 -2.53 22.75
CA PHE B 435 6.57 -2.53 23.89
C PHE B 435 6.89 -1.42 24.90
N THR B 436 8.17 -1.31 25.29
CA THR B 436 8.56 -0.44 26.39
C THR B 436 8.67 1.04 25.99
N ASP B 437 8.99 1.28 24.72
CA ASP B 437 9.15 2.64 24.16
C ASP B 437 8.49 2.63 22.77
N LYS B 438 7.16 2.57 22.78
CA LYS B 438 6.36 2.29 21.59
C LYS B 438 6.53 3.35 20.50
N PRO B 439 6.97 2.95 19.29
CA PRO B 439 7.00 3.87 18.17
C PRO B 439 5.67 3.85 17.44
N ASP B 440 5.55 4.62 16.38
CA ASP B 440 4.32 4.64 15.59
C ASP B 440 4.29 3.47 14.60
N PHE B 441 5.44 3.16 14.00
CA PHE B 441 5.56 2.07 13.02
C PHE B 441 6.89 1.37 13.14
N MET B 442 6.95 0.17 12.56
CA MET B 442 8.20 -0.49 12.24
C MET B 442 8.43 -0.43 10.76
N ILE B 443 9.69 -0.26 10.36
CA ILE B 443 10.12 -0.45 8.97
C ILE B 443 11.07 -1.61 8.95
N GLY B 444 10.68 -2.71 8.29
CA GLY B 444 11.48 -3.92 8.38
C GLY B 444 11.03 -4.99 7.41
N ASN B 445 11.58 -6.19 7.56
CA ASN B 445 11.26 -7.29 6.65
C ASN B 445 10.10 -8.13 7.17
N SER B 446 9.76 -9.22 6.48
CA SER B 446 8.56 -9.98 6.82
C SER B 446 8.58 -10.58 8.23
N TYR B 447 9.77 -10.80 8.79
CA TYR B 447 9.86 -11.29 10.17
C TYR B 447 9.25 -10.30 11.17
N GLY B 448 9.16 -9.03 10.80
CA GLY B 448 8.45 -8.05 11.62
C GLY B 448 6.97 -8.32 11.84
N LYS B 449 6.33 -9.12 10.99
CA LYS B 449 4.89 -9.36 11.15
C LYS B 449 4.56 -10.00 12.50
N PHE B 450 5.49 -10.81 13.01
CA PHE B 450 5.24 -11.49 14.27
C PHE B 450 5.33 -10.52 15.44
N ILE B 451 6.14 -9.49 15.31
CA ILE B 451 6.18 -8.40 16.31
C ILE B 451 4.87 -7.61 16.28
N GLN B 452 4.37 -7.28 15.10
CA GLN B 452 3.06 -6.59 15.02
C GLN B 452 1.96 -7.43 15.66
N ARG B 453 1.94 -8.72 15.34
N ARG B 453 1.93 -8.72 15.33
CA ARG B 453 1.02 -9.69 15.97
CA ARG B 453 1.01 -9.66 15.96
C ARG B 453 1.09 -9.64 17.49
C ARG B 453 1.09 -9.56 17.49
N ASP B 454 2.30 -9.65 18.04
CA ASP B 454 2.51 -9.56 19.50
C ASP B 454 1.98 -8.26 20.07
N THR B 455 2.26 -7.15 19.41
CA THR B 455 1.82 -5.84 19.92
C THR B 455 0.29 -5.73 19.94
N LEU B 456 -0.36 -6.22 18.89
CA LEU B 456 -1.83 -6.22 18.83
C LEU B 456 -2.46 -7.03 19.96
N HIS B 457 -1.83 -8.15 20.31
CA HIS B 457 -2.35 -9.02 21.39
C HIS B 457 -2.41 -8.27 22.73
N LYS B 458 -1.46 -7.37 22.98
CA LYS B 458 -1.52 -6.51 24.19
C LYS B 458 -2.73 -5.58 24.10
N GLY B 459 -2.98 -5.05 22.91
CA GLY B 459 -4.20 -4.27 22.64
C GLY B 459 -4.07 -3.49 21.35
N LYS B 460 -5.20 -3.12 20.75
CA LYS B 460 -5.17 -2.32 19.52
C LYS B 460 -4.37 -1.00 19.70
N GLU B 461 -4.52 -0.35 20.86
CA GLU B 461 -3.79 0.88 21.16
C GLU B 461 -2.25 0.71 21.26
N PHE B 462 -1.78 -0.53 21.41
CA PHE B 462 -0.35 -0.81 21.48
C PHE B 462 0.20 -1.39 20.19
N GLU B 463 -0.67 -1.65 19.21
CA GLU B 463 -0.23 -2.27 17.96
C GLU B 463 0.73 -1.35 17.20
N VAL B 464 1.81 -1.91 16.69
CA VAL B 464 2.82 -1.18 15.93
C VAL B 464 2.80 -1.79 14.54
N PRO B 465 2.21 -1.09 13.55
CA PRO B 465 2.12 -1.70 12.22
C PRO B 465 3.47 -1.79 11.51
N LEU B 466 3.64 -2.86 10.73
CA LEU B 466 4.84 -3.08 9.94
C LEU B 466 4.70 -2.43 8.56
N ILE B 467 5.75 -1.71 8.15
CA ILE B 467 5.96 -1.22 6.81
C ILE B 467 7.11 -2.05 6.22
N ARG B 468 6.82 -2.80 5.16
CA ARG B 468 7.76 -3.79 4.62
C ARG B 468 8.75 -3.17 3.66
N ILE B 469 9.96 -2.92 4.16
CA ILE B 469 11.10 -2.47 3.35
C ILE B 469 12.33 -3.18 3.87
N GLY B 470 13.01 -3.92 2.99
CA GLY B 470 14.19 -4.71 3.37
C GLY B 470 14.20 -6.08 2.71
N PHE B 471 14.84 -7.03 3.39
CA PHE B 471 15.01 -8.40 2.87
C PHE B 471 15.03 -9.37 4.05
N PRO B 472 14.35 -10.51 3.97
CA PRO B 472 13.42 -10.89 2.90
C PRO B 472 11.97 -10.39 3.12
N ILE B 473 11.25 -10.16 2.01
CA ILE B 473 9.82 -9.91 2.03
C ILE B 473 9.16 -11.08 1.31
N PHE B 474 8.49 -11.92 2.10
CA PHE B 474 7.93 -13.17 1.60
C PHE B 474 6.40 -13.17 1.56
N ASP B 475 5.76 -12.22 2.25
CA ASP B 475 4.30 -12.27 2.46
C ASP B 475 3.53 -11.18 1.70
N ARG B 476 4.22 -10.52 0.78
CA ARG B 476 3.64 -9.63 -0.19
C ARG B 476 4.30 -10.00 -1.51
N HIS B 477 3.66 -9.65 -2.62
CA HIS B 477 4.10 -10.01 -3.96
C HIS B 477 4.69 -8.80 -4.68
N HIS B 478 5.86 -9.02 -5.28
CA HIS B 478 6.48 -8.09 -6.24
C HIS B 478 7.05 -6.83 -5.64
N LEU B 479 7.20 -6.78 -4.32
CA LEU B 479 7.88 -5.62 -3.72
C LEU B 479 9.37 -5.61 -4.05
N HIS B 480 9.94 -6.75 -4.44
CA HIS B 480 11.32 -6.78 -4.93
C HIS B 480 11.55 -5.93 -6.20
N ARG B 481 10.48 -5.54 -6.90
CA ARG B 481 10.59 -4.64 -8.03
C ARG B 481 10.83 -3.18 -7.64
N SER B 482 10.66 -2.85 -6.36
CA SER B 482 10.71 -1.47 -5.86
C SER B 482 12.13 -0.88 -5.90
N THR B 483 12.23 0.39 -5.53
CA THR B 483 13.50 1.13 -5.49
C THR B 483 13.65 1.82 -4.14
N THR B 484 14.85 1.75 -3.56
CA THR B 484 15.18 2.53 -2.36
C THR B 484 16.32 3.55 -2.55
N LEU B 485 17.06 3.45 -3.65
CA LEU B 485 18.19 4.34 -3.91
C LEU B 485 17.77 5.52 -4.79
N GLY B 486 18.56 6.58 -4.70
CA GLY B 486 18.37 7.75 -5.56
C GLY B 486 17.13 8.56 -5.21
N TYR B 487 16.81 9.53 -6.05
CA TYR B 487 15.62 10.34 -5.84
C TYR B 487 14.38 9.47 -6.05
N GLU B 488 14.42 8.56 -7.04
CA GLU B 488 13.30 7.66 -7.29
C GLU B 488 13.01 6.79 -6.06
N GLY B 489 14.05 6.25 -5.43
CA GLY B 489 13.88 5.47 -4.22
C GLY B 489 13.31 6.26 -3.05
N ALA B 490 13.81 7.48 -2.91
CA ALA B 490 13.34 8.39 -1.88
C ALA B 490 11.86 8.71 -2.08
N MET B 491 11.48 8.97 -3.33
N MET B 491 11.47 8.94 -3.33
CA MET B 491 10.06 9.20 -3.67
CA MET B 491 10.07 9.22 -3.66
C MET B 491 9.19 8.01 -3.30
C MET B 491 9.18 8.02 -3.33
N GLN B 492 9.66 6.81 -3.63
CA GLN B 492 8.94 5.59 -3.27
C GLN B 492 8.81 5.40 -1.77
N ILE B 493 9.91 5.58 -1.04
CA ILE B 493 9.90 5.40 0.43
C ILE B 493 8.97 6.43 1.08
N LEU B 494 9.13 7.70 0.70
CA LEU B 494 8.24 8.78 1.17
C LEU B 494 6.77 8.43 1.02
N THR B 495 6.39 8.05 -0.21
CA THR B 495 5.00 7.69 -0.52
C THR B 495 4.50 6.53 0.34
N THR B 496 5.32 5.49 0.46
CA THR B 496 4.99 4.35 1.30
C THR B 496 4.79 4.77 2.76
N LEU B 497 5.69 5.59 3.28
CA LEU B 497 5.61 6.02 4.67
C LEU B 497 4.36 6.87 4.94
N VAL B 498 4.15 7.93 4.16
CA VAL B 498 3.03 8.82 4.42
C VAL B 498 1.69 8.09 4.26
N ASN B 499 1.58 7.20 3.30
CA ASN B 499 0.33 6.48 3.09
C ASN B 499 0.12 5.38 4.11
N SER B 500 1.20 4.84 4.69
CA SER B 500 1.08 3.95 5.84
C SER B 500 0.50 4.71 7.02
N ILE B 501 0.98 5.93 7.26
CA ILE B 501 0.45 6.80 8.31
C ILE B 501 -1.05 7.07 8.10
N LEU B 502 -1.42 7.44 6.88
CA LEU B 502 -2.81 7.79 6.57
C LEU B 502 -3.76 6.58 6.59
N GLU B 503 -3.26 5.42 6.17
CA GLU B 503 -4.01 4.18 6.30
C GLU B 503 -4.37 3.91 7.76
N ARG B 504 -3.38 4.01 8.63
CA ARG B 504 -3.60 3.77 10.05
C ARG B 504 -4.55 4.80 10.64
N LEU B 505 -4.38 6.06 10.28
CA LEU B 505 -5.30 7.10 10.76
C LEU B 505 -6.75 6.82 10.32
N ASP B 506 -6.92 6.41 9.06
CA ASP B 506 -8.23 6.01 8.57
C ASP B 506 -8.80 4.83 9.38
N GLU B 507 -7.97 3.85 9.74
CA GLU B 507 -8.46 2.76 10.58
C GLU B 507 -8.95 3.27 11.94
N GLU B 508 -8.13 4.10 12.57
CA GLU B 508 -8.44 4.63 13.87
C GLU B 508 -9.63 5.59 13.88
N THR B 509 -9.98 6.16 12.73
CA THR B 509 -11.12 7.10 12.66
C THR B 509 -12.31 6.55 11.88
N ARG B 510 -12.38 5.23 11.71
CA ARG B 510 -13.45 4.60 10.94
C ARG B 510 -14.68 4.26 11.77
N GLY B 511 -14.62 4.44 13.09
CA GLY B 511 -15.73 4.11 13.99
C GLY B 511 -16.91 5.08 13.94
N MET B 512 -18.03 4.57 13.45
CA MET B 512 -19.25 5.35 13.28
C MET B 512 -19.69 5.99 14.58
N GLN B 513 -19.78 7.32 14.58
CA GLN B 513 -20.23 8.11 15.73
C GLN B 513 -19.31 8.05 16.95
N ALA B 514 -18.14 7.49 16.80
CA ALA B 514 -17.20 7.37 17.90
C ALA B 514 -15.92 8.14 17.56
N THR B 515 -15.26 7.78 16.46
CA THR B 515 -14.04 8.45 15.99
C THR B 515 -14.12 8.99 14.56
N ASP B 516 -15.24 8.78 13.87
CA ASP B 516 -15.33 9.24 12.48
C ASP B 516 -15.55 10.75 12.29
N TYR B 517 -15.70 11.50 13.38
CA TYR B 517 -15.61 12.96 13.28
C TYR B 517 -14.32 13.41 12.56
N ASN B 518 -13.23 12.63 12.70
CA ASN B 518 -11.94 12.89 12.01
C ASN B 518 -11.68 11.98 10.80
N HIS B 519 -12.72 11.40 10.21
CA HIS B 519 -12.57 10.51 9.02
C HIS B 519 -12.64 11.38 7.76
N ASP B 520 -11.67 12.29 7.61
CA ASP B 520 -11.70 13.32 6.58
C ASP B 520 -11.59 12.75 5.18
N LEU B 521 -12.39 13.27 4.25
CA LEU B 521 -12.21 12.97 2.82
C LEU B 521 -10.85 13.43 2.30
N VAL B 522 -10.38 14.58 2.79
CA VAL B 522 -9.18 15.22 2.28
C VAL B 522 -8.13 15.22 3.38
N ARG B 523 -6.93 14.73 3.06
CA ARG B 523 -5.77 14.75 3.97
C ARG B 523 -4.56 15.28 3.23
N MET C 4 10.11 46.92 5.66
CA MET C 4 9.86 47.98 4.62
C MET C 4 9.13 49.18 5.22
N SER C 5 9.40 50.36 4.67
CA SER C 5 8.74 51.61 5.09
C SER C 5 7.41 51.79 4.35
N ARG C 6 6.57 52.70 4.86
CA ARG C 6 5.34 53.10 4.14
C ARG C 6 5.61 53.44 2.67
N GLU C 7 6.67 54.20 2.42
CA GLU C 7 7.01 54.64 1.06
C GLU C 7 7.37 53.46 0.16
N GLU C 8 8.12 52.50 0.69
CA GLU C 8 8.48 51.29 -0.04
C GLU C 8 7.27 50.42 -0.35
N VAL C 9 6.32 50.35 0.58
CA VAL C 9 5.11 49.54 0.38
C VAL C 9 4.22 50.19 -0.68
N GLU C 10 4.08 51.52 -0.60
CA GLU C 10 3.35 52.28 -1.59
C GLU C 10 3.95 52.12 -2.98
N SER C 11 5.28 52.14 -3.09
CA SER C 11 5.95 51.94 -4.38
C SER C 11 5.83 50.47 -4.85
N LEU C 12 5.84 49.52 -3.92
CA LEU C 12 5.57 48.11 -4.26
C LEU C 12 4.18 47.99 -4.90
N ILE C 13 3.17 48.58 -4.26
CA ILE C 13 1.81 48.55 -4.80
C ILE C 13 1.79 49.11 -6.22
N GLN C 14 2.45 50.25 -6.43
CA GLN C 14 2.46 50.89 -7.75
C GLN C 14 3.17 50.06 -8.83
N GLU C 15 4.33 49.48 -8.50
CA GLU C 15 5.07 48.61 -9.43
C GLU C 15 4.24 47.41 -9.84
N VAL C 16 3.58 46.77 -8.88
CA VAL C 16 2.73 45.58 -9.14
C VAL C 16 1.58 45.95 -10.09
N LEU C 17 0.94 47.09 -9.83
CA LEU C 17 -0.20 47.50 -10.65
C LEU C 17 0.15 47.94 -12.09
N GLU C 18 1.43 48.15 -12.39
CA GLU C 18 1.87 48.48 -13.77
C GLU C 18 1.48 47.48 -14.85
N VAL C 19 1.32 46.22 -14.47
CA VAL C 19 1.00 45.15 -15.41
C VAL C 19 -0.42 45.28 -16.00
N TYR C 20 -1.33 45.89 -15.25
CA TYR C 20 -2.74 45.87 -15.59
C TYR C 20 -3.12 46.85 -16.70
N PRO C 21 -4.14 46.47 -17.49
CA PRO C 21 -4.78 47.47 -18.34
C PRO C 21 -5.41 48.56 -17.46
N GLU C 22 -5.64 49.75 -18.01
CA GLU C 22 -6.05 50.92 -17.22
C GLU C 22 -7.26 50.71 -16.30
N LYS C 23 -8.31 50.06 -16.79
CA LYS C 23 -9.54 49.90 -16.02
C LYS C 23 -9.29 49.03 -14.78
N ALA C 24 -8.58 47.93 -14.98
CA ALA C 24 -8.21 47.05 -13.87
C ALA C 24 -7.26 47.74 -12.89
N ARG C 25 -6.29 48.49 -13.41
N ARG C 25 -6.27 48.49 -13.39
CA ARG C 25 -5.31 49.19 -12.57
CA ARG C 25 -5.31 49.16 -12.52
C ARG C 25 -6.00 50.14 -11.62
C ARG C 25 -6.00 50.15 -11.60
N LYS C 26 -6.86 50.99 -12.17
CA LYS C 26 -7.61 51.98 -11.39
C LYS C 26 -8.49 51.33 -10.33
N ASP C 27 -9.09 50.18 -10.67
CA ASP C 27 -9.90 49.48 -9.69
C ASP C 27 -9.04 48.87 -8.57
N ARG C 28 -8.03 48.10 -8.96
CA ARG C 28 -7.19 47.39 -7.98
C ARG C 28 -6.47 48.34 -7.04
N ASN C 29 -6.10 49.53 -7.53
CA ASN C 29 -5.48 50.56 -6.65
C ASN C 29 -6.33 50.85 -5.39
N LYS C 30 -7.65 50.81 -5.54
CA LYS C 30 -8.58 51.11 -4.44
C LYS C 30 -8.69 49.99 -3.39
N HIS C 31 -8.22 48.78 -3.73
CA HIS C 31 -8.33 47.61 -2.86
C HIS C 31 -7.02 47.22 -2.18
N LEU C 32 -6.01 48.08 -2.26
CA LEU C 32 -4.68 47.81 -1.70
C LEU C 32 -4.30 49.01 -0.88
N ALA C 33 -3.81 48.80 0.34
CA ALA C 33 -3.49 49.92 1.21
C ALA C 33 -2.38 49.59 2.19
N VAL C 34 -1.78 50.65 2.69
CA VAL C 34 -0.73 50.57 3.70
C VAL C 34 -1.38 50.97 5.01
N ASN C 35 -1.35 50.07 5.99
CA ASN C 35 -2.09 50.28 7.21
C ASN C 35 -1.62 51.47 8.01
N ASP C 36 -2.59 52.13 8.62
CA ASP C 36 -2.35 53.17 9.61
C ASP C 36 -3.32 52.88 10.76
N PRO C 37 -2.80 52.38 11.90
CA PRO C 37 -3.71 52.00 13.00
C PRO C 37 -4.47 53.16 13.69
N ALA C 38 -4.10 54.42 13.41
CA ALA C 38 -4.85 55.60 13.85
C ALA C 38 -6.23 55.73 13.16
N VAL C 39 -6.33 55.24 11.92
CA VAL C 39 -7.59 55.30 11.16
C VAL C 39 -8.71 54.46 11.82
N THR C 40 -9.88 55.05 12.04
N THR C 40 -9.86 55.09 12.05
CA THR C 40 -11.06 54.30 12.49
CA THR C 40 -11.08 54.43 12.54
C THR C 40 -12.10 54.13 11.38
C THR C 40 -12.10 54.15 11.41
N GLN C 41 -12.03 54.94 10.32
CA GLN C 41 -12.92 54.81 9.17
C GLN C 41 -12.18 54.24 7.95
N SER C 42 -12.25 52.93 7.77
CA SER C 42 -11.51 52.27 6.67
C SER C 42 -11.99 52.67 5.28
N LYS C 43 -13.20 53.23 5.18
CA LYS C 43 -13.67 53.81 3.92
C LYS C 43 -12.86 55.03 3.44
N LYS C 44 -11.99 55.59 4.28
CA LYS C 44 -10.97 56.54 3.82
C LYS C 44 -9.72 55.93 3.18
N CYS C 45 -9.52 54.61 3.35
N CYS C 45 -9.53 54.61 3.38
CA CYS C 45 -8.26 53.96 3.01
CA CYS C 45 -8.27 53.91 3.05
C CYS C 45 -8.35 52.75 2.05
C CYS C 45 -8.38 52.80 2.02
N ILE C 46 -9.49 52.07 2.01
CA ILE C 46 -9.66 50.87 1.18
C ILE C 46 -11.13 50.65 0.84
N ILE C 47 -11.36 50.17 -0.39
CA ILE C 47 -12.66 49.78 -0.90
C ILE C 47 -12.79 48.26 -0.77
N SER C 48 -14.00 47.78 -0.46
CA SER C 48 -14.25 46.33 -0.34
C SER C 48 -15.67 45.96 -0.74
N ASN C 49 -15.91 44.66 -0.83
CA ASN C 49 -17.23 44.13 -1.16
C ASN C 49 -17.77 44.67 -2.49
N LYS C 50 -16.89 44.76 -3.49
CA LYS C 50 -17.25 45.10 -4.86
C LYS C 50 -17.03 43.88 -5.73
N LYS C 51 -17.50 43.99 -6.97
N LYS C 51 -17.52 43.96 -6.96
CA LYS C 51 -17.29 42.92 -7.94
CA LYS C 51 -17.33 42.88 -7.93
C LYS C 51 -15.82 42.69 -8.19
C LYS C 51 -15.84 42.69 -8.20
N SER C 52 -15.48 41.46 -8.55
CA SER C 52 -14.13 41.12 -8.95
C SER C 52 -13.93 41.51 -10.40
N GLN C 53 -12.73 41.95 -10.72
CA GLN C 53 -12.42 42.32 -12.10
C GLN C 53 -12.25 41.04 -12.91
N PRO C 54 -12.82 40.99 -14.12
CA PRO C 54 -12.71 39.77 -14.93
C PRO C 54 -11.28 39.38 -15.32
N GLY C 55 -10.99 38.09 -15.26
CA GLY C 55 -9.74 37.58 -15.82
C GLY C 55 -8.52 37.66 -14.93
N LEU C 56 -8.68 38.14 -13.70
CA LEU C 56 -7.52 38.40 -12.82
C LEU C 56 -7.24 37.32 -11.77
N MET C 57 -7.99 36.22 -11.80
CA MET C 57 -7.78 35.10 -10.89
C MET C 57 -8.00 35.47 -9.43
N THR C 58 -9.17 36.03 -9.17
CA THR C 58 -9.68 36.13 -7.80
C THR C 58 -9.68 34.74 -7.14
N ILE C 59 -9.55 34.74 -5.83
CA ILE C 59 -9.56 33.56 -4.99
C ILE C 59 -10.99 33.31 -4.45
N ARG C 60 -11.88 34.27 -4.64
CA ARG C 60 -13.26 34.17 -4.16
C ARG C 60 -14.07 33.00 -4.72
N GLY C 61 -15.04 32.59 -3.91
CA GLY C 61 -16.13 31.69 -4.30
C GLY C 61 -17.42 32.49 -4.54
N CYS C 62 -18.56 31.82 -4.34
CA CYS C 62 -19.88 32.37 -4.70
C CYS C 62 -20.84 32.26 -3.53
N ALA C 63 -22.04 32.81 -3.73
CA ALA C 63 -23.07 32.80 -2.70
C ALA C 63 -23.51 31.41 -2.24
N TYR C 64 -23.52 30.44 -3.16
CA TYR C 64 -23.80 29.05 -2.80
C TYR C 64 -22.74 28.50 -1.82
N ALA C 65 -21.47 28.79 -2.05
CA ALA C 65 -20.42 28.41 -1.09
C ALA C 65 -20.71 29.02 0.29
N GLY C 66 -21.08 30.30 0.30
CA GLY C 66 -21.43 30.97 1.54
C GLY C 66 -22.68 30.47 2.25
N SER C 67 -23.67 29.99 1.49
CA SER C 67 -24.90 29.46 2.09
C SER C 67 -24.81 27.97 2.37
N LYS C 68 -24.60 27.19 1.31
CA LYS C 68 -24.56 25.72 1.45
C LYS C 68 -23.27 25.30 2.14
N GLY C 69 -22.15 25.73 1.58
CA GLY C 69 -20.84 25.34 2.10
C GLY C 69 -20.58 25.76 3.53
N VAL C 70 -21.06 26.93 3.88
CA VAL C 70 -20.63 27.59 5.08
C VAL C 70 -21.69 27.55 6.18
N VAL C 71 -22.87 28.12 5.91
CA VAL C 71 -23.87 28.30 6.96
C VAL C 71 -24.77 27.06 7.14
N TRP C 72 -25.37 26.57 6.06
CA TRP C 72 -26.36 25.48 6.17
C TRP C 72 -25.73 24.08 6.25
N GLY C 73 -24.74 23.83 5.40
CA GLY C 73 -24.14 22.49 5.28
C GLY C 73 -23.74 21.80 6.59
N PRO C 74 -23.22 22.56 7.57
CA PRO C 74 -22.84 21.98 8.85
C PRO C 74 -23.97 21.48 9.74
N ILE C 75 -25.20 21.95 9.50
CA ILE C 75 -26.34 21.58 10.34
C ILE C 75 -26.57 20.10 10.11
N LYS C 76 -26.36 19.31 11.15
CA LYS C 76 -26.05 17.89 10.96
C LYS C 76 -27.25 16.96 10.77
N ASP C 77 -28.41 17.32 11.31
CA ASP C 77 -29.58 16.42 11.28
C ASP C 77 -30.63 16.86 10.24
N MET C 78 -30.27 17.84 9.41
CA MET C 78 -31.04 18.21 8.23
C MET C 78 -30.37 17.64 7.00
N ILE C 79 -31.13 17.54 5.92
CA ILE C 79 -30.60 17.18 4.59
C ILE C 79 -30.62 18.42 3.71
N HIS C 80 -29.46 18.74 3.16
CA HIS C 80 -29.29 19.92 2.32
C HIS C 80 -29.18 19.51 0.86
N ILE C 81 -30.12 19.96 0.05
CA ILE C 81 -30.13 19.63 -1.36
C ILE C 81 -29.36 20.67 -2.19
N SER C 82 -28.35 20.22 -2.93
CA SER C 82 -27.69 21.08 -3.90
C SER C 82 -28.50 21.02 -5.17
N HIS C 83 -29.26 22.09 -5.43
CA HIS C 83 -30.39 22.05 -6.34
C HIS C 83 -29.99 22.74 -7.63
N GLY C 84 -29.86 21.93 -8.68
CA GLY C 84 -29.29 22.35 -9.96
C GLY C 84 -28.38 21.26 -10.47
N PRO C 85 -27.43 21.62 -11.36
CA PRO C 85 -26.59 20.57 -11.95
C PRO C 85 -25.56 20.00 -10.96
N VAL C 86 -24.86 18.95 -11.39
CA VAL C 86 -24.07 18.11 -10.48
C VAL C 86 -22.80 18.74 -9.92
N GLY C 87 -22.25 19.77 -10.58
CA GLY C 87 -20.94 20.30 -10.20
C GLY C 87 -20.83 20.77 -8.76
N CYS C 88 -21.71 21.70 -8.37
CA CYS C 88 -21.48 22.49 -7.13
C CYS C 88 -21.43 21.62 -5.88
N GLY C 89 -22.36 20.67 -5.82
CA GLY C 89 -22.43 19.74 -4.70
C GLY C 89 -21.28 18.76 -4.63
N GLN C 90 -20.75 18.39 -5.79
CA GLN C 90 -19.62 17.44 -5.82
C GLN C 90 -18.31 18.12 -5.37
N TYR C 91 -18.02 19.33 -5.88
CA TYR C 91 -16.80 20.03 -5.49
C TYR C 91 -16.81 20.43 -4.01
N SER C 92 -17.99 20.73 -3.48
CA SER C 92 -18.11 21.13 -2.06
C SER C 92 -18.40 19.96 -1.14
N ARG C 93 -18.38 18.73 -1.64
CA ARG C 93 -18.71 17.58 -0.76
C ARG C 93 -17.53 17.30 0.16
N ALA C 94 -17.73 17.50 1.46
CA ALA C 94 -16.74 17.20 2.52
C ALA C 94 -15.40 17.92 2.35
N GLY C 95 -15.40 19.07 1.66
CA GLY C 95 -14.20 19.87 1.52
C GLY C 95 -13.91 20.72 2.75
N ARG C 96 -14.96 21.07 3.49
CA ARG C 96 -14.84 21.92 4.68
C ARG C 96 -15.03 21.09 5.93
N ARG C 97 -14.10 21.24 6.87
CA ARG C 97 -14.00 20.34 8.01
C ARG C 97 -14.88 20.79 9.18
N ASN C 98 -16.17 20.96 8.88
CA ASN C 98 -17.17 21.37 9.89
C ASN C 98 -17.61 20.15 10.70
N TYR C 99 -16.90 19.89 11.78
CA TYR C 99 -17.02 18.62 12.49
C TYR C 99 -18.32 18.45 13.25
N TYR C 100 -18.74 17.19 13.37
CA TYR C 100 -19.99 16.85 14.03
C TYR C 100 -19.94 15.44 14.60
N ILE C 101 -20.84 15.18 15.54
CA ILE C 101 -21.08 13.84 16.07
C ILE C 101 -22.41 13.36 15.52
N GLY C 102 -22.38 12.21 14.86
CA GLY C 102 -23.61 11.59 14.40
C GLY C 102 -23.38 10.30 13.66
N THR C 103 -24.46 9.70 13.18
CA THR C 103 -24.43 8.47 12.40
C THR C 103 -24.78 8.79 10.96
N THR C 104 -23.73 8.90 10.12
CA THR C 104 -23.89 9.48 8.81
C THR C 104 -24.68 8.55 7.88
N GLY C 105 -25.66 9.14 7.19
CA GLY C 105 -26.58 8.40 6.35
C GLY C 105 -27.80 7.91 7.11
N VAL C 106 -27.82 8.07 8.42
CA VAL C 106 -28.90 7.59 9.27
C VAL C 106 -29.59 8.76 10.01
N ASN C 107 -28.89 9.40 10.95
CA ASN C 107 -29.44 10.59 11.61
C ASN C 107 -28.70 11.90 11.30
N ALA C 108 -27.55 11.80 10.63
CA ALA C 108 -26.72 12.97 10.28
C ALA C 108 -26.26 12.82 8.85
N PHE C 109 -26.05 13.93 8.16
CA PHE C 109 -25.90 13.88 6.71
C PHE C 109 -24.85 14.81 6.11
N VAL C 110 -23.96 15.34 6.95
CA VAL C 110 -23.12 16.50 6.57
C VAL C 110 -22.15 16.21 5.42
N THR C 111 -21.51 15.05 5.44
CA THR C 111 -20.50 14.71 4.44
C THR C 111 -21.06 14.07 3.18
N MET C 112 -22.39 13.94 3.10
CA MET C 112 -23.09 13.41 1.94
C MET C 112 -23.36 14.51 0.93
N ASN C 113 -23.55 14.11 -0.34
CA ASN C 113 -23.94 15.05 -1.38
C ASN C 113 -25.30 14.64 -1.95
N PHE C 114 -26.34 15.33 -1.49
CA PHE C 114 -27.68 15.21 -2.07
C PHE C 114 -27.83 16.25 -3.16
N THR C 115 -28.33 15.84 -4.33
CA THR C 115 -28.49 16.76 -5.47
C THR C 115 -29.65 16.35 -6.37
N SER C 116 -30.22 17.35 -7.05
CA SER C 116 -31.21 17.12 -8.09
C SER C 116 -30.59 16.92 -9.48
N ASP C 117 -29.26 16.99 -9.59
CA ASP C 117 -28.51 16.57 -10.80
C ASP C 117 -29.23 17.01 -12.09
N PHE C 118 -29.42 18.33 -12.23
CA PHE C 118 -30.19 18.86 -13.36
C PHE C 118 -29.66 18.41 -14.71
N GLN C 119 -30.58 17.95 -15.54
CA GLN C 119 -30.31 17.64 -16.94
C GLN C 119 -30.99 18.69 -17.82
N GLU C 120 -30.78 18.59 -19.12
CA GLU C 120 -31.31 19.56 -20.06
C GLU C 120 -32.81 19.75 -19.92
N LYS C 121 -33.55 18.66 -19.77
CA LYS C 121 -35.01 18.78 -19.63
C LYS C 121 -35.46 19.55 -18.37
N ASP C 122 -34.65 19.54 -17.32
CA ASP C 122 -34.92 20.29 -16.11
C ASP C 122 -34.68 21.78 -16.34
N ILE C 123 -33.70 22.11 -17.16
CA ILE C 123 -33.42 23.50 -17.54
C ILE C 123 -34.54 24.06 -18.44
N VAL C 124 -34.97 23.27 -19.42
CA VAL C 124 -35.95 23.69 -20.42
C VAL C 124 -37.36 23.82 -19.84
N PHE C 125 -37.74 22.87 -18.98
CA PHE C 125 -39.11 22.81 -18.46
C PHE C 125 -39.26 23.11 -16.98
N GLY C 126 -38.14 23.29 -16.29
CA GLY C 126 -38.12 23.67 -14.88
C GLY C 126 -37.96 22.44 -14.00
N GLY C 127 -37.43 22.68 -12.81
CA GLY C 127 -37.12 21.61 -11.85
C GLY C 127 -38.02 21.46 -10.66
N ASP C 128 -39.13 22.20 -10.60
CA ASP C 128 -40.01 22.17 -9.41
C ASP C 128 -40.71 20.82 -9.22
N LYS C 129 -41.10 20.19 -10.32
CA LYS C 129 -41.70 18.85 -10.24
C LYS C 129 -40.66 17.84 -9.76
N LYS C 130 -39.45 17.96 -10.28
CA LYS C 130 -38.35 17.10 -9.84
C LYS C 130 -38.05 17.32 -8.36
N LEU C 131 -38.07 18.58 -7.91
CA LEU C 131 -37.81 18.87 -6.51
C LEU C 131 -38.85 18.23 -5.60
N ALA C 132 -40.12 18.31 -5.98
CA ALA C 132 -41.19 17.69 -5.18
C ALA C 132 -41.02 16.17 -5.07
N LYS C 133 -40.71 15.52 -6.19
CA LYS C 133 -40.46 14.09 -6.22
C LYS C 133 -39.22 13.73 -5.39
N LEU C 134 -38.16 14.54 -5.53
CA LEU C 134 -36.91 14.38 -4.77
C LEU C 134 -37.19 14.40 -3.27
N ILE C 135 -38.01 15.34 -2.82
CA ILE C 135 -38.38 15.44 -1.40
C ILE C 135 -39.05 14.15 -0.88
N ASP C 136 -40.00 13.60 -1.64
CA ASP C 136 -40.62 12.33 -1.28
C ASP C 136 -39.59 11.20 -1.20
N GLU C 137 -38.66 11.18 -2.16
CA GLU C 137 -37.61 10.16 -2.15
C GLU C 137 -36.68 10.30 -0.93
N VAL C 138 -36.34 11.52 -0.56
CA VAL C 138 -35.58 11.77 0.66
C VAL C 138 -36.30 11.22 1.89
N GLU C 139 -37.59 11.51 1.97
CA GLU C 139 -38.39 11.05 3.11
C GLU C 139 -38.43 9.53 3.25
N THR C 140 -38.57 8.86 2.11
CA THR C 140 -38.57 7.40 2.10
C THR C 140 -37.23 6.83 2.56
N LEU C 141 -36.14 7.36 2.02
CA LEU C 141 -34.83 6.73 2.19
C LEU C 141 -34.03 7.22 3.40
N PHE C 142 -34.40 8.39 3.93
CA PHE C 142 -33.74 9.02 5.05
C PHE C 142 -34.79 9.47 6.06
N PRO C 143 -35.53 8.52 6.63
CA PRO C 143 -36.68 8.88 7.49
C PRO C 143 -36.35 9.65 8.77
N LEU C 144 -35.11 9.55 9.26
CA LEU C 144 -34.74 10.27 10.47
C LEU C 144 -34.22 11.67 10.24
N ASN C 145 -34.24 12.17 9.00
CA ASN C 145 -33.91 13.59 8.79
C ASN C 145 -34.95 14.46 9.50
N LYS C 146 -34.49 15.59 10.04
CA LYS C 146 -35.31 16.48 10.86
C LYS C 146 -35.64 17.80 10.14
N GLY C 147 -35.44 17.81 8.82
CA GLY C 147 -35.69 18.99 8.02
C GLY C 147 -34.84 18.94 6.76
N ILE C 148 -35.30 19.67 5.74
CA ILE C 148 -34.64 19.72 4.45
C ILE C 148 -34.38 21.19 4.11
N SER C 149 -33.19 21.48 3.57
CA SER C 149 -32.96 22.78 2.92
C SER C 149 -32.76 22.57 1.45
N VAL C 150 -33.12 23.59 0.66
CA VAL C 150 -32.94 23.59 -0.78
C VAL C 150 -31.96 24.70 -1.13
N GLN C 151 -30.74 24.32 -1.49
CA GLN C 151 -29.65 25.27 -1.76
C GLN C 151 -29.58 25.47 -3.27
N SER C 152 -30.05 26.63 -3.71
CA SER C 152 -30.16 26.92 -5.13
C SER C 152 -28.81 27.18 -5.77
N GLU C 153 -28.57 26.51 -6.89
CA GLU C 153 -27.43 26.77 -7.72
C GLU C 153 -27.85 27.71 -8.87
N CYS C 154 -26.87 28.22 -9.61
CA CYS C 154 -27.08 29.23 -10.66
C CYS C 154 -28.37 29.11 -11.49
N PRO C 155 -28.67 27.90 -12.05
CA PRO C 155 -29.83 27.90 -12.95
C PRO C 155 -31.21 28.18 -12.36
N ILE C 156 -31.40 27.99 -11.05
CA ILE C 156 -32.75 27.95 -10.46
C ILE C 156 -33.49 29.27 -10.70
N GLY C 157 -32.89 30.38 -10.27
CA GLY C 157 -33.50 31.70 -10.48
C GLY C 157 -33.54 32.10 -11.95
N LEU C 158 -32.52 31.70 -12.70
CA LEU C 158 -32.43 32.11 -14.09
C LEU C 158 -33.57 31.54 -14.92
N ILE C 159 -34.01 30.31 -14.61
CA ILE C 159 -35.09 29.67 -15.37
C ILE C 159 -36.49 29.94 -14.80
N GLY C 160 -36.57 30.65 -13.68
CA GLY C 160 -37.86 31.04 -13.11
C GLY C 160 -38.58 29.97 -12.31
N ASP C 161 -37.82 29.04 -11.73
CA ASP C 161 -38.39 28.02 -10.82
C ASP C 161 -38.90 28.69 -9.54
N ASP C 162 -39.90 28.07 -8.91
CA ASP C 162 -40.51 28.59 -7.68
C ASP C 162 -40.31 27.60 -6.54
N ILE C 163 -39.10 27.57 -6.00
CA ILE C 163 -38.78 26.65 -4.89
C ILE C 163 -39.50 27.01 -3.59
N GLU C 164 -39.93 28.28 -3.45
CA GLU C 164 -40.69 28.72 -2.28
C GLU C 164 -42.03 28.02 -2.23
N SER C 165 -42.73 28.00 -3.37
CA SER C 165 -44.00 27.28 -3.48
C SER C 165 -43.86 25.80 -3.18
N VAL C 166 -42.86 25.15 -3.79
CA VAL C 166 -42.60 23.73 -3.54
C VAL C 166 -42.34 23.48 -2.05
N SER C 167 -41.51 24.32 -1.44
CA SER C 167 -41.20 24.21 -0.01
C SER C 167 -42.44 24.35 0.88
N LYS C 168 -43.26 25.37 0.62
CA LYS C 168 -44.53 25.58 1.31
C LYS C 168 -45.46 24.38 1.16
N VAL C 169 -45.70 23.98 -0.07
CA VAL C 169 -46.67 22.90 -0.35
C VAL C 169 -46.21 21.57 0.24
N LYS C 170 -44.95 21.19 -0.02
CA LYS C 170 -44.41 19.93 0.49
C LYS C 170 -44.21 19.96 2.01
N GLY C 171 -43.82 21.12 2.55
CA GLY C 171 -43.74 21.31 4.00
C GLY C 171 -45.07 21.11 4.71
N ALA C 172 -46.14 21.64 4.13
CA ALA C 172 -47.50 21.45 4.68
C ALA C 172 -47.99 20.01 4.55
N GLU C 173 -47.69 19.38 3.41
CA GLU C 173 -48.07 18.00 3.17
C GLU C 173 -47.46 17.06 4.19
N LEU C 174 -46.17 17.24 4.44
CA LEU C 174 -45.39 16.30 5.26
C LEU C 174 -45.18 16.77 6.70
N SER C 175 -45.76 17.93 7.08
CA SER C 175 -45.51 18.56 8.37
C SER C 175 -44.01 18.55 8.69
N LYS C 176 -43.26 19.10 7.75
CA LYS C 176 -41.81 19.10 7.74
C LYS C 176 -41.29 20.50 7.49
N THR C 177 -40.19 20.86 8.15
CA THR C 177 -39.49 22.11 7.84
C THR C 177 -38.69 21.92 6.57
N ILE C 178 -39.08 22.61 5.50
CA ILE C 178 -38.38 22.59 4.21
C ILE C 178 -38.05 24.05 3.87
N VAL C 179 -36.76 24.36 3.79
CA VAL C 179 -36.27 25.73 3.70
C VAL C 179 -35.76 26.04 2.30
N PRO C 180 -36.43 26.98 1.56
CA PRO C 180 -35.90 27.37 0.26
C PRO C 180 -34.82 28.40 0.44
N VAL C 181 -33.64 28.17 -0.13
CA VAL C 181 -32.55 29.13 -0.04
C VAL C 181 -32.14 29.59 -1.44
N ARG C 182 -32.35 30.87 -1.71
CA ARG C 182 -32.00 31.48 -2.98
C ARG C 182 -30.57 31.99 -2.99
N CYS C 183 -29.63 31.05 -2.89
CA CYS C 183 -28.20 31.35 -2.83
C CYS C 183 -27.48 31.11 -4.15
N GLU C 184 -28.17 31.33 -5.26
CA GLU C 184 -27.58 31.12 -6.58
C GLU C 184 -26.29 31.92 -6.70
N GLY C 185 -25.26 31.31 -7.29
CA GLY C 185 -23.94 31.93 -7.36
C GLY C 185 -23.86 33.17 -8.22
N PHE C 186 -24.86 33.43 -9.06
CA PHE C 186 -24.93 34.69 -9.77
C PHE C 186 -25.22 35.89 -8.85
N ARG C 187 -25.71 35.62 -7.63
CA ARG C 187 -26.09 36.69 -6.71
C ARG C 187 -24.88 37.22 -5.94
N GLY C 188 -24.85 38.53 -5.70
CA GLY C 188 -23.73 39.12 -4.99
C GLY C 188 -22.42 39.05 -5.75
N VAL C 189 -21.33 39.05 -5.02
CA VAL C 189 -19.99 39.12 -5.61
C VAL C 189 -19.01 38.10 -5.03
N SER C 190 -19.46 37.29 -4.10
CA SER C 190 -18.57 36.46 -3.30
C SER C 190 -19.40 35.55 -2.42
N GLN C 191 -18.73 34.84 -1.52
CA GLN C 191 -19.38 34.08 -0.45
C GLN C 191 -20.26 34.93 0.47
N SER C 192 -19.91 36.22 0.62
CA SER C 192 -20.57 37.07 1.61
C SER C 192 -22.08 37.14 1.47
N LEU C 193 -22.60 37.40 0.28
CA LEU C 193 -24.05 37.57 0.16
C LEU C 193 -24.75 36.25 0.47
N GLY C 194 -24.06 35.13 0.23
CA GLY C 194 -24.57 33.83 0.67
C GLY C 194 -24.82 33.73 2.17
N HIS C 195 -23.92 34.30 2.98
CA HIS C 195 -24.14 34.34 4.43
C HIS C 195 -25.45 35.05 4.72
N HIS C 196 -25.61 36.23 4.13
CA HIS C 196 -26.77 37.08 4.42
C HIS C 196 -28.06 36.37 3.99
N ILE C 197 -28.05 35.84 2.77
CA ILE C 197 -29.18 35.07 2.26
C ILE C 197 -29.50 33.91 3.20
N ALA C 198 -28.46 33.20 3.64
CA ALA C 198 -28.64 32.04 4.51
C ALA C 198 -29.17 32.43 5.90
N ASN C 199 -28.68 33.54 6.43
CA ASN C 199 -29.21 34.06 7.70
C ASN C 199 -30.70 34.40 7.58
N ASP C 200 -31.08 35.05 6.49
CA ASP C 200 -32.47 35.46 6.31
C ASP C 200 -33.38 34.23 6.17
N ALA C 201 -32.86 33.18 5.54
CA ALA C 201 -33.60 31.92 5.41
C ALA C 201 -33.79 31.23 6.76
N VAL C 202 -32.76 31.26 7.62
CA VAL C 202 -32.93 30.75 8.99
C VAL C 202 -34.01 31.55 9.71
N ARG C 203 -33.93 32.88 9.64
CA ARG C 203 -34.95 33.76 10.24
C ARG C 203 -36.37 33.45 9.77
N ASP C 204 -36.54 33.32 8.46
CA ASP C 204 -37.87 33.21 7.87
C ASP C 204 -38.53 31.85 7.99
N TRP C 205 -37.73 30.80 8.06
CA TRP C 205 -38.25 29.43 7.96
C TRP C 205 -37.99 28.52 9.16
N VAL C 206 -37.03 28.88 10.03
CA VAL C 206 -36.66 28.01 11.17
C VAL C 206 -36.78 28.68 12.51
N LEU C 207 -36.23 29.89 12.65
CA LEU C 207 -35.95 30.46 13.97
C LEU C 207 -37.18 30.77 14.79
N GLY C 208 -38.31 31.04 14.12
CA GLY C 208 -39.54 31.36 14.80
C GLY C 208 -40.44 30.22 15.24
N LYS C 209 -40.05 28.96 14.97
N LYS C 209 -40.05 28.98 14.98
CA LYS C 209 -40.92 27.79 15.21
CA LYS C 209 -40.92 27.84 15.23
C LYS C 209 -41.42 27.72 16.66
C LYS C 209 -41.42 27.74 16.67
N ARG C 210 -40.53 28.01 17.62
CA ARG C 210 -40.87 27.92 19.05
C ARG C 210 -41.16 29.26 19.74
N ASP C 211 -41.49 30.31 18.97
CA ASP C 211 -41.76 31.65 19.54
C ASP C 211 -42.78 31.64 20.67
N GLU C 212 -43.83 30.84 20.53
CA GLU C 212 -44.90 30.81 21.53
C GLU C 212 -44.81 29.58 22.47
N ASP C 213 -43.73 28.80 22.36
CA ASP C 213 -43.55 27.55 23.08
C ASP C 213 -42.59 27.85 24.25
N THR C 214 -43.09 27.68 25.47
CA THR C 214 -42.35 28.02 26.68
C THR C 214 -42.00 26.78 27.51
N THR C 215 -41.93 25.60 26.87
CA THR C 215 -41.59 24.37 27.60
C THR C 215 -40.10 24.30 28.00
N PHE C 216 -39.23 24.90 27.20
CA PHE C 216 -37.79 24.94 27.54
C PHE C 216 -37.54 25.66 28.86
N ALA C 217 -36.81 25.00 29.75
CA ALA C 217 -36.49 25.52 31.08
C ALA C 217 -35.19 26.32 30.99
N SER C 218 -35.31 27.64 31.08
CA SER C 218 -34.16 28.51 30.88
C SER C 218 -33.44 28.77 32.19
N THR C 219 -32.14 29.07 32.10
CA THR C 219 -31.35 29.54 33.23
C THR C 219 -30.74 30.91 32.90
N PRO C 220 -30.27 31.65 33.94
CA PRO C 220 -29.61 32.95 33.68
C PRO C 220 -28.27 32.86 32.94
N TYR C 221 -27.73 31.66 32.78
CA TYR C 221 -26.40 31.45 32.22
C TYR C 221 -26.44 30.83 30.82
N ASP C 222 -27.60 30.90 30.16
CA ASP C 222 -27.77 30.31 28.84
C ASP C 222 -27.18 31.23 27.77
N VAL C 223 -26.30 30.66 26.95
CA VAL C 223 -25.70 31.37 25.84
C VAL C 223 -25.76 30.52 24.57
N ALA C 224 -25.52 31.16 23.44
CA ALA C 224 -25.28 30.45 22.18
C ALA C 224 -23.98 30.93 21.55
N ILE C 225 -23.24 29.98 20.98
CA ILE C 225 -22.05 30.25 20.17
C ILE C 225 -22.51 30.51 18.74
N ILE C 226 -22.37 31.73 18.28
CA ILE C 226 -22.90 32.17 16.99
C ILE C 226 -21.73 32.39 16.05
N GLY C 227 -21.69 31.65 14.96
CA GLY C 227 -20.62 31.82 13.99
C GLY C 227 -19.32 31.08 14.32
N ASP C 228 -19.44 29.85 14.77
CA ASP C 228 -18.30 28.92 14.87
C ASP C 228 -18.73 27.63 14.18
N TYR C 229 -18.01 27.30 13.12
CA TYR C 229 -18.36 26.17 12.25
C TYR C 229 -17.57 24.91 12.59
N ASN C 230 -16.89 24.96 13.75
CA ASN C 230 -16.29 23.79 14.36
C ASN C 230 -15.26 23.12 13.47
N ILE C 231 -14.39 23.94 12.87
CA ILE C 231 -13.38 23.46 11.94
C ILE C 231 -12.34 22.65 12.73
N GLY C 232 -12.24 21.36 12.43
CA GLY C 232 -11.41 20.45 13.20
C GLY C 232 -11.73 20.39 14.69
N GLY C 233 -12.97 20.72 15.06
CA GLY C 233 -13.41 20.73 16.44
C GLY C 233 -13.29 22.04 17.21
N ASP C 234 -13.07 23.15 16.50
CA ASP C 234 -12.91 24.50 17.09
C ASP C 234 -14.00 24.92 18.07
N ALA C 235 -15.24 24.55 17.76
CA ALA C 235 -16.38 24.97 18.59
C ALA C 235 -16.42 24.17 19.88
N TRP C 236 -16.05 22.89 19.79
CA TRP C 236 -15.94 22.04 20.97
C TRP C 236 -14.86 22.50 21.95
N SER C 237 -13.71 22.92 21.43
N SER C 237 -13.72 22.93 21.45
CA SER C 237 -12.62 23.43 22.28
CA SER C 237 -12.64 23.43 22.30
C SER C 237 -12.87 24.87 22.78
C SER C 237 -12.90 24.86 22.82
N SER C 238 -13.93 25.51 22.29
CA SER C 238 -14.45 26.78 22.84
C SER C 238 -15.55 26.50 23.88
N ARG C 239 -16.52 25.67 23.49
CA ARG C 239 -17.66 25.27 24.33
C ARG C 239 -17.19 24.78 25.69
N ILE C 240 -16.13 23.97 25.71
CA ILE C 240 -15.64 23.41 26.95
C ILE C 240 -15.29 24.52 27.95
N LEU C 241 -14.66 25.59 27.48
CA LEU C 241 -14.25 26.68 28.35
C LEU C 241 -15.46 27.46 28.88
N LEU C 242 -16.41 27.74 27.99
CA LEU C 242 -17.62 28.46 28.39
C LEU C 242 -18.39 27.72 29.47
N GLU C 243 -18.46 26.39 29.34
CA GLU C 243 -19.18 25.59 30.33
C GLU C 243 -18.38 25.37 31.62
N GLU C 244 -17.04 25.29 31.55
CA GLU C 244 -16.20 25.31 32.77
C GLU C 244 -16.34 26.64 33.51
N MET C 245 -16.58 27.72 32.78
CA MET C 245 -16.92 29.03 33.38
C MET C 245 -18.34 29.13 33.97
N GLY C 246 -19.15 28.07 33.83
CA GLY C 246 -20.47 28.00 34.47
C GLY C 246 -21.63 28.38 33.56
N LEU C 247 -21.36 28.63 32.29
CA LEU C 247 -22.42 28.93 31.33
C LEU C 247 -23.00 27.65 30.74
N ARG C 248 -24.19 27.76 30.14
CA ARG C 248 -24.83 26.63 29.47
C ARG C 248 -24.99 26.96 27.99
N CYS C 249 -24.24 26.28 27.15
N CYS C 249 -24.25 26.26 27.16
CA CYS C 249 -24.23 26.52 25.72
CA CYS C 249 -24.24 26.54 25.74
C CYS C 249 -25.40 25.80 25.05
C CYS C 249 -25.40 25.81 25.06
N VAL C 250 -26.50 26.53 24.91
CA VAL C 250 -27.74 25.98 24.33
C VAL C 250 -27.59 25.63 22.86
N ALA C 251 -26.78 26.40 22.11
CA ALA C 251 -26.66 26.23 20.66
C ALA C 251 -25.28 26.57 20.13
N GLN C 252 -24.90 25.88 19.05
CA GLN C 252 -23.73 26.18 18.23
C GLN C 252 -24.18 26.44 16.79
N TRP C 253 -23.94 27.65 16.29
CA TRP C 253 -24.31 28.03 14.92
C TRP C 253 -23.06 28.10 14.06
N SER C 254 -22.84 27.15 13.15
CA SER C 254 -23.64 25.94 12.93
C SER C 254 -22.78 24.68 13.00
N GLY C 255 -21.53 24.78 13.44
CA GLY C 255 -20.66 23.61 13.56
C GLY C 255 -21.18 22.64 14.60
N ASP C 256 -21.34 21.38 14.19
CA ASP C 256 -22.02 20.35 15.00
C ASP C 256 -23.44 20.75 15.42
N GLY C 257 -24.07 21.62 14.64
CA GLY C 257 -25.37 22.16 15.01
C GLY C 257 -26.51 21.25 14.63
N SER C 258 -27.57 21.29 15.43
CA SER C 258 -28.80 20.57 15.18
C SER C 258 -29.93 21.57 14.95
N ILE C 259 -30.95 21.16 14.21
CA ILE C 259 -32.10 22.05 13.98
C ILE C 259 -32.75 22.47 15.30
N SER C 260 -32.87 21.56 16.27
CA SER C 260 -33.49 21.90 17.55
C SER C 260 -32.70 22.99 18.30
N GLU C 261 -31.37 22.90 18.32
CA GLU C 261 -30.63 23.92 19.06
C GLU C 261 -30.75 25.30 18.39
N ILE C 262 -30.88 25.32 17.07
CA ILE C 262 -31.18 26.58 16.37
C ILE C 262 -32.54 27.12 16.82
N GLU C 263 -33.55 26.25 16.86
CA GLU C 263 -34.90 26.65 17.28
C GLU C 263 -35.00 27.10 18.75
N LEU C 264 -34.10 26.60 19.61
CA LEU C 264 -34.05 26.99 21.02
C LEU C 264 -33.24 28.26 21.27
N THR C 265 -32.52 28.75 20.26
CA THR C 265 -31.64 29.90 20.45
C THR C 265 -32.33 31.17 20.94
N PRO C 266 -33.56 31.46 20.47
CA PRO C 266 -34.25 32.65 21.00
C PRO C 266 -34.56 32.62 22.50
N LYS C 267 -34.30 31.51 23.18
CA LYS C 267 -34.49 31.41 24.64
C LYS C 267 -33.24 31.78 25.44
N VAL C 268 -32.11 32.05 24.78
CA VAL C 268 -30.86 32.30 25.52
C VAL C 268 -30.78 33.75 26.02
N LYS C 269 -29.82 33.97 26.92
CA LYS C 269 -29.61 35.29 27.52
C LYS C 269 -28.58 36.13 26.79
N LEU C 270 -27.70 35.50 26.01
CA LEU C 270 -26.60 36.20 25.36
C LEU C 270 -26.10 35.40 24.17
N ASN C 271 -25.98 36.08 23.02
CA ASN C 271 -25.38 35.52 21.81
C ASN C 271 -23.90 35.90 21.75
N LEU C 272 -23.04 34.89 21.66
CA LEU C 272 -21.60 35.10 21.60
C LEU C 272 -21.18 34.93 20.16
N VAL C 273 -20.77 36.02 19.53
CA VAL C 273 -20.47 36.01 18.10
C VAL C 273 -18.97 35.89 17.87
N HIS C 274 -18.57 34.80 17.22
CA HIS C 274 -17.18 34.64 16.79
C HIS C 274 -17.05 35.21 15.38
N CYS C 275 -17.62 34.54 14.38
CA CYS C 275 -17.63 35.08 13.04
C CYS C 275 -18.67 36.17 12.85
N TYR C 276 -18.22 37.40 13.05
CA TYR C 276 -19.04 38.59 12.81
C TYR C 276 -19.57 38.65 11.37
N ARG C 277 -18.69 38.41 10.40
CA ARG C 277 -19.04 38.59 8.99
C ARG C 277 -20.24 37.75 8.63
N SER C 278 -20.20 36.46 8.96
CA SER C 278 -21.21 35.52 8.49
C SER C 278 -22.51 35.52 9.29
N MET C 279 -22.48 35.93 10.56
N MET C 279 -22.48 35.98 10.53
CA MET C 279 -23.68 35.86 11.38
CA MET C 279 -23.61 35.84 11.45
C MET C 279 -24.06 37.10 12.20
C MET C 279 -24.10 37.11 12.15
N ASN C 280 -23.49 38.26 11.86
CA ASN C 280 -23.98 39.51 12.45
C ASN C 280 -25.44 39.78 12.10
N TYR C 281 -25.86 39.36 10.91
CA TYR C 281 -27.25 39.59 10.44
C TYR C 281 -28.29 38.97 11.38
N ILE C 282 -28.11 37.70 11.73
CA ILE C 282 -29.11 37.01 12.55
C ILE C 282 -28.97 37.47 14.02
N SER C 283 -27.76 37.84 14.41
CA SER C 283 -27.52 38.38 15.77
C SER C 283 -28.27 39.72 15.96
N ARG C 284 -28.21 40.57 14.95
CA ARG C 284 -28.97 41.82 15.00
C ARG C 284 -30.47 41.54 15.02
N HIS C 285 -30.92 40.57 14.21
CA HIS C 285 -32.32 40.18 14.20
C HIS C 285 -32.79 39.73 15.58
N MET C 286 -32.00 38.89 16.24
CA MET C 286 -32.40 38.35 17.55
C MET C 286 -32.42 39.42 18.65
N GLU C 287 -31.51 40.40 18.57
CA GLU C 287 -31.61 41.54 19.47
C GLU C 287 -32.91 42.34 19.21
N GLU C 288 -33.21 42.60 17.94
N GLU C 288 -33.24 42.58 17.94
CA GLU C 288 -34.40 43.38 17.53
CA GLU C 288 -34.42 43.39 17.63
C GLU C 288 -35.70 42.70 17.97
C GLU C 288 -35.72 42.69 18.00
N LYS C 289 -35.84 41.41 17.64
CA LYS C 289 -37.09 40.67 17.88
C LYS C 289 -37.24 40.14 19.33
N TYR C 290 -36.18 39.56 19.87
CA TYR C 290 -36.23 38.86 21.16
C TYR C 290 -35.56 39.61 22.31
N GLY C 291 -34.88 40.72 22.01
CA GLY C 291 -34.15 41.48 23.03
C GLY C 291 -32.88 40.82 23.53
N ILE C 292 -32.36 39.86 22.78
CA ILE C 292 -31.14 39.16 23.20
C ILE C 292 -29.91 39.98 22.80
N PRO C 293 -29.07 40.39 23.77
CA PRO C 293 -27.86 41.09 23.36
C PRO C 293 -26.84 40.16 22.74
N TRP C 294 -25.94 40.74 21.94
CA TRP C 294 -24.85 39.99 21.36
C TRP C 294 -23.53 40.71 21.54
N MET C 295 -22.44 39.96 21.55
CA MET C 295 -21.09 40.54 21.69
C MET C 295 -20.11 39.74 20.86
N GLU C 296 -19.15 40.44 20.26
CA GLU C 296 -18.05 39.82 19.54
C GLU C 296 -17.02 39.29 20.52
N TYR C 297 -16.41 38.16 20.19
CA TYR C 297 -15.31 37.64 20.99
C TYR C 297 -14.26 36.97 20.09
N ASN C 298 -13.17 36.54 20.70
CA ASN C 298 -12.03 35.98 19.99
C ASN C 298 -11.33 34.92 20.85
N PHE C 299 -11.27 33.67 20.35
CA PHE C 299 -10.71 32.54 21.07
C PHE C 299 -9.43 32.06 20.36
N PHE C 300 -8.74 32.94 19.64
CA PHE C 300 -7.44 32.57 19.04
C PHE C 300 -6.27 32.98 19.96
N GLY C 301 -5.67 31.99 20.62
CA GLY C 301 -4.51 32.20 21.45
C GLY C 301 -4.87 32.61 22.86
N PRO C 302 -3.92 32.50 23.81
CA PRO C 302 -4.24 32.75 25.23
C PRO C 302 -4.64 34.19 25.53
N THR C 303 -3.94 35.16 24.96
CA THR C 303 -4.24 36.56 25.25
C THR C 303 -5.70 36.92 24.91
N LYS C 304 -6.12 36.60 23.70
CA LYS C 304 -7.52 36.88 23.27
C LYS C 304 -8.53 36.01 24.01
N THR C 305 -8.21 34.74 24.20
CA THR C 305 -9.11 33.84 24.92
C THR C 305 -9.37 34.34 26.35
N ILE C 306 -8.30 34.74 27.06
CA ILE C 306 -8.43 35.27 28.42
C ILE C 306 -9.27 36.55 28.44
N GLU C 307 -8.96 37.47 27.55
CA GLU C 307 -9.72 38.72 27.43
C GLU C 307 -11.20 38.42 27.14
N SER C 308 -11.45 37.51 26.21
CA SER C 308 -12.83 37.13 25.86
C SER C 308 -13.58 36.49 27.03
N LEU C 309 -12.97 35.51 27.70
CA LEU C 309 -13.61 34.88 28.85
C LEU C 309 -14.02 35.94 29.90
N ARG C 310 -13.11 36.86 30.20
CA ARG C 310 -13.39 37.91 31.18
C ARG C 310 -14.50 38.86 30.74
N ALA C 311 -14.51 39.23 29.46
CA ALA C 311 -15.55 40.13 28.94
C ALA C 311 -16.93 39.44 28.93
N ILE C 312 -16.95 38.15 28.61
CA ILE C 312 -18.20 37.38 28.62
C ILE C 312 -18.71 37.23 30.06
N ALA C 313 -17.82 36.84 30.97
CA ALA C 313 -18.18 36.66 32.37
C ALA C 313 -18.73 37.92 33.03
N ALA C 314 -18.21 39.09 32.60
CA ALA C 314 -18.67 40.38 33.12
C ALA C 314 -20.15 40.70 32.83
N LYS C 315 -20.75 39.99 31.88
CA LYS C 315 -22.18 40.12 31.55
C LYS C 315 -23.08 39.35 32.51
N PHE C 316 -22.49 38.51 33.37
CA PHE C 316 -23.25 37.70 34.33
C PHE C 316 -22.85 38.15 35.74
N ASP C 317 -23.07 37.29 36.72
CA ASP C 317 -22.88 37.67 38.11
C ASP C 317 -21.47 37.29 38.62
N GLU C 318 -21.23 37.60 39.90
CA GLU C 318 -19.97 37.25 40.58
C GLU C 318 -19.62 35.75 40.52
N SER C 319 -20.62 34.87 40.51
CA SER C 319 -20.36 33.44 40.49
C SER C 319 -19.68 33.02 39.19
N ILE C 320 -20.10 33.61 38.06
CA ILE C 320 -19.49 33.34 36.76
C ILE C 320 -18.11 33.98 36.66
N GLN C 321 -17.98 35.20 37.18
CA GLN C 321 -16.69 35.90 37.20
C GLN C 321 -15.65 35.15 38.04
N LYS C 322 -16.07 34.56 39.16
CA LYS C 322 -15.21 33.68 39.97
C LYS C 322 -14.79 32.43 39.18
N LYS C 323 -15.74 31.75 38.53
CA LYS C 323 -15.41 30.58 37.72
C LYS C 323 -14.50 30.95 36.55
N CYS C 324 -14.72 32.14 35.98
CA CYS C 324 -13.85 32.63 34.92
C CYS C 324 -12.37 32.59 35.36
N GLU C 325 -12.11 33.12 36.55
CA GLU C 325 -10.73 33.16 37.06
C GLU C 325 -10.19 31.77 37.42
N GLU C 326 -11.09 30.88 37.83
CA GLU C 326 -10.73 29.47 38.03
C GLU C 326 -10.31 28.81 36.73
N VAL C 327 -11.06 29.06 35.65
CA VAL C 327 -10.69 28.55 34.33
C VAL C 327 -9.34 29.11 33.88
N ILE C 328 -9.17 30.42 34.03
CA ILE C 328 -7.92 31.05 33.62
C ILE C 328 -6.73 30.46 34.40
N ALA C 329 -6.90 30.24 35.70
CA ALA C 329 -5.85 29.64 36.51
C ALA C 329 -5.54 28.19 36.12
N LYS C 330 -6.57 27.44 35.75
CA LYS C 330 -6.40 26.04 35.34
C LYS C 330 -5.49 25.93 34.13
N TYR C 331 -5.81 26.69 33.09
CA TYR C 331 -5.10 26.57 31.82
C TYR C 331 -3.79 27.37 31.75
N LYS C 332 -3.58 28.26 32.70
CA LYS C 332 -2.35 29.06 32.75
C LYS C 332 -1.07 28.24 32.52
N PRO C 333 -0.83 27.18 33.34
CA PRO C 333 0.43 26.45 33.11
C PRO C 333 0.50 25.72 31.78
N GLU C 334 -0.67 25.36 31.23
CA GLU C 334 -0.72 24.64 29.96
C GLU C 334 -0.27 25.54 28.80
N TRP C 335 -0.90 26.70 28.63
CA TRP C 335 -0.48 27.61 27.55
C TRP C 335 0.91 28.20 27.80
N GLU C 336 1.28 28.38 29.06
CA GLU C 336 2.62 28.88 29.37
C GLU C 336 3.68 27.88 28.91
N ALA C 337 3.40 26.59 29.08
CA ALA C 337 4.30 25.55 28.60
C ALA C 337 4.41 25.56 27.08
N VAL C 338 3.29 25.79 26.40
CA VAL C 338 3.28 25.93 24.94
C VAL C 338 4.17 27.09 24.49
N VAL C 339 3.98 28.25 25.11
CA VAL C 339 4.79 29.44 24.81
C VAL C 339 6.29 29.17 25.05
N ALA C 340 6.62 28.58 26.20
CA ALA C 340 8.02 28.31 26.56
C ALA C 340 8.71 27.38 25.55
N LYS C 341 7.98 26.42 25.04
CA LYS C 341 8.52 25.50 24.06
C LYS C 341 8.63 26.13 22.67
N TYR C 342 7.57 26.78 22.19
CA TYR C 342 7.50 27.19 20.78
C TYR C 342 7.89 28.64 20.49
N ARG C 343 7.65 29.56 21.42
CA ARG C 343 8.00 30.96 21.17
C ARG C 343 9.48 31.13 20.80
N PRO C 344 10.42 30.49 21.53
CA PRO C 344 11.84 30.59 21.11
C PRO C 344 12.13 30.09 19.69
N ARG C 345 11.33 29.14 19.19
N ARG C 345 11.34 29.13 19.20
CA ARG C 345 11.49 28.60 17.84
CA ARG C 345 11.47 28.58 17.85
C ARG C 345 10.86 29.48 16.75
C ARG C 345 10.89 29.49 16.76
N LEU C 346 10.02 30.43 17.15
CA LEU C 346 9.25 31.27 16.19
C LEU C 346 9.45 32.79 16.38
N GLU C 347 10.09 33.21 17.47
CA GLU C 347 10.29 34.64 17.77
C GLU C 347 10.84 35.41 16.58
N GLY C 348 10.17 36.52 16.25
CA GLY C 348 10.60 37.41 15.18
C GLY C 348 10.22 37.02 13.76
N LYS C 349 9.67 35.80 13.58
CA LYS C 349 9.32 35.35 12.23
C LYS C 349 8.11 36.13 11.72
N ARG C 350 8.10 36.39 10.41
N ARG C 350 8.11 36.41 10.42
CA ARG C 350 7.12 37.25 9.77
CA ARG C 350 7.13 37.27 9.76
C ARG C 350 6.14 36.42 8.93
C ARG C 350 6.15 36.45 8.91
N VAL C 351 4.85 36.74 9.06
CA VAL C 351 3.76 35.97 8.43
C VAL C 351 2.93 36.91 7.55
N MET C 352 2.51 36.42 6.39
CA MET C 352 1.49 37.08 5.57
C MET C 352 0.29 36.17 5.53
N LEU C 353 -0.89 36.76 5.70
CA LEU C 353 -2.15 36.03 5.68
C LEU C 353 -3.05 36.45 4.52
N TYR C 354 -3.85 35.51 4.04
CA TYR C 354 -4.95 35.83 3.15
C TYR C 354 -6.04 34.79 3.34
N ILE C 355 -7.20 35.20 3.86
CA ILE C 355 -8.26 34.27 4.21
C ILE C 355 -9.61 34.96 3.86
N GLY C 356 -10.71 34.65 4.54
CA GLY C 356 -12.05 34.96 3.97
C GLY C 356 -12.68 36.25 4.48
N GLY C 357 -13.17 36.22 5.69
CA GLY C 357 -13.89 37.36 6.29
C GLY C 357 -13.70 37.59 7.77
N LEU C 358 -12.87 36.77 8.45
CA LEU C 358 -12.69 36.89 9.88
C LEU C 358 -11.25 36.63 10.30
N ARG C 359 -10.77 35.43 9.97
CA ARG C 359 -9.47 34.98 10.42
C ARG C 359 -8.27 35.89 10.07
N PRO C 360 -8.28 36.60 8.91
CA PRO C 360 -7.19 37.54 8.59
C PRO C 360 -6.90 38.60 9.67
N ARG C 361 -7.90 38.97 10.47
CA ARG C 361 -7.62 39.76 11.69
C ARG C 361 -7.61 38.91 12.97
N HIS C 362 -8.46 37.89 13.03
CA HIS C 362 -8.74 37.23 14.30
C HIS C 362 -7.55 36.43 14.85
N VAL C 363 -6.70 35.91 13.98
CA VAL C 363 -5.58 35.09 14.39
C VAL C 363 -4.33 35.87 14.73
N ILE C 364 -4.31 37.19 14.54
CA ILE C 364 -3.10 37.98 14.75
C ILE C 364 -2.58 37.83 16.18
N GLY C 365 -3.48 37.86 17.15
CA GLY C 365 -3.12 37.77 18.56
C GLY C 365 -2.38 36.47 18.84
N ALA C 366 -2.89 35.37 18.32
CA ALA C 366 -2.25 34.04 18.47
C ALA C 366 -0.81 34.04 17.95
N TYR C 367 -0.59 34.65 16.79
CA TYR C 367 0.74 34.79 16.22
C TYR C 367 1.61 35.61 17.15
N GLU C 368 1.08 36.72 17.66
CA GLU C 368 1.86 37.56 18.56
C GLU C 368 2.21 36.88 19.90
N ASP C 369 1.35 35.97 20.36
CA ASP C 369 1.64 35.15 21.54
C ASP C 369 2.83 34.18 21.33
N LEU C 370 3.19 33.93 20.07
CA LEU C 370 4.42 33.20 19.73
C LEU C 370 5.56 34.11 19.22
N GLY C 371 5.48 35.41 19.49
CA GLY C 371 6.51 36.34 19.04
C GLY C 371 6.59 36.60 17.54
N MET C 372 5.55 36.24 16.80
CA MET C 372 5.56 36.39 15.35
C MET C 372 4.89 37.69 14.99
N GLU C 373 5.18 38.20 13.80
CA GLU C 373 4.68 39.50 13.33
C GLU C 373 3.89 39.25 12.07
N VAL C 374 2.64 39.71 12.03
CA VAL C 374 1.83 39.65 10.81
C VAL C 374 2.10 40.90 9.98
N VAL C 375 2.85 40.73 8.90
CA VAL C 375 3.34 41.87 8.11
C VAL C 375 2.43 42.23 6.93
N GLY C 376 1.51 41.33 6.59
CA GLY C 376 0.53 41.56 5.54
C GLY C 376 -0.71 40.74 5.81
N THR C 377 -1.89 41.32 5.61
CA THR C 377 -3.11 40.53 5.72
C THR C 377 -4.17 41.03 4.76
N GLY C 378 -5.16 40.19 4.53
CA GLY C 378 -6.23 40.56 3.64
C GLY C 378 -7.33 39.54 3.58
N TYR C 379 -8.43 39.94 2.95
CA TYR C 379 -9.62 39.15 2.92
C TYR C 379 -10.17 38.96 1.49
N GLU C 380 -10.74 37.78 1.26
CA GLU C 380 -11.48 37.53 0.03
C GLU C 380 -12.71 38.41 -0.13
N PHE C 381 -13.52 38.52 0.92
CA PHE C 381 -14.89 39.06 0.77
C PHE C 381 -15.36 39.93 1.94
N ALA C 382 -14.44 40.42 2.76
CA ALA C 382 -14.75 41.31 3.88
C ALA C 382 -15.41 42.60 3.44
N HIS C 383 -16.11 43.24 4.37
CA HIS C 383 -16.72 44.56 4.13
C HIS C 383 -15.90 45.59 4.92
N ASN C 384 -16.19 46.87 4.74
CA ASN C 384 -15.43 47.89 5.45
C ASN C 384 -15.51 47.81 6.97
N ASP C 385 -16.62 47.29 7.52
CA ASP C 385 -16.70 47.09 8.98
C ASP C 385 -15.71 46.05 9.48
N ASP C 386 -15.35 45.07 8.64
CA ASP C 386 -14.23 44.17 8.96
C ASP C 386 -12.88 44.89 8.90
N TYR C 387 -12.68 45.70 7.86
CA TYR C 387 -11.45 46.49 7.74
C TYR C 387 -11.29 47.45 8.90
N ASP C 388 -12.40 48.05 9.39
CA ASP C 388 -12.33 48.93 10.57
C ASP C 388 -11.75 48.20 11.76
N ARG C 389 -12.18 46.96 11.95
CA ARG C 389 -11.68 46.14 13.06
C ARG C 389 -10.25 45.64 12.85
N THR C 390 -9.76 45.68 11.61
CA THR C 390 -8.46 45.15 11.26
C THR C 390 -7.33 46.16 11.47
N MET C 391 -7.61 47.43 11.20
CA MET C 391 -6.54 48.44 11.16
C MET C 391 -5.84 48.60 12.53
N LYS C 392 -6.61 48.47 13.62
CA LYS C 392 -6.05 48.54 14.98
C LYS C 392 -5.31 47.26 15.39
N GLU C 393 -5.62 46.14 14.73
CA GLU C 393 -4.95 44.86 14.99
C GLU C 393 -3.61 44.70 14.27
N MET C 394 -3.44 45.43 13.17
CA MET C 394 -2.24 45.35 12.36
C MET C 394 -1.28 46.47 12.72
N GLY C 395 0.01 46.21 12.50
CA GLY C 395 1.03 47.20 12.81
C GLY C 395 1.03 48.32 11.81
N ASP C 396 1.68 49.43 12.16
CA ASP C 396 1.84 50.53 11.22
C ASP C 396 2.67 50.11 10.02
N SER C 397 2.28 50.60 8.85
CA SER C 397 2.97 50.39 7.57
C SER C 397 2.94 48.94 7.08
N THR C 398 2.01 48.13 7.59
CA THR C 398 1.82 46.79 7.07
C THR C 398 0.92 46.86 5.84
N LEU C 399 0.91 45.77 5.05
CA LEU C 399 0.19 45.75 3.79
C LEU C 399 -1.19 45.11 3.97
N LEU C 400 -2.21 45.76 3.41
CA LEU C 400 -3.59 45.27 3.41
C LEU C 400 -4.07 45.04 1.99
N TYR C 401 -4.69 43.89 1.72
CA TYR C 401 -5.19 43.59 0.36
C TYR C 401 -6.61 43.02 0.42
N ASP C 402 -7.52 43.66 -0.31
CA ASP C 402 -8.90 43.18 -0.48
C ASP C 402 -9.08 42.49 -1.83
N ASP C 403 -9.65 41.29 -1.81
CA ASP C 403 -9.87 40.50 -3.03
C ASP C 403 -8.59 40.45 -3.87
N VAL C 404 -7.51 40.02 -3.23
CA VAL C 404 -6.19 40.02 -3.88
C VAL C 404 -6.21 39.12 -5.12
N THR C 405 -5.52 39.56 -6.18
CA THR C 405 -5.37 38.74 -7.39
C THR C 405 -4.21 37.79 -7.18
N GLY C 406 -4.21 36.70 -7.94
CA GLY C 406 -3.12 35.75 -7.87
C GLY C 406 -1.78 36.43 -8.11
N TYR C 407 -1.73 37.21 -9.16
CA TYR C 407 -0.55 37.98 -9.52
C TYR C 407 -0.04 38.87 -8.38
N GLU C 408 -0.95 39.65 -7.80
CA GLU C 408 -0.59 40.56 -6.70
C GLU C 408 0.02 39.79 -5.53
N PHE C 409 -0.65 38.70 -5.15
CA PHE C 409 -0.24 37.94 -3.96
C PHE C 409 1.16 37.40 -4.17
N GLU C 410 1.43 36.84 -5.35
CA GLU C 410 2.79 36.35 -5.67
C GLU C 410 3.83 37.46 -5.64
N GLU C 411 3.54 38.57 -6.33
CA GLU C 411 4.49 39.67 -6.39
C GLU C 411 4.73 40.32 -5.02
N PHE C 412 3.70 40.43 -4.20
CA PHE C 412 3.90 40.98 -2.84
C PHE C 412 4.84 40.07 -2.02
N VAL C 413 4.63 38.77 -2.13
CA VAL C 413 5.42 37.77 -1.41
C VAL C 413 6.89 37.79 -1.85
N LYS C 414 7.12 37.86 -3.15
CA LYS C 414 8.48 37.98 -3.69
C LYS C 414 9.28 39.16 -3.10
N ARG C 415 8.64 40.31 -2.89
N ARG C 415 8.63 40.30 -2.88
CA ARG C 415 9.31 41.49 -2.33
CA ARG C 415 9.32 41.48 -2.32
C ARG C 415 9.42 41.41 -0.80
C ARG C 415 9.42 41.41 -0.80
N ILE C 416 8.31 41.06 -0.15
CA ILE C 416 8.23 41.07 1.32
C ILE C 416 9.01 39.90 1.95
N LYS C 417 9.03 38.76 1.26
CA LYS C 417 9.79 37.57 1.71
C LYS C 417 9.40 37.16 3.14
N PRO C 418 8.10 36.88 3.35
CA PRO C 418 7.68 36.39 4.64
C PRO C 418 8.31 35.03 4.98
N ASP C 419 8.44 34.74 6.27
CA ASP C 419 8.93 33.44 6.73
C ASP C 419 7.85 32.37 6.65
N LEU C 420 6.58 32.79 6.62
CA LEU C 420 5.43 31.87 6.62
C LEU C 420 4.25 32.57 5.92
N ILE C 421 3.45 31.79 5.20
CA ILE C 421 2.19 32.26 4.62
C ILE C 421 1.05 31.40 5.13
N GLY C 422 -0.07 32.05 5.48
CA GLY C 422 -1.28 31.38 5.95
C GLY C 422 -2.42 31.74 5.02
N SER C 423 -2.86 30.78 4.20
CA SER C 423 -3.93 31.04 3.23
C SER C 423 -4.66 29.73 2.88
N GLY C 424 -5.21 29.62 1.67
CA GLY C 424 -6.02 28.45 1.29
C GLY C 424 -5.36 27.48 0.34
N ILE C 425 -6.14 26.47 -0.05
CA ILE C 425 -5.66 25.36 -0.88
C ILE C 425 -5.20 25.78 -2.28
N LYS C 426 -5.85 26.81 -2.84
CA LYS C 426 -5.43 27.33 -4.16
C LYS C 426 -4.09 28.09 -4.12
N GLU C 427 -3.70 28.49 -2.91
CA GLU C 427 -2.49 29.26 -2.65
C GLU C 427 -1.33 28.36 -2.25
N LYS C 428 -1.65 27.31 -1.48
CA LYS C 428 -0.65 26.47 -0.82
C LYS C 428 0.55 26.08 -1.66
N PHE C 429 0.31 25.46 -2.81
CA PHE C 429 1.38 24.80 -3.54
C PHE C 429 2.23 25.76 -4.34
N ILE C 430 1.69 26.95 -4.62
CA ILE C 430 2.43 28.03 -5.27
C ILE C 430 3.60 28.45 -4.37
N PHE C 431 3.26 28.75 -3.12
CA PHE C 431 4.21 29.31 -2.18
C PHE C 431 5.22 28.30 -1.66
N GLN C 432 4.81 27.04 -1.50
CA GLN C 432 5.77 25.98 -1.19
C GLN C 432 6.87 25.85 -2.24
N LYS C 433 6.50 25.95 -3.51
CA LYS C 433 7.46 25.86 -4.60
C LYS C 433 8.46 27.03 -4.61
N MET C 434 8.01 28.17 -4.10
CA MET C 434 8.87 29.34 -3.90
C MET C 434 9.79 29.24 -2.68
N GLY C 435 9.65 28.17 -1.89
CA GLY C 435 10.49 27.95 -0.72
C GLY C 435 9.98 28.61 0.54
N ILE C 436 8.70 28.95 0.55
CA ILE C 436 8.10 29.65 1.69
C ILE C 436 7.17 28.70 2.41
N PRO C 437 7.47 28.36 3.68
CA PRO C 437 6.58 27.58 4.51
C PRO C 437 5.15 28.10 4.44
N PHE C 438 4.20 27.18 4.30
CA PHE C 438 2.79 27.52 4.12
C PHE C 438 1.93 26.68 5.05
N ARG C 439 1.00 27.34 5.76
CA ARG C 439 -0.04 26.66 6.53
C ARG C 439 -1.41 27.07 6.01
N GLN C 440 -2.27 26.07 5.80
CA GLN C 440 -3.65 26.31 5.43
C GLN C 440 -4.39 26.87 6.61
N MET C 441 -4.94 28.07 6.45
CA MET C 441 -5.66 28.72 7.54
C MET C 441 -7.18 28.74 7.35
N HIS C 442 -7.67 27.94 6.41
CA HIS C 442 -9.09 27.54 6.39
C HIS C 442 -9.26 26.14 7.03
N SER C 443 -8.64 25.15 6.39
CA SER C 443 -8.77 23.75 6.78
C SER C 443 -7.84 23.35 7.91
N TRP C 444 -6.99 24.28 8.36
CA TRP C 444 -5.96 23.99 9.33
C TRP C 444 -5.01 22.90 8.86
N ASP C 445 -4.91 22.68 7.56
CA ASP C 445 -4.03 21.66 6.99
C ASP C 445 -4.32 20.29 7.64
N TYR C 446 -5.60 20.02 7.87
CA TYR C 446 -6.08 18.70 8.32
C TYR C 446 -5.72 18.44 9.78
N SER C 447 -5.48 19.53 10.51
CA SER C 447 -5.08 19.55 11.89
C SER C 447 -6.13 20.36 12.69
N GLY C 448 -5.73 20.94 13.79
CA GLY C 448 -6.64 21.64 14.68
C GLY C 448 -7.27 20.70 15.70
N PRO C 449 -8.14 21.21 16.59
CA PRO C 449 -8.64 22.60 16.60
C PRO C 449 -7.59 23.66 16.88
N TYR C 450 -7.89 24.91 16.49
CA TYR C 450 -7.07 26.05 16.84
C TYR C 450 -7.72 27.01 17.84
N HIS C 451 -9.05 26.93 18.05
CA HIS C 451 -9.71 27.77 19.07
C HIS C 451 -9.40 27.30 20.50
N GLY C 452 -9.37 28.26 21.41
CA GLY C 452 -9.29 27.96 22.84
C GLY C 452 -7.89 27.64 23.29
N PHE C 453 -7.74 27.24 24.55
CA PHE C 453 -6.44 26.87 25.09
C PHE C 453 -5.91 25.59 24.44
N ASP C 454 -6.77 24.58 24.31
CA ASP C 454 -6.35 23.32 23.67
C ASP C 454 -5.98 23.52 22.21
N GLY C 455 -6.68 24.42 21.53
CA GLY C 455 -6.36 24.74 20.16
C GLY C 455 -5.03 25.46 20.00
N PHE C 456 -4.67 26.32 20.95
CA PHE C 456 -3.42 27.08 20.87
C PHE C 456 -2.20 26.15 20.83
N ALA C 457 -2.25 25.07 21.61
CA ALA C 457 -1.17 24.07 21.62
C ALA C 457 -0.94 23.48 20.23
N ILE C 458 -2.03 23.14 19.56
CA ILE C 458 -1.97 22.53 18.24
C ILE C 458 -1.52 23.58 17.19
N PHE C 459 -2.06 24.79 17.29
CA PHE C 459 -1.63 25.91 16.44
C PHE C 459 -0.11 26.13 16.53
N ALA C 460 0.41 26.17 17.75
CA ALA C 460 1.85 26.40 17.98
C ALA C 460 2.69 25.28 17.39
N ARG C 461 2.30 24.04 17.69
CA ARG C 461 2.92 22.85 17.11
C ARG C 461 2.99 22.92 15.58
N ASP C 462 1.87 23.30 14.98
CA ASP C 462 1.74 23.34 13.54
C ASP C 462 2.58 24.43 12.90
N MET C 463 2.57 25.64 13.44
CA MET C 463 3.37 26.71 12.86
C MET C 463 4.85 26.34 12.94
N ASP C 464 5.26 25.77 14.08
CA ASP C 464 6.64 25.32 14.27
C ASP C 464 7.04 24.18 13.32
N MET C 465 6.20 23.15 13.22
CA MET C 465 6.57 21.97 12.40
C MET C 465 6.83 22.37 10.95
N THR C 466 6.08 23.35 10.48
CA THR C 466 6.15 23.78 9.09
C THR C 466 7.22 24.86 8.87
N LEU C 467 7.19 25.94 9.64
CA LEU C 467 8.18 26.99 9.47
C LEU C 467 9.62 26.45 9.62
N ASN C 468 9.83 25.60 10.63
CA ASN C 468 11.18 25.09 10.91
C ASN C 468 11.49 23.72 10.32
N ASN C 469 10.66 23.25 9.38
CA ASN C 469 10.87 21.92 8.82
C ASN C 469 12.18 21.82 8.05
N PRO C 470 12.86 20.65 8.15
CA PRO C 470 14.11 20.52 7.39
C PRO C 470 13.99 20.64 5.85
N CYS C 471 12.80 20.42 5.29
CA CYS C 471 12.64 20.49 3.84
C CYS C 471 13.01 21.84 3.25
N TRP C 472 12.80 22.93 4.00
CA TRP C 472 12.99 24.27 3.44
C TRP C 472 14.43 24.67 3.18
N LYS C 473 15.38 23.91 3.69
CA LYS C 473 16.80 24.16 3.43
C LYS C 473 17.29 23.42 2.17
N LYS C 474 16.40 22.72 1.49
CA LYS C 474 16.81 21.77 0.47
C LYS C 474 16.38 22.13 -0.94
N LEU C 475 15.75 23.29 -1.13
CA LEU C 475 15.19 23.63 -2.44
C LEU C 475 16.26 23.92 -3.49
N GLN C 476 17.41 24.44 -3.08
CA GLN C 476 18.50 24.70 -4.04
C GLN C 476 19.43 23.48 -4.13
N ALA C 477 19.58 22.96 -5.34
CA ALA C 477 20.52 21.88 -5.59
C ALA C 477 21.94 22.38 -5.27
N PRO C 478 22.73 21.56 -4.56
CA PRO C 478 24.07 22.05 -4.17
C PRO C 478 25.02 22.38 -5.33
N TRP C 479 24.75 21.86 -6.53
CA TRP C 479 25.54 22.16 -7.72
C TRP C 479 25.14 23.42 -8.49
N GLU C 480 24.04 24.07 -8.10
CA GLU C 480 23.69 25.38 -8.69
C GLU C 480 23.34 26.38 -7.60
N SER D 2 -7.79 19.70 27.92
CA SER D 2 -6.40 19.93 28.42
C SER D 2 -5.40 19.36 27.42
N GLN D 3 -4.16 19.86 27.50
CA GLN D 3 -3.06 19.34 26.70
C GLN D 3 -1.83 19.13 27.57
N GLN D 4 -1.10 18.08 27.27
CA GLN D 4 0.23 17.83 27.83
C GLN D 4 1.20 18.27 26.75
N VAL D 5 2.03 19.25 27.05
CA VAL D 5 2.85 19.92 26.03
C VAL D 5 3.79 19.01 25.22
N ASP D 6 4.31 17.93 25.80
N ASP D 6 4.27 17.94 25.85
CA ASP D 6 5.20 17.04 25.05
CA ASP D 6 5.15 16.96 25.21
C ASP D 6 4.47 15.91 24.29
C ASP D 6 4.46 16.03 24.21
N LYS D 7 3.15 15.85 24.36
CA LYS D 7 2.37 15.01 23.46
C LYS D 7 1.00 15.64 23.22
N ILE D 8 1.05 16.67 22.39
CA ILE D 8 -0.13 17.43 22.01
C ILE D 8 -1.09 16.54 21.19
N LYS D 9 -2.37 16.62 21.50
CA LYS D 9 -3.41 15.88 20.80
C LYS D 9 -4.19 16.80 19.85
N ALA D 10 -4.21 16.44 18.58
CA ALA D 10 -5.15 17.03 17.62
C ALA D 10 -6.55 16.42 17.85
N SER D 11 -7.55 16.86 17.06
CA SER D 11 -8.95 16.49 17.27
C SER D 11 -9.16 15.02 17.62
N TYR D 12 -8.57 14.14 16.81
CA TYR D 12 -8.35 12.73 17.18
C TYR D 12 -6.90 12.62 17.75
N PRO D 13 -6.70 12.25 19.02
CA PRO D 13 -7.70 11.73 19.95
C PRO D 13 -8.20 12.69 21.03
N LEU D 14 -7.97 14.01 20.90
CA LEU D 14 -8.34 14.96 21.94
C LEU D 14 -9.77 14.78 22.45
N PHE D 15 -10.71 14.68 21.52
CA PHE D 15 -12.13 14.71 21.87
C PHE D 15 -12.64 13.39 22.49
N LEU D 16 -11.76 12.40 22.58
CA LEU D 16 -11.99 11.19 23.37
C LEU D 16 -11.63 11.34 24.85
N ASP D 17 -10.95 12.43 25.25
CA ASP D 17 -10.77 12.70 26.69
C ASP D 17 -12.11 12.73 27.40
N GLN D 18 -12.13 12.28 28.66
CA GLN D 18 -13.39 12.17 29.42
C GLN D 18 -14.16 13.49 29.51
N ASP D 19 -13.45 14.60 29.70
CA ASP D 19 -14.17 15.88 29.81
C ASP D 19 -14.90 16.23 28.50
N TYR D 20 -14.23 16.07 27.37
CA TYR D 20 -14.90 16.32 26.08
C TYR D 20 -16.05 15.34 25.82
N LYS D 21 -15.86 14.07 26.15
N LYS D 21 -15.87 14.08 26.15
CA LYS D 21 -16.91 13.06 26.02
CA LYS D 21 -16.91 13.08 25.97
C LYS D 21 -18.15 13.45 26.78
C LYS D 21 -18.15 13.44 26.80
N ASP D 22 -17.95 13.79 28.06
CA ASP D 22 -19.04 14.21 28.94
C ASP D 22 -19.76 15.46 28.42
N MET D 23 -18.99 16.43 27.93
CA MET D 23 -19.50 17.66 27.37
C MET D 23 -20.39 17.37 26.17
N LEU D 24 -19.94 16.46 25.30
CA LEU D 24 -20.69 16.15 24.06
C LEU D 24 -21.97 15.39 24.37
N ALA D 25 -21.91 14.54 25.40
CA ALA D 25 -23.11 13.85 25.89
C ALA D 25 -24.14 14.85 26.41
N LYS D 26 -23.69 15.83 27.20
CA LYS D 26 -24.57 16.88 27.70
C LYS D 26 -25.19 17.74 26.60
N LYS D 27 -24.40 18.07 25.58
CA LYS D 27 -24.90 18.82 24.41
C LYS D 27 -26.02 18.04 23.71
N ARG D 28 -25.74 16.78 23.39
CA ARG D 28 -26.75 15.88 22.82
C ARG D 28 -28.02 15.85 23.65
N ASP D 29 -27.90 15.45 24.92
CA ASP D 29 -29.07 15.27 25.77
C ASP D 29 -29.84 16.55 26.03
N GLY D 30 -29.11 17.66 26.14
CA GLY D 30 -29.72 18.93 26.50
C GLY D 30 -30.47 19.58 25.37
N PHE D 31 -29.89 19.56 24.16
CA PHE D 31 -30.33 20.49 23.11
C PHE D 31 -30.52 19.94 21.70
N GLU D 32 -30.08 18.70 21.43
CA GLU D 32 -30.10 18.14 20.09
C GLU D 32 -31.37 17.35 19.74
N GLU D 33 -32.17 16.98 20.75
CA GLU D 33 -33.43 16.22 20.56
C GLU D 33 -33.19 15.09 19.58
N LYS D 34 -32.16 14.33 19.90
CA LYS D 34 -31.63 13.32 19.00
C LYS D 34 -32.51 12.07 19.08
N TYR D 35 -32.66 11.40 17.95
CA TYR D 35 -33.36 10.10 17.93
C TYR D 35 -32.62 9.14 18.87
N PRO D 36 -33.38 8.32 19.64
CA PRO D 36 -32.73 7.31 20.50
C PRO D 36 -31.80 6.39 19.74
N GLN D 37 -30.73 5.95 20.39
CA GLN D 37 -29.73 5.07 19.74
C GLN D 37 -30.36 3.80 19.17
N ASP D 38 -31.34 3.24 19.87
CA ASP D 38 -32.03 2.03 19.36
C ASP D 38 -32.72 2.29 18.02
N LYS D 39 -33.31 3.47 17.86
CA LYS D 39 -33.92 3.84 16.57
C LYS D 39 -32.88 4.08 15.48
N ILE D 40 -31.77 4.74 15.82
CA ILE D 40 -30.65 4.93 14.89
C ILE D 40 -30.16 3.56 14.41
N ASP D 41 -29.93 2.65 15.35
CA ASP D 41 -29.52 1.29 15.01
C ASP D 41 -30.53 0.58 14.11
N GLU D 42 -31.82 0.73 14.42
CA GLU D 42 -32.90 0.09 13.63
C GLU D 42 -32.89 0.57 12.20
N VAL D 43 -32.76 1.88 12.02
CA VAL D 43 -32.78 2.47 10.69
C VAL D 43 -31.51 2.09 9.96
N PHE D 44 -30.36 2.13 10.63
CA PHE D 44 -29.14 1.72 9.98
C PHE D 44 -29.28 0.31 9.40
N GLN D 45 -29.74 -0.64 10.22
N GLN D 45 -29.75 -0.62 10.21
CA GLN D 45 -29.88 -2.03 9.79
CA GLN D 45 -29.88 -2.01 9.80
C GLN D 45 -30.81 -2.12 8.57
C GLN D 45 -30.80 -2.11 8.57
N TRP D 46 -31.91 -1.39 8.61
CA TRP D 46 -32.84 -1.31 7.47
C TRP D 46 -32.15 -0.83 6.18
N THR D 47 -31.25 0.17 6.28
CA THR D 47 -30.51 0.65 5.11
C THR D 47 -29.54 -0.36 4.48
N THR D 48 -29.24 -1.46 5.18
CA THR D 48 -28.42 -2.54 4.63
C THR D 48 -29.21 -3.66 3.95
N THR D 49 -30.54 -3.55 3.91
CA THR D 49 -31.39 -4.65 3.44
C THR D 49 -31.71 -4.62 1.96
N LYS D 50 -32.14 -5.77 1.46
CA LYS D 50 -32.68 -5.89 0.10
C LYS D 50 -33.95 -5.04 -0.07
N GLU D 51 -34.83 -5.00 0.95
CA GLU D 51 -36.03 -4.13 0.93
C GLU D 51 -35.64 -2.66 0.67
N TYR D 52 -34.66 -2.16 1.40
CA TYR D 52 -34.16 -0.80 1.20
C TYR D 52 -33.54 -0.63 -0.16
N GLN D 53 -32.75 -1.62 -0.60
CA GLN D 53 -32.13 -1.55 -1.92
C GLN D 53 -33.15 -1.36 -3.02
N GLU D 54 -34.24 -2.08 -2.95
CA GLU D 54 -35.24 -1.96 -4.01
C GLU D 54 -35.87 -0.53 -4.03
N LEU D 55 -36.16 0.05 -2.87
CA LEU D 55 -36.61 1.45 -2.81
C LEU D 55 -35.56 2.42 -3.34
N ASN D 56 -34.33 2.15 -2.95
CA ASN D 56 -33.15 2.93 -3.36
C ASN D 56 -33.03 2.96 -4.90
N PHE D 57 -33.18 1.78 -5.52
CA PHE D 57 -33.06 1.68 -6.98
C PHE D 57 -34.27 2.23 -7.76
N GLN D 58 -35.36 2.53 -7.07
CA GLN D 58 -36.54 3.18 -7.68
C GLN D 58 -36.44 4.71 -7.77
N ARG D 59 -35.39 5.31 -7.21
CA ARG D 59 -35.22 6.76 -7.29
C ARG D 59 -35.26 7.24 -8.73
N GLU D 60 -36.00 8.32 -8.97
CA GLU D 60 -36.06 9.01 -10.26
C GLU D 60 -35.54 10.46 -10.20
N ALA D 61 -35.69 11.13 -9.07
CA ALA D 61 -35.38 12.56 -8.93
C ALA D 61 -34.17 12.87 -8.04
N LEU D 62 -33.98 12.08 -6.98
CA LEU D 62 -32.88 12.27 -6.04
C LEU D 62 -31.62 11.51 -6.45
N THR D 63 -30.49 12.24 -6.42
CA THR D 63 -29.16 11.68 -6.56
C THR D 63 -28.45 11.88 -5.21
N VAL D 64 -27.73 10.84 -4.77
CA VAL D 64 -27.01 10.86 -3.50
C VAL D 64 -25.59 10.34 -3.77
N ASN D 65 -24.59 11.15 -3.44
CA ASN D 65 -23.18 10.76 -3.58
C ASN D 65 -22.83 10.35 -5.03
N PRO D 66 -22.95 11.32 -5.95
CA PRO D 66 -22.63 11.04 -7.36
C PRO D 66 -21.16 10.63 -7.56
N ALA D 67 -20.92 9.90 -8.63
CA ALA D 67 -19.62 9.54 -9.11
C ALA D 67 -19.36 10.17 -10.49
N LYS D 68 -19.53 11.48 -10.52
CA LYS D 68 -19.26 12.29 -11.72
C LYS D 68 -19.21 13.76 -11.28
N ALA D 69 -18.64 14.59 -12.15
CA ALA D 69 -18.58 16.04 -11.96
C ALA D 69 -19.13 16.72 -13.21
N CYS D 70 -18.96 18.04 -13.34
CA CYS D 70 -19.59 18.77 -14.43
C CYS D 70 -18.61 19.13 -15.55
N GLN D 71 -19.16 19.35 -16.73
CA GLN D 71 -18.37 19.63 -17.95
C GLN D 71 -17.16 20.54 -17.83
N PRO D 72 -17.33 21.78 -17.32
CA PRO D 72 -16.17 22.68 -17.35
C PRO D 72 -14.96 22.18 -16.59
N LEU D 73 -15.13 21.30 -15.58
CA LEU D 73 -13.96 20.69 -14.92
C LEU D 73 -13.04 20.01 -15.96
N GLY D 74 -13.65 19.24 -16.86
CA GLY D 74 -12.92 18.54 -17.92
C GLY D 74 -12.35 19.48 -18.97
N ALA D 75 -13.06 20.57 -19.29
CA ALA D 75 -12.54 21.57 -20.21
C ALA D 75 -11.27 22.21 -19.66
N VAL D 76 -11.28 22.49 -18.37
CA VAL D 76 -10.11 23.08 -17.70
C VAL D 76 -8.92 22.11 -17.78
N LEU D 77 -9.14 20.84 -17.45
CA LEU D 77 -8.04 19.86 -17.52
C LEU D 77 -7.46 19.75 -18.93
N CYS D 78 -8.34 19.74 -19.93
CA CYS D 78 -7.92 19.62 -21.31
C CYS D 78 -7.04 20.83 -21.66
N ALA D 79 -7.52 22.01 -21.31
CA ALA D 79 -6.80 23.26 -21.60
C ALA D 79 -5.41 23.32 -20.95
N LEU D 80 -5.29 22.81 -19.73
CA LEU D 80 -4.03 22.83 -19.01
C LEU D 80 -2.92 22.11 -19.76
N GLY D 81 -3.29 21.16 -20.62
CA GLY D 81 -2.32 20.39 -21.39
C GLY D 81 -1.73 21.04 -22.62
N PHE D 82 -2.03 22.31 -22.85
CA PHE D 82 -1.46 23.06 -23.98
C PHE D 82 -0.45 24.09 -23.51
N GLU D 83 0.59 24.27 -24.31
CA GLU D 83 1.73 25.12 -23.94
C GLU D 83 1.26 26.54 -23.62
N LYS D 84 1.70 27.01 -22.46
CA LYS D 84 1.44 28.38 -21.99
C LYS D 84 -0.02 28.80 -22.18
N THR D 85 -0.92 27.89 -21.87
CA THR D 85 -2.34 28.10 -22.06
C THR D 85 -3.02 28.32 -20.73
N MET D 86 -3.81 29.39 -20.66
CA MET D 86 -4.65 29.65 -19.51
C MET D 86 -6.06 29.14 -19.76
N PRO D 87 -6.53 28.19 -18.94
CA PRO D 87 -7.96 27.89 -18.95
C PRO D 87 -8.75 29.09 -18.45
N TYR D 88 -9.84 29.36 -19.15
CA TYR D 88 -10.68 30.52 -18.89
C TYR D 88 -12.11 30.05 -18.98
N VAL D 89 -12.88 30.21 -17.90
CA VAL D 89 -14.26 29.77 -17.90
C VAL D 89 -15.16 31.01 -17.86
N HIS D 90 -15.82 31.25 -18.98
CA HIS D 90 -16.76 32.35 -19.12
C HIS D 90 -18.01 32.07 -18.30
N GLY D 91 -18.34 32.98 -17.39
CA GLY D 91 -19.45 32.77 -16.45
C GLY D 91 -19.07 33.14 -15.03
N SER D 92 -19.53 32.33 -14.08
CA SER D 92 -19.52 32.65 -12.65
C SER D 92 -18.25 32.21 -11.99
N GLN D 93 -17.67 33.09 -11.17
CA GLN D 93 -16.37 32.80 -10.58
C GLN D 93 -16.37 31.68 -9.53
N GLY D 94 -17.50 31.45 -8.86
CA GLY D 94 -17.59 30.39 -7.83
C GLY D 94 -17.18 29.03 -8.36
N CYS D 95 -17.56 28.78 -9.60
CA CYS D 95 -17.20 27.56 -10.32
C CYS D 95 -15.69 27.36 -10.39
N VAL D 96 -14.95 28.41 -10.72
CA VAL D 96 -13.49 28.32 -10.93
C VAL D 96 -12.77 28.06 -9.59
N ALA D 97 -13.25 28.65 -8.50
CA ALA D 97 -12.66 28.34 -7.20
C ALA D 97 -12.78 26.84 -6.92
N TYR D 98 -13.94 26.27 -7.24
CA TYR D 98 -14.15 24.84 -7.05
C TYR D 98 -13.32 23.99 -7.98
N PHE D 99 -13.24 24.35 -9.26
CA PHE D 99 -12.47 23.51 -10.21
C PHE D 99 -11.00 23.44 -9.76
N ARG D 100 -10.47 24.60 -9.40
CA ARG D 100 -9.07 24.68 -8.98
C ARG D 100 -8.81 23.86 -7.73
N SER D 101 -9.65 24.02 -6.71
N SER D 101 -9.64 24.04 -6.70
CA SER D 101 -9.48 23.32 -5.44
CA SER D 101 -9.47 23.33 -5.42
C SER D 101 -9.59 21.81 -5.63
C SER D 101 -9.62 21.82 -5.58
N TYR D 102 -10.52 21.39 -6.48
CA TYR D 102 -10.72 19.95 -6.74
C TYR D 102 -9.44 19.35 -7.28
N PHE D 103 -8.86 20.00 -8.30
CA PHE D 103 -7.61 19.52 -8.87
C PHE D 103 -6.41 19.73 -7.92
N ASN D 104 -6.35 20.87 -7.21
CA ASN D 104 -5.32 21.10 -6.18
C ASN D 104 -5.23 19.91 -5.23
N ARG D 105 -6.37 19.47 -4.74
CA ARG D 105 -6.41 18.40 -3.75
C ARG D 105 -5.98 17.03 -4.31
N HIS D 106 -6.22 16.77 -5.59
CA HIS D 106 -5.84 15.50 -6.21
C HIS D 106 -4.36 15.49 -6.60
N PHE D 107 -3.88 16.56 -7.22
CA PHE D 107 -2.48 16.60 -7.68
C PHE D 107 -1.49 17.13 -6.64
N ARG D 108 -1.99 17.80 -5.59
CA ARG D 108 -1.15 18.54 -4.65
C ARG D 108 -0.21 19.50 -5.37
N GLU D 109 -0.80 20.27 -6.29
CA GLU D 109 -0.09 21.21 -7.15
C GLU D 109 -0.94 22.44 -7.37
N PRO D 110 -0.31 23.56 -7.79
CA PRO D 110 -1.11 24.68 -8.24
C PRO D 110 -1.93 24.30 -9.46
N VAL D 111 -3.07 24.96 -9.59
CA VAL D 111 -3.94 24.79 -10.76
C VAL D 111 -4.42 26.17 -11.14
N SER D 112 -3.97 26.65 -12.29
CA SER D 112 -4.24 28.01 -12.73
C SER D 112 -5.42 28.00 -13.69
N CYS D 113 -6.40 28.86 -13.41
CA CYS D 113 -7.63 28.97 -14.20
C CYS D 113 -8.25 30.30 -13.84
N VAL D 114 -8.82 31.00 -14.82
CA VAL D 114 -9.52 32.28 -14.54
C VAL D 114 -10.99 32.20 -14.89
N SER D 115 -11.71 33.19 -14.35
CA SER D 115 -13.12 33.42 -14.64
C SER D 115 -13.21 34.83 -15.22
N ASP D 116 -14.32 35.15 -15.87
CA ASP D 116 -14.60 36.57 -16.18
C ASP D 116 -15.68 37.17 -15.31
N SER D 117 -16.04 36.46 -14.23
CA SER D 117 -16.78 37.04 -13.12
C SER D 117 -18.09 37.71 -13.55
N MET D 118 -18.90 36.96 -14.27
CA MET D 118 -20.24 37.40 -14.61
C MET D 118 -21.08 37.42 -13.35
N THR D 119 -21.87 38.47 -13.20
CA THR D 119 -22.78 38.62 -12.07
C THR D 119 -24.24 38.68 -12.56
N GLU D 120 -25.15 38.84 -11.60
CA GLU D 120 -26.57 38.94 -11.88
C GLU D 120 -26.91 39.97 -12.96
N ASP D 121 -26.14 41.06 -13.00
CA ASP D 121 -26.39 42.12 -13.96
C ASP D 121 -26.29 41.63 -15.41
N ALA D 122 -25.42 40.65 -15.66
CA ALA D 122 -25.27 40.08 -17.01
C ALA D 122 -26.53 39.38 -17.55
N ALA D 123 -27.53 39.10 -16.71
CA ALA D 123 -28.80 38.53 -17.19
C ALA D 123 -29.63 39.46 -18.08
N VAL D 124 -29.40 40.77 -17.99
CA VAL D 124 -30.10 41.73 -18.85
C VAL D 124 -29.40 41.79 -20.20
N PHE D 125 -28.09 42.01 -20.12
CA PHE D 125 -27.30 42.46 -21.26
C PHE D 125 -26.34 41.40 -21.81
N GLY D 126 -26.23 40.24 -21.14
CA GLY D 126 -25.23 39.22 -21.52
C GLY D 126 -23.81 39.50 -21.02
N GLY D 127 -22.91 38.56 -21.25
CA GLY D 127 -21.54 38.65 -20.73
C GLY D 127 -20.49 39.16 -21.70
N GLN D 128 -20.89 39.96 -22.68
CA GLN D 128 -19.95 40.44 -23.69
C GLN D 128 -18.80 41.27 -23.11
N GLN D 129 -19.13 42.21 -22.23
CA GLN D 129 -18.12 43.11 -21.68
C GLN D 129 -17.19 42.34 -20.75
N ASN D 130 -17.74 41.36 -20.05
CA ASN D 130 -16.92 40.47 -19.22
C ASN D 130 -15.87 39.76 -20.06
N MET D 131 -16.26 39.31 -21.25
CA MET D 131 -15.33 38.65 -22.17
C MET D 131 -14.24 39.59 -22.65
N LYS D 132 -14.65 40.80 -23.04
CA LYS D 132 -13.72 41.81 -23.55
C LYS D 132 -12.64 42.16 -22.52
N ASP D 133 -13.07 42.62 -21.35
CA ASP D 133 -12.13 42.96 -20.27
C ASP D 133 -11.40 41.73 -19.74
N GLY D 134 -12.11 40.62 -19.60
CA GLY D 134 -11.52 39.38 -19.11
C GLY D 134 -10.36 38.88 -19.95
N LEU D 135 -10.56 38.79 -21.26
CA LEU D 135 -9.48 38.38 -22.18
C LEU D 135 -8.31 39.36 -22.10
N GLN D 136 -8.59 40.67 -22.16
CA GLN D 136 -7.52 41.66 -22.09
C GLN D 136 -6.74 41.58 -20.76
N ASN D 137 -7.47 41.51 -19.66
CA ASN D 137 -6.87 41.42 -18.33
C ASN D 137 -6.06 40.15 -18.17
N CYS D 138 -6.63 39.03 -18.61
CA CYS D 138 -5.94 37.77 -18.48
C CYS D 138 -4.65 37.78 -19.29
N LYS D 139 -4.71 38.21 -20.55
CA LYS D 139 -3.52 38.24 -21.40
C LYS D 139 -2.40 39.10 -20.78
N ALA D 140 -2.76 40.29 -20.30
CA ALA D 140 -1.78 41.23 -19.76
C ALA D 140 -1.17 40.75 -18.46
N THR D 141 -2.01 40.21 -17.58
CA THR D 141 -1.58 39.88 -16.23
C THR D 141 -0.79 38.56 -16.17
N TYR D 142 -1.28 37.52 -16.83
CA TYR D 142 -0.71 36.17 -16.71
C TYR D 142 0.11 35.72 -17.91
N LYS D 143 0.14 36.58 -18.93
CA LYS D 143 0.93 36.38 -20.16
C LYS D 143 0.91 34.97 -20.74
N PRO D 144 -0.30 34.40 -20.90
CA PRO D 144 -0.40 33.16 -21.65
C PRO D 144 -0.16 33.41 -23.15
N ASP D 145 0.21 32.37 -23.88
CA ASP D 145 0.22 32.46 -25.35
C ASP D 145 -1.08 31.98 -25.97
N MET D 146 -1.97 31.40 -25.17
CA MET D 146 -3.30 30.99 -25.63
C MET D 146 -4.26 31.01 -24.46
N ILE D 147 -5.50 31.39 -24.72
CA ILE D 147 -6.54 31.37 -23.70
C ILE D 147 -7.63 30.44 -24.26
N ALA D 148 -7.93 29.38 -23.51
CA ALA D 148 -8.90 28.36 -23.93
C ALA D 148 -10.20 28.53 -23.14
N VAL D 149 -11.29 28.89 -23.83
CA VAL D 149 -12.52 29.37 -23.20
C VAL D 149 -13.59 28.29 -23.12
N SER D 150 -14.14 28.09 -21.92
CA SER D 150 -15.29 27.22 -21.70
C SER D 150 -16.37 28.01 -20.97
N THR D 151 -17.45 27.36 -20.54
CA THR D 151 -18.55 28.10 -19.89
C THR D 151 -19.06 27.45 -18.61
N THR D 152 -19.62 28.29 -17.73
CA THR D 152 -20.39 27.85 -16.57
C THR D 152 -21.88 27.88 -16.91
N CYS D 153 -22.70 27.33 -16.03
CA CYS D 153 -24.07 27.05 -16.41
C CYS D 153 -24.91 28.33 -16.53
N MET D 154 -24.59 29.36 -15.74
N MET D 154 -24.61 29.38 -15.78
CA MET D 154 -25.19 30.69 -15.89
CA MET D 154 -25.34 30.64 -15.96
C MET D 154 -25.07 31.20 -17.32
C MET D 154 -25.09 31.24 -17.34
N ALA D 155 -23.87 31.14 -17.86
CA ALA D 155 -23.60 31.62 -19.22
C ALA D 155 -24.36 30.83 -20.28
N GLU D 156 -24.50 29.53 -20.05
CA GLU D 156 -25.29 28.67 -20.94
C GLU D 156 -26.77 28.97 -20.86
N VAL D 157 -27.29 29.16 -19.65
CA VAL D 157 -28.72 29.45 -19.49
C VAL D 157 -29.08 30.80 -20.13
N ILE D 158 -28.25 31.81 -19.89
CA ILE D 158 -28.45 33.14 -20.45
C ILE D 158 -28.28 33.14 -21.98
N GLY D 159 -27.49 32.20 -22.51
CA GLY D 159 -27.34 32.00 -23.96
C GLY D 159 -26.24 32.80 -24.62
N ASP D 160 -25.16 33.10 -23.89
CA ASP D 160 -24.05 33.89 -24.45
C ASP D 160 -23.39 33.15 -25.63
N ASP D 161 -23.25 33.87 -26.73
CA ASP D 161 -22.63 33.34 -27.94
C ASP D 161 -21.11 33.55 -27.84
N LEU D 162 -20.40 32.50 -27.40
CA LEU D 162 -18.92 32.57 -27.23
C LEU D 162 -18.21 33.06 -28.48
N ASN D 163 -18.54 32.44 -29.61
CA ASN D 163 -17.95 32.79 -30.88
C ASN D 163 -18.04 34.29 -31.18
N ALA D 164 -19.25 34.83 -31.13
CA ALA D 164 -19.48 36.26 -31.39
C ALA D 164 -18.74 37.13 -30.38
N PHE D 165 -18.78 36.74 -29.10
CA PHE D 165 -18.15 37.52 -28.04
C PHE D 165 -16.64 37.60 -28.20
N ILE D 166 -16.02 36.48 -28.57
CA ILE D 166 -14.57 36.42 -28.78
C ILE D 166 -14.20 37.24 -30.03
N ASN D 167 -14.97 37.05 -31.11
CA ASN D 167 -14.76 37.82 -32.34
C ASN D 167 -14.85 39.32 -32.10
N ASN D 168 -15.84 39.74 -31.32
CA ASN D 168 -15.98 41.16 -31.00
C ASN D 168 -14.87 41.70 -30.11
N SER D 169 -14.34 40.85 -29.22
CA SER D 169 -13.20 41.23 -28.40
C SER D 169 -11.99 41.53 -29.28
N LYS D 170 -11.79 40.71 -30.32
CA LYS D 170 -10.73 40.95 -31.30
C LYS D 170 -11.01 42.18 -32.17
N LYS D 171 -12.22 42.29 -32.69
CA LYS D 171 -12.61 43.43 -33.54
C LYS D 171 -12.44 44.80 -32.82
N GLU D 172 -12.85 44.86 -31.56
N GLU D 172 -12.89 44.87 -31.56
CA GLU D 172 -12.73 46.09 -30.78
CA GLU D 172 -12.76 46.08 -30.74
C GLU D 172 -11.37 46.29 -30.09
C GLU D 172 -11.36 46.31 -30.14
N GLY D 173 -10.40 45.44 -30.38
CA GLY D 173 -9.00 45.64 -29.94
C GLY D 173 -8.62 45.25 -28.52
N PHE D 174 -9.45 44.44 -27.87
CA PHE D 174 -9.15 43.97 -26.51
C PHE D 174 -8.02 42.95 -26.51
N ILE D 175 -7.94 42.18 -27.59
CA ILE D 175 -6.79 41.31 -27.87
C ILE D 175 -6.44 41.31 -29.36
N PRO D 176 -5.19 41.01 -29.69
CA PRO D 176 -4.82 41.02 -31.10
C PRO D 176 -5.56 39.95 -31.89
N ASP D 177 -5.81 40.23 -33.16
CA ASP D 177 -6.49 39.30 -34.05
C ASP D 177 -5.87 37.90 -34.03
N GLU D 178 -4.54 37.86 -34.04
CA GLU D 178 -3.80 36.60 -34.13
C GLU D 178 -3.77 35.77 -32.82
N PHE D 179 -4.13 36.37 -31.70
CA PHE D 179 -4.00 35.70 -30.42
C PHE D 179 -5.00 34.53 -30.36
N PRO D 180 -4.51 33.31 -30.08
CA PRO D 180 -5.43 32.16 -30.15
C PRO D 180 -6.41 32.09 -28.97
N VAL D 181 -7.70 32.08 -29.30
CA VAL D 181 -8.77 31.94 -28.30
C VAL D 181 -9.77 30.86 -28.74
N PRO D 182 -9.33 29.58 -28.71
CA PRO D 182 -10.29 28.50 -28.97
C PRO D 182 -11.34 28.45 -27.86
N PHE D 183 -12.53 27.95 -28.19
CA PHE D 183 -13.64 27.94 -27.25
C PHE D 183 -14.51 26.69 -27.41
N ALA D 184 -15.26 26.40 -26.34
CA ALA D 184 -16.27 25.36 -26.33
C ALA D 184 -17.37 25.69 -25.32
N HIS D 185 -18.62 25.52 -25.75
CA HIS D 185 -19.76 25.52 -24.85
C HIS D 185 -19.73 24.25 -24.02
N THR D 186 -19.81 24.41 -22.69
CA THR D 186 -19.66 23.28 -21.78
C THR D 186 -20.74 23.27 -20.70
N PRO D 187 -22.00 22.98 -21.10
CA PRO D 187 -23.09 23.02 -20.13
C PRO D 187 -23.01 21.92 -19.10
N SER D 188 -23.06 22.29 -17.82
CA SER D 188 -22.94 21.31 -16.73
C SER D 188 -24.14 20.36 -16.65
N PHE D 189 -25.25 20.73 -17.29
CA PHE D 189 -26.49 19.95 -17.24
C PHE D 189 -26.58 18.96 -18.42
N VAL D 190 -25.48 18.79 -19.16
CA VAL D 190 -25.36 17.78 -20.21
C VAL D 190 -24.14 16.95 -19.90
N GLY D 191 -24.29 15.62 -19.94
CA GLY D 191 -23.18 14.70 -19.69
C GLY D 191 -22.44 14.91 -18.38
N SER D 192 -21.12 14.96 -18.43
CA SER D 192 -20.28 15.08 -17.24
C SER D 192 -18.95 15.75 -17.57
N HIS D 193 -18.06 15.81 -16.60
CA HIS D 193 -16.71 16.33 -16.80
C HIS D 193 -16.02 15.80 -18.06
N VAL D 194 -16.19 14.51 -18.37
CA VAL D 194 -15.51 13.94 -19.54
C VAL D 194 -16.03 14.54 -20.86
N THR D 195 -17.32 14.85 -20.90
CA THR D 195 -17.93 15.53 -22.04
C THR D 195 -17.34 16.92 -22.26
N GLY D 196 -17.07 17.61 -21.15
CA GLY D 196 -16.40 18.91 -21.20
C GLY D 196 -15.01 18.84 -21.80
N TRP D 197 -14.31 17.74 -21.51
CA TRP D 197 -12.98 17.51 -22.07
C TRP D 197 -13.10 17.35 -23.59
N ASP D 198 -13.99 16.46 -24.03
CA ASP D 198 -14.27 16.22 -25.46
C ASP D 198 -14.63 17.54 -26.17
N ASN D 199 -15.55 18.29 -25.58
CA ASN D 199 -15.95 19.57 -26.17
C ASN D 199 -14.82 20.58 -26.30
N MET D 200 -13.99 20.68 -25.26
CA MET D 200 -12.87 21.61 -25.26
C MET D 200 -11.86 21.18 -26.31
N PHE D 201 -11.50 19.90 -26.30
CA PHE D 201 -10.52 19.42 -27.24
C PHE D 201 -10.94 19.66 -28.70
N GLU D 202 -12.18 19.31 -29.03
CA GLU D 202 -12.70 19.50 -30.39
C GLU D 202 -12.70 20.99 -30.77
N GLY D 203 -12.99 21.85 -29.81
CA GLY D 203 -12.91 23.29 -30.03
C GLY D 203 -11.51 23.77 -30.37
N ILE D 204 -10.52 23.25 -29.66
CA ILE D 204 -9.11 23.60 -29.91
C ILE D 204 -8.68 23.04 -31.26
N ALA D 205 -9.07 21.80 -31.54
CA ALA D 205 -8.75 21.19 -32.84
C ALA D 205 -9.34 22.00 -34.00
N ARG D 206 -10.62 22.36 -33.89
CA ARG D 206 -11.27 23.22 -34.89
C ARG D 206 -10.54 24.54 -35.09
N TYR D 207 -10.23 25.20 -33.97
CA TYR D 207 -9.56 26.51 -34.00
C TYR D 207 -8.31 26.50 -34.89
N PHE D 208 -7.48 25.50 -34.69
CA PHE D 208 -6.18 25.43 -35.38
C PHE D 208 -6.17 24.79 -36.75
N THR D 209 -7.28 24.14 -37.16
CA THR D 209 -7.26 23.35 -38.42
C THR D 209 -8.42 23.53 -39.40
N LEU D 210 -9.59 23.97 -38.96
CA LEU D 210 -10.77 23.95 -39.85
C LEU D 210 -10.58 24.76 -41.13
N LYS D 211 -10.03 25.97 -41.01
CA LYS D 211 -9.89 26.88 -42.15
C LYS D 211 -8.59 26.70 -42.93
N SER D 212 -7.70 25.81 -42.50
CA SER D 212 -6.38 25.63 -43.13
C SER D 212 -6.18 24.23 -43.72
N MET D 213 -7.28 23.55 -44.05
CA MET D 213 -7.21 22.16 -44.54
C MET D 213 -6.63 21.99 -45.94
N ASP D 214 -6.73 23.05 -46.76
CA ASP D 214 -6.30 23.00 -48.16
C ASP D 214 -4.89 22.48 -48.40
N ASP D 215 -3.95 22.79 -47.50
CA ASP D 215 -2.55 22.38 -47.68
C ASP D 215 -2.17 21.05 -47.02
N LYS D 216 -3.13 20.38 -46.38
CA LYS D 216 -2.83 19.17 -45.60
C LYS D 216 -2.86 17.89 -46.44
N VAL D 217 -1.88 17.02 -46.21
CA VAL D 217 -1.76 15.69 -46.80
C VAL D 217 -1.64 14.68 -45.67
N VAL D 218 -2.60 13.76 -45.58
CA VAL D 218 -2.57 12.71 -44.56
C VAL D 218 -1.29 11.90 -44.71
N GLY D 219 -0.56 11.74 -43.61
CA GLY D 219 0.66 10.93 -43.58
C GLY D 219 1.96 11.69 -43.81
N SER D 220 1.85 12.95 -44.22
CA SER D 220 3.02 13.70 -44.68
C SER D 220 4.02 14.03 -43.57
N ASN D 221 3.59 14.08 -42.31
CA ASN D 221 4.52 14.32 -41.20
C ASN D 221 5.03 13.04 -40.51
N LYS D 222 4.58 11.89 -40.99
CA LYS D 222 5.04 10.57 -40.54
C LYS D 222 4.81 10.29 -39.04
N LYS D 223 3.83 10.97 -38.44
CA LYS D 223 3.57 10.84 -37.00
C LYS D 223 2.17 10.26 -36.77
N ILE D 224 1.93 9.79 -35.54
CA ILE D 224 0.59 9.42 -35.08
C ILE D 224 0.16 10.39 -33.98
N ASN D 225 -1.02 11.00 -34.14
CA ASN D 225 -1.61 11.82 -33.06
C ASN D 225 -2.16 10.92 -31.96
N ILE D 226 -1.94 11.29 -30.70
CA ILE D 226 -2.51 10.57 -29.55
C ILE D 226 -3.36 11.56 -28.75
N VAL D 227 -4.63 11.22 -28.52
CA VAL D 227 -5.54 12.07 -27.72
C VAL D 227 -5.86 11.31 -26.44
N PRO D 228 -5.40 11.82 -25.29
CA PRO D 228 -5.50 11.02 -24.07
C PRO D 228 -6.86 11.05 -23.36
N GLY D 229 -7.65 12.09 -23.61
CA GLY D 229 -8.85 12.36 -22.84
C GLY D 229 -8.56 12.75 -21.41
N PHE D 230 -9.63 12.89 -20.61
CA PHE D 230 -9.60 13.23 -19.20
C PHE D 230 -8.78 12.20 -18.44
N GLU D 231 -7.61 12.62 -17.96
CA GLU D 231 -6.62 11.71 -17.43
C GLU D 231 -5.95 12.39 -16.24
N THR D 232 -5.97 11.74 -15.08
CA THR D 232 -5.49 12.34 -13.84
C THR D 232 -4.40 11.50 -13.17
N TYR D 233 -3.81 10.56 -13.92
CA TYR D 233 -2.58 9.89 -13.49
C TYR D 233 -1.42 10.35 -14.37
N LEU D 234 -0.42 10.96 -13.74
CA LEU D 234 0.79 11.41 -14.46
C LEU D 234 1.46 10.27 -15.22
N GLY D 235 1.44 9.09 -14.63
CA GLY D 235 2.13 7.95 -15.20
C GLY D 235 1.52 7.49 -16.51
N ASN D 236 0.23 7.79 -16.70
CA ASN D 236 -0.44 7.47 -17.96
C ASN D 236 0.00 8.31 -19.15
N PHE D 237 0.18 9.62 -18.98
CA PHE D 237 0.78 10.43 -20.07
C PHE D 237 2.19 9.91 -20.35
N ARG D 238 2.92 9.65 -19.28
CA ARG D 238 4.32 9.26 -19.36
C ARG D 238 4.53 7.89 -20.00
N VAL D 239 3.74 6.90 -19.62
CA VAL D 239 3.91 5.55 -20.17
C VAL D 239 3.62 5.49 -21.68
N ILE D 240 2.65 6.26 -22.16
CA ILE D 240 2.31 6.26 -23.59
C ILE D 240 3.47 6.87 -24.38
N LYS D 241 3.99 8.01 -23.91
CA LYS D 241 5.15 8.63 -24.57
C LYS D 241 6.37 7.70 -24.57
N ARG D 242 6.57 7.05 -23.43
CA ARG D 242 7.69 6.13 -23.28
C ARG D 242 7.62 4.94 -24.26
N MET D 243 6.45 4.31 -24.36
CA MET D 243 6.30 3.15 -25.23
C MET D 243 6.46 3.52 -26.69
N LEU D 244 5.88 4.66 -27.08
CA LEU D 244 6.01 5.13 -28.46
C LEU D 244 7.47 5.49 -28.78
N SER D 245 8.17 6.15 -27.85
CA SER D 245 9.61 6.44 -28.04
C SER D 245 10.47 5.18 -28.19
N GLU D 246 10.24 4.18 -27.32
N GLU D 246 10.24 4.18 -27.32
CA GLU D 246 10.95 2.88 -27.40
CA GLU D 246 10.94 2.90 -27.39
C GLU D 246 10.78 2.20 -28.75
C GLU D 246 10.76 2.18 -28.72
N MET D 247 9.61 2.41 -29.34
CA MET D 247 9.24 1.79 -30.60
C MET D 247 9.75 2.59 -31.81
N GLY D 248 10.29 3.79 -31.57
CA GLY D 248 10.75 4.66 -32.64
C GLY D 248 9.61 5.23 -33.46
N VAL D 249 8.45 5.42 -32.83
CA VAL D 249 7.25 5.92 -33.51
C VAL D 249 7.17 7.41 -33.29
N GLY D 250 7.08 8.16 -34.39
CA GLY D 250 6.84 9.60 -34.32
C GLY D 250 5.42 9.83 -33.87
N TYR D 251 5.22 10.72 -32.91
CA TYR D 251 3.90 10.94 -32.33
C TYR D 251 3.73 12.39 -31.86
N SER D 252 2.48 12.81 -31.69
CA SER D 252 2.16 14.07 -31.03
C SER D 252 1.06 13.79 -30.04
N LEU D 253 1.37 13.99 -28.76
CA LEU D 253 0.40 13.84 -27.70
C LEU D 253 -0.35 15.17 -27.59
N LEU D 254 -1.64 15.13 -27.89
CA LEU D 254 -2.46 16.35 -28.00
C LEU D 254 -3.27 16.53 -26.71
N SER D 255 -2.86 17.53 -25.92
CA SER D 255 -3.23 17.76 -24.50
C SER D 255 -2.33 16.91 -23.62
N ASP D 256 -1.27 17.52 -23.11
CA ASP D 256 -0.25 16.86 -22.30
C ASP D 256 0.11 17.74 -21.10
N PRO D 257 -0.62 17.59 -19.98
CA PRO D 257 -0.40 18.41 -18.81
C PRO D 257 0.65 17.84 -17.86
N GLU D 258 1.44 16.85 -18.26
CA GLU D 258 2.25 16.14 -17.25
C GLU D 258 3.34 17.02 -16.65
N GLU D 259 3.86 17.98 -17.42
CA GLU D 259 4.86 18.90 -16.88
C GLU D 259 4.25 19.94 -15.93
N VAL D 260 3.12 20.53 -16.32
CA VAL D 260 2.50 21.59 -15.51
C VAL D 260 1.87 21.08 -14.23
N LEU D 261 1.57 19.78 -14.18
CA LEU D 261 1.03 19.15 -12.97
C LEU D 261 2.12 18.45 -12.14
N ASP D 262 3.39 18.77 -12.41
CA ASP D 262 4.50 18.13 -11.66
C ASP D 262 5.78 18.98 -11.73
N THR D 263 5.65 20.27 -11.43
CA THR D 263 6.80 21.16 -11.47
C THR D 263 7.65 20.94 -10.22
N PRO D 264 8.98 21.13 -10.34
CA PRO D 264 9.82 20.95 -9.16
C PRO D 264 9.66 22.07 -8.15
N ALA D 265 9.90 21.76 -6.88
CA ALA D 265 9.96 22.78 -5.83
C ALA D 265 11.41 23.24 -5.70
N ASP D 266 11.79 24.23 -6.50
CA ASP D 266 13.19 24.68 -6.57
C ASP D 266 13.36 26.18 -6.27
N GLY D 267 12.34 26.80 -5.69
CA GLY D 267 12.38 28.22 -5.33
C GLY D 267 11.64 29.14 -6.28
N GLN D 268 11.11 28.61 -7.37
CA GLN D 268 10.22 29.42 -8.21
C GLN D 268 8.93 28.69 -8.51
N PHE D 269 7.87 29.48 -8.65
CA PHE D 269 6.59 28.99 -9.12
C PHE D 269 6.57 29.16 -10.64
N ARG D 270 6.21 28.10 -11.33
CA ARG D 270 6.11 28.10 -12.80
C ARG D 270 4.65 27.95 -13.14
N MET D 271 4.01 29.03 -13.56
CA MET D 271 2.57 28.97 -13.88
C MET D 271 2.31 27.99 -15.05
N TYR D 272 3.21 27.97 -16.04
CA TYR D 272 3.10 27.10 -17.22
C TYR D 272 4.34 26.24 -17.30
N ALA D 273 4.18 25.01 -17.78
CA ALA D 273 5.32 24.17 -18.13
C ALA D 273 4.91 23.13 -19.17
N GLY D 274 5.79 22.86 -20.13
CA GLY D 274 5.57 21.81 -21.11
C GLY D 274 4.32 22.02 -21.93
N GLY D 275 3.62 20.92 -22.26
CA GLY D 275 2.36 21.00 -22.98
C GLY D 275 2.46 20.90 -24.49
N THR D 276 1.33 20.54 -25.09
CA THR D 276 1.19 20.44 -26.52
C THR D 276 1.35 21.82 -27.15
N THR D 277 2.15 21.92 -28.20
CA THR D 277 2.38 23.22 -28.83
C THR D 277 1.26 23.56 -29.79
N GLN D 278 1.12 24.86 -30.07
CA GLN D 278 0.14 25.29 -31.07
C GLN D 278 0.46 24.70 -32.44
N GLU D 279 1.75 24.63 -32.77
CA GLU D 279 2.18 24.00 -34.01
C GLU D 279 1.81 22.53 -34.08
N GLU D 280 1.87 21.81 -32.96
CA GLU D 280 1.44 20.40 -32.97
C GLU D 280 -0.03 20.27 -33.36
N MET D 281 -0.88 21.20 -32.91
CA MET D 281 -2.28 21.18 -33.32
C MET D 281 -2.46 21.59 -34.77
N LYS D 282 -1.78 22.66 -35.19
CA LYS D 282 -1.84 23.11 -36.58
C LYS D 282 -1.40 22.03 -37.55
N ASP D 283 -0.37 21.27 -37.17
CA ASP D 283 0.23 20.25 -38.04
C ASP D 283 -0.43 18.87 -37.93
N ALA D 284 -1.29 18.69 -36.93
CA ALA D 284 -1.94 17.38 -36.66
C ALA D 284 -2.66 16.72 -37.85
N PRO D 285 -3.32 17.49 -38.73
CA PRO D 285 -3.93 16.86 -39.90
C PRO D 285 -2.94 16.15 -40.84
N ASN D 286 -1.65 16.53 -40.78
CA ASN D 286 -0.59 15.84 -41.53
C ASN D 286 -0.14 14.48 -40.98
N ALA D 287 -0.64 14.09 -39.81
CA ALA D 287 -0.36 12.77 -39.23
C ALA D 287 -0.88 11.62 -40.10
N LEU D 288 -0.28 10.44 -39.92
CA LEU D 288 -0.77 9.22 -40.54
C LEU D 288 -2.18 8.89 -40.08
N ASN D 289 -2.45 9.16 -38.82
CA ASN D 289 -3.72 8.82 -38.21
C ASN D 289 -3.76 9.44 -36.82
N THR D 290 -4.89 9.29 -36.17
CA THR D 290 -5.12 9.75 -34.81
C THR D 290 -5.69 8.60 -33.99
N VAL D 291 -5.08 8.34 -32.84
CA VAL D 291 -5.53 7.31 -31.91
C VAL D 291 -6.13 7.96 -30.67
N LEU D 292 -7.32 7.51 -30.31
CA LEU D 292 -8.04 8.03 -29.15
C LEU D 292 -7.88 7.04 -28.00
N LEU D 293 -7.23 7.46 -26.91
CA LEU D 293 -6.98 6.55 -25.78
C LEU D 293 -8.22 6.21 -24.99
N GLN D 294 -9.21 7.11 -24.97
CA GLN D 294 -10.42 6.95 -24.19
C GLN D 294 -11.63 7.25 -25.07
N PRO D 295 -11.92 6.35 -26.01
CA PRO D 295 -12.88 6.65 -27.09
C PRO D 295 -14.30 6.90 -26.62
N TRP D 296 -14.71 6.32 -25.49
CA TRP D 296 -16.05 6.49 -24.99
C TRP D 296 -16.38 7.87 -24.41
N HIS D 297 -15.39 8.74 -24.24
CA HIS D 297 -15.68 10.19 -24.07
C HIS D 297 -15.01 11.10 -25.10
N LEU D 298 -14.69 10.57 -26.27
CA LEU D 298 -14.07 11.37 -27.34
C LEU D 298 -14.86 11.27 -28.64
N GLU D 299 -16.18 11.10 -28.53
CA GLU D 299 -17.02 10.89 -29.72
C GLU D 299 -17.11 12.13 -30.61
N LYS D 300 -17.18 13.31 -30.02
CA LYS D 300 -17.24 14.54 -30.81
C LYS D 300 -15.91 14.81 -31.49
N THR D 301 -14.83 14.65 -30.73
CA THR D 301 -13.47 14.70 -31.27
C THR D 301 -13.32 13.73 -32.45
N LYS D 302 -13.78 12.49 -32.28
CA LYS D 302 -13.70 11.49 -33.34
C LYS D 302 -14.40 11.96 -34.61
N LYS D 303 -15.61 12.50 -34.50
CA LYS D 303 -16.36 12.96 -35.68
C LYS D 303 -15.60 14.06 -36.44
N PHE D 304 -14.94 14.95 -35.71
CA PHE D 304 -14.18 16.03 -36.32
C PHE D 304 -12.90 15.51 -36.98
N VAL D 305 -12.18 14.64 -36.28
CA VAL D 305 -10.95 14.06 -36.82
C VAL D 305 -11.23 13.24 -38.10
N GLU D 306 -12.30 12.46 -38.09
CA GLU D 306 -12.68 11.68 -39.27
C GLU D 306 -13.27 12.56 -40.39
N GLY D 307 -14.19 13.44 -40.03
CA GLY D 307 -14.89 14.28 -41.02
C GLY D 307 -14.07 15.38 -41.65
N THR D 308 -13.20 16.02 -40.85
CA THR D 308 -12.38 17.12 -41.34
C THR D 308 -10.94 16.70 -41.63
N TRP D 309 -10.27 16.01 -40.70
CA TRP D 309 -8.89 15.58 -40.96
C TRP D 309 -8.80 14.38 -41.90
N LYS D 310 -9.90 13.64 -42.06
CA LYS D 310 -9.94 12.44 -42.91
C LYS D 310 -9.00 11.35 -42.40
N HIS D 311 -8.81 11.29 -41.08
CA HIS D 311 -8.05 10.19 -40.48
C HIS D 311 -8.99 9.02 -40.20
N GLU D 312 -8.52 7.82 -40.48
CA GLU D 312 -9.33 6.61 -40.29
C GLU D 312 -9.07 6.09 -38.88
N VAL D 313 -9.68 6.77 -37.90
CA VAL D 313 -9.42 6.52 -36.48
C VAL D 313 -9.67 5.03 -36.17
N PRO D 314 -8.64 4.32 -35.68
CA PRO D 314 -8.86 2.89 -35.44
C PRO D 314 -9.78 2.62 -34.26
N LYS D 315 -10.44 1.46 -34.35
CA LYS D 315 -11.35 0.98 -33.32
C LYS D 315 -10.50 0.28 -32.29
N LEU D 316 -10.04 1.04 -31.30
CA LEU D 316 -9.20 0.53 -30.23
C LEU D 316 -9.84 0.82 -28.89
N ASN D 317 -9.80 -0.17 -28.00
CA ASN D 317 -10.16 0.06 -26.61
C ASN D 317 -9.02 0.84 -25.92
N ILE D 318 -9.33 1.44 -24.78
CA ILE D 318 -8.29 1.99 -23.88
C ILE D 318 -7.17 0.95 -23.68
N PRO D 319 -5.89 1.37 -23.74
CA PRO D 319 -4.80 0.40 -23.59
C PRO D 319 -4.56 0.04 -22.11
N MET D 320 -5.47 -0.77 -21.56
CA MET D 320 -5.43 -1.25 -20.18
C MET D 320 -5.47 -2.77 -20.19
N GLY D 321 -4.64 -3.38 -19.34
CA GLY D 321 -4.53 -4.83 -19.30
C GLY D 321 -3.67 -5.37 -20.43
N LEU D 322 -3.63 -6.69 -20.50
CA LEU D 322 -2.73 -7.37 -21.42
C LEU D 322 -3.24 -7.32 -22.87
N ASP D 323 -4.43 -7.84 -23.12
CA ASP D 323 -4.96 -7.90 -24.51
C ASP D 323 -5.05 -6.54 -25.19
N TRP D 324 -5.54 -5.54 -24.48
CA TRP D 324 -5.76 -4.23 -25.09
C TRP D 324 -4.47 -3.43 -25.24
N THR D 325 -3.48 -3.67 -24.39
CA THR D 325 -2.15 -3.09 -24.61
C THR D 325 -1.53 -3.75 -25.84
N ASP D 326 -1.64 -5.07 -25.94
CA ASP D 326 -1.19 -5.79 -27.16
C ASP D 326 -1.82 -5.20 -28.43
N GLU D 327 -3.15 -5.01 -28.39
CA GLU D 327 -3.86 -4.52 -29.57
C GLU D 327 -3.43 -3.10 -29.93
N PHE D 328 -3.23 -2.25 -28.93
CA PHE D 328 -2.76 -0.89 -29.15
C PHE D 328 -1.40 -0.92 -29.83
N LEU D 329 -0.45 -1.69 -29.28
CA LEU D 329 0.89 -1.73 -29.85
C LEU D 329 0.91 -2.30 -31.26
N MET D 330 0.10 -3.32 -31.50
CA MET D 330 0.01 -3.90 -32.84
C MET D 330 -0.55 -2.92 -33.86
N LYS D 331 -1.60 -2.18 -33.48
CA LYS D 331 -2.16 -1.16 -34.37
C LYS D 331 -1.18 -0.03 -34.65
N VAL D 332 -0.49 0.42 -33.62
CA VAL D 332 0.54 1.45 -33.77
C VAL D 332 1.65 0.95 -34.70
N SER D 333 2.01 -0.32 -34.56
CA SER D 333 3.00 -0.94 -35.45
C SER D 333 2.55 -0.94 -36.91
N GLU D 334 1.29 -1.29 -37.13
CA GLU D 334 0.70 -1.31 -38.47
C GLU D 334 0.70 0.10 -39.08
N ILE D 335 0.24 1.08 -38.32
CA ILE D 335 0.12 2.45 -38.81
C ILE D 335 1.51 3.04 -39.12
N SER D 336 2.46 2.85 -38.21
CA SER D 336 3.78 3.49 -38.31
C SER D 336 4.80 2.74 -39.15
N GLY D 337 4.62 1.43 -39.34
CA GLY D 337 5.62 0.61 -39.98
C GLY D 337 6.78 0.22 -39.06
N GLN D 338 6.67 0.51 -37.78
CA GLN D 338 7.72 0.20 -36.81
C GLN D 338 7.36 -1.12 -36.15
N PRO D 339 8.32 -2.05 -36.07
CA PRO D 339 8.05 -3.28 -35.33
C PRO D 339 7.98 -3.05 -33.83
N ILE D 340 7.28 -3.92 -33.11
CA ILE D 340 7.28 -3.86 -31.66
C ILE D 340 8.68 -4.32 -31.21
N PRO D 341 9.40 -3.48 -30.44
CA PRO D 341 10.79 -3.76 -30.11
C PRO D 341 10.92 -4.81 -29.01
N ALA D 342 12.10 -5.41 -28.94
CA ALA D 342 12.44 -6.40 -27.93
C ALA D 342 12.15 -5.93 -26.49
N SER D 343 12.35 -4.63 -26.23
CA SER D 343 12.13 -4.08 -24.89
C SER D 343 10.67 -4.21 -24.44
N LEU D 344 9.73 -3.91 -25.33
CA LEU D 344 8.32 -4.02 -25.00
C LEU D 344 7.87 -5.48 -24.95
N THR D 345 8.46 -6.34 -25.77
CA THR D 345 8.16 -7.76 -25.71
C THR D 345 8.57 -8.33 -24.35
N LYS D 346 9.74 -7.94 -23.86
CA LYS D 346 10.19 -8.41 -22.55
C LYS D 346 9.30 -7.87 -21.41
N GLU D 347 8.94 -6.59 -21.50
CA GLU D 347 8.04 -5.97 -20.51
C GLU D 347 6.71 -6.72 -20.42
N ARG D 348 6.13 -7.00 -21.58
CA ARG D 348 4.93 -7.83 -21.67
C ARG D 348 5.09 -9.15 -20.93
N GLY D 349 6.18 -9.87 -21.22
CA GLY D 349 6.44 -11.14 -20.54
C GLY D 349 6.69 -11.04 -19.05
N ARG D 350 7.19 -9.90 -18.59
CA ARG D 350 7.34 -9.67 -17.17
C ARG D 350 5.98 -9.50 -16.51
N LEU D 351 5.06 -8.81 -17.18
CA LEU D 351 3.68 -8.73 -16.69
C LEU D 351 3.09 -10.13 -16.61
N VAL D 352 3.27 -10.90 -17.67
CA VAL D 352 2.70 -12.24 -17.68
C VAL D 352 3.33 -13.07 -16.56
N ASP D 353 4.64 -12.91 -16.34
CA ASP D 353 5.27 -13.59 -15.22
C ASP D 353 4.60 -13.22 -13.90
N MET D 354 4.39 -11.93 -13.67
CA MET D 354 3.71 -11.50 -12.45
C MET D 354 2.31 -12.10 -12.33
N MET D 355 1.59 -12.19 -13.45
CA MET D 355 0.27 -12.84 -13.43
C MET D 355 0.37 -14.31 -12.99
N THR D 356 1.35 -15.03 -13.51
CA THR D 356 1.52 -16.43 -13.12
C THR D 356 1.86 -16.53 -11.63
N ASP D 357 2.67 -15.60 -11.14
CA ASP D 357 3.13 -15.63 -9.75
C ASP D 357 2.02 -15.35 -8.74
N SER D 358 1.06 -14.51 -9.12
CA SER D 358 0.04 -14.00 -8.20
C SER D 358 -1.37 -14.55 -8.44
N HIS D 359 -1.54 -15.42 -9.44
CA HIS D 359 -2.89 -15.87 -9.83
C HIS D 359 -3.66 -16.58 -8.73
N THR D 360 -2.96 -17.26 -7.81
CA THR D 360 -3.69 -18.07 -6.82
C THR D 360 -4.40 -17.22 -5.79
N TRP D 361 -3.85 -16.06 -5.46
CA TRP D 361 -4.52 -15.15 -4.51
C TRP D 361 -5.62 -14.28 -5.17
N LEU D 362 -5.46 -14.05 -6.47
CA LEU D 362 -6.42 -13.25 -7.25
C LEU D 362 -7.64 -14.03 -7.65
N HIS D 363 -7.49 -15.33 -7.85
CA HIS D 363 -8.53 -16.11 -8.45
C HIS D 363 -9.86 -16.03 -7.69
N GLY D 364 -10.92 -15.66 -8.41
CA GLY D 364 -12.25 -15.65 -7.86
C GLY D 364 -12.56 -14.51 -6.92
N LYS D 365 -11.63 -13.60 -6.72
CA LYS D 365 -11.87 -12.45 -5.86
C LYS D 365 -12.90 -11.54 -6.51
N ARG D 366 -13.83 -11.08 -5.68
CA ARG D 366 -15.01 -10.36 -6.10
C ARG D 366 -14.85 -8.85 -5.85
N PHE D 367 -15.10 -8.03 -6.87
CA PHE D 367 -14.92 -6.57 -6.77
C PHE D 367 -16.17 -5.76 -7.11
N ALA D 368 -16.39 -4.70 -6.35
CA ALA D 368 -17.24 -3.59 -6.78
C ALA D 368 -16.32 -2.46 -7.25
N LEU D 369 -16.69 -1.74 -8.30
CA LEU D 369 -15.84 -0.71 -8.86
C LEU D 369 -16.62 0.35 -9.59
N TRP D 370 -16.02 1.54 -9.68
CA TRP D 370 -16.63 2.66 -10.40
C TRP D 370 -15.58 3.60 -10.96
N GLY D 371 -16.06 4.57 -11.74
CA GLY D 371 -15.19 5.52 -12.43
C GLY D 371 -15.80 5.94 -13.75
N ASP D 372 -14.98 6.54 -14.58
CA ASP D 372 -15.39 6.99 -15.91
C ASP D 372 -15.44 5.78 -16.85
N PRO D 373 -16.18 5.89 -17.96
CA PRO D 373 -16.48 4.70 -18.78
C PRO D 373 -15.25 3.93 -19.30
N ASP D 374 -14.26 4.62 -19.82
CA ASP D 374 -13.10 3.90 -20.40
C ASP D 374 -12.25 3.26 -19.33
N PHE D 375 -12.00 4.01 -18.25
CA PHE D 375 -11.28 3.46 -17.09
C PHE D 375 -11.99 2.22 -16.55
N VAL D 376 -13.30 2.31 -16.37
CA VAL D 376 -14.06 1.20 -15.83
C VAL D 376 -13.99 -0.04 -16.73
N MET D 377 -14.20 0.13 -18.04
CA MET D 377 -14.18 -1.05 -18.91
C MET D 377 -12.79 -1.70 -18.99
N GLY D 378 -11.75 -0.88 -18.96
CA GLY D 378 -10.37 -1.37 -18.94
C GLY D 378 -10.05 -2.12 -17.65
N LEU D 379 -10.53 -1.59 -16.53
CA LEU D 379 -10.39 -2.28 -15.26
C LEU D 379 -11.13 -3.60 -15.27
N VAL D 380 -12.35 -3.58 -15.81
CA VAL D 380 -13.16 -4.81 -15.93
C VAL D 380 -12.38 -5.85 -16.76
N LYS D 381 -11.86 -5.43 -17.90
CA LYS D 381 -11.13 -6.34 -18.79
C LYS D 381 -9.92 -6.96 -18.09
N PHE D 382 -9.14 -6.13 -17.42
CA PHE D 382 -7.95 -6.63 -16.73
C PHE D 382 -8.33 -7.56 -15.59
N LEU D 383 -9.38 -7.23 -14.83
CA LEU D 383 -9.84 -8.13 -13.77
C LEU D 383 -10.20 -9.51 -14.33
N LEU D 384 -10.87 -9.54 -15.48
CA LEU D 384 -11.19 -10.83 -16.11
C LEU D 384 -9.92 -11.58 -16.50
N GLU D 385 -8.92 -10.87 -17.00
CA GLU D 385 -7.61 -11.46 -17.36
C GLU D 385 -6.89 -12.09 -16.16
N LEU D 386 -7.09 -11.48 -14.98
CA LEU D 386 -6.54 -11.96 -13.71
C LEU D 386 -7.35 -13.08 -13.04
N GLY D 387 -8.45 -13.50 -13.64
CA GLY D 387 -9.32 -14.51 -13.04
C GLY D 387 -10.14 -13.99 -11.88
N CYS D 388 -10.39 -12.68 -11.86
CA CYS D 388 -11.21 -12.06 -10.83
C CYS D 388 -12.63 -11.85 -11.34
N GLU D 389 -13.57 -11.69 -10.41
CA GLU D 389 -14.99 -11.42 -10.74
C GLU D 389 -15.41 -9.98 -10.44
N PRO D 390 -15.61 -9.17 -11.50
CA PRO D 390 -16.05 -7.78 -11.32
C PRO D 390 -17.57 -7.68 -11.17
N VAL D 391 -18.05 -7.98 -9.98
CA VAL D 391 -19.47 -8.26 -9.77
C VAL D 391 -20.41 -7.03 -9.82
N HIS D 392 -19.96 -5.90 -9.26
CA HIS D 392 -20.72 -4.63 -9.35
C HIS D 392 -19.90 -3.58 -10.11
N ILE D 393 -20.37 -3.25 -11.30
CA ILE D 393 -19.66 -2.34 -12.18
C ILE D 393 -20.52 -1.11 -12.34
N LEU D 394 -20.08 0.01 -11.76
CA LEU D 394 -20.90 1.22 -11.71
C LEU D 394 -20.25 2.35 -12.47
N CYS D 395 -20.97 2.88 -13.46
CA CYS D 395 -20.52 4.06 -14.16
C CYS D 395 -21.66 5.07 -14.21
N HIS D 396 -21.61 6.03 -13.30
CA HIS D 396 -22.67 7.01 -13.15
C HIS D 396 -22.90 7.75 -14.47
N ASN D 397 -21.81 8.12 -15.11
CA ASN D 397 -21.84 8.86 -16.37
C ASN D 397 -21.72 7.97 -17.61
N GLY D 398 -22.08 6.69 -17.49
CA GLY D 398 -22.08 5.77 -18.63
C GLY D 398 -23.34 5.90 -19.46
N ASN D 399 -23.33 5.33 -20.65
CA ASN D 399 -24.51 5.32 -21.49
C ASN D 399 -24.86 3.91 -21.92
N LYS D 400 -26.02 3.77 -22.55
CA LYS D 400 -26.53 2.47 -23.00
C LYS D 400 -25.61 1.74 -23.98
N ARG D 401 -24.98 2.46 -24.88
CA ARG D 401 -24.12 1.84 -25.90
C ARG D 401 -22.87 1.26 -25.22
N TRP D 402 -22.32 2.05 -24.30
CA TRP D 402 -21.19 1.63 -23.50
C TRP D 402 -21.53 0.38 -22.68
N LYS D 403 -22.67 0.40 -22.01
CA LYS D 403 -23.11 -0.74 -21.20
C LYS D 403 -23.22 -2.01 -22.05
N LYS D 404 -23.78 -1.89 -23.25
CA LYS D 404 -23.83 -3.04 -24.18
C LYS D 404 -22.42 -3.58 -24.46
N ALA D 405 -21.47 -2.67 -24.71
CA ALA D 405 -20.07 -3.04 -24.93
C ALA D 405 -19.47 -3.78 -23.73
N VAL D 406 -19.75 -3.30 -22.52
CA VAL D 406 -19.19 -3.97 -21.32
C VAL D 406 -19.87 -5.31 -21.08
N ASP D 407 -21.19 -5.36 -21.28
CA ASP D 407 -21.93 -6.62 -21.16
C ASP D 407 -21.37 -7.70 -22.12
N ALA D 408 -20.96 -7.29 -23.31
CA ALA D 408 -20.36 -8.22 -24.28
C ALA D 408 -18.98 -8.74 -23.81
N ILE D 409 -18.21 -7.86 -23.18
CA ILE D 409 -16.91 -8.22 -22.62
C ILE D 409 -17.11 -9.24 -21.52
N LEU D 410 -18.12 -9.02 -20.67
CA LEU D 410 -18.43 -9.95 -19.59
C LEU D 410 -18.86 -11.33 -20.11
N ALA D 411 -19.63 -11.33 -21.18
CA ALA D 411 -20.08 -12.57 -21.85
C ALA D 411 -18.94 -13.36 -22.49
N ALA D 412 -17.86 -12.70 -22.87
CA ALA D 412 -16.66 -13.36 -23.42
C ALA D 412 -15.83 -14.15 -22.41
N SER D 413 -16.17 -14.09 -21.12
CA SER D 413 -15.38 -14.72 -20.06
C SER D 413 -16.26 -15.41 -19.01
N PRO D 414 -15.88 -16.64 -18.59
CA PRO D 414 -16.54 -17.26 -17.43
C PRO D 414 -16.51 -16.41 -16.17
N TYR D 415 -15.51 -15.53 -16.05
CA TYR D 415 -15.35 -14.69 -14.88
C TYR D 415 -16.34 -13.52 -14.85
N GLY D 416 -17.09 -13.32 -15.93
CA GLY D 416 -18.15 -12.29 -16.00
C GLY D 416 -19.54 -12.75 -15.61
N LYS D 417 -19.70 -14.02 -15.22
CA LYS D 417 -21.02 -14.63 -15.04
C LYS D 417 -21.87 -14.01 -13.92
N ASN D 418 -21.24 -13.47 -12.88
CA ASN D 418 -21.93 -12.91 -11.72
C ASN D 418 -21.89 -11.37 -11.69
N ALA D 419 -21.56 -10.77 -12.82
CA ALA D 419 -21.35 -9.32 -12.95
C ALA D 419 -22.57 -8.60 -13.54
N THR D 420 -22.87 -7.42 -13.01
CA THR D 420 -23.90 -6.53 -13.54
C THR D 420 -23.28 -5.15 -13.71
N VAL D 421 -23.63 -4.51 -14.82
CA VAL D 421 -23.20 -3.15 -15.14
C VAL D 421 -24.37 -2.20 -14.86
N TYR D 422 -24.06 -1.10 -14.18
CA TYR D 422 -25.04 -0.10 -13.77
C TYR D 422 -24.63 1.24 -14.35
N ILE D 423 -25.57 1.89 -15.04
CA ILE D 423 -25.39 3.27 -15.52
C ILE D 423 -26.42 4.20 -14.89
N GLY D 424 -26.03 5.47 -14.70
CA GLY D 424 -26.91 6.45 -14.07
C GLY D 424 -27.14 6.25 -12.58
N LYS D 425 -26.40 5.33 -11.97
CA LYS D 425 -26.52 5.01 -10.54
C LYS D 425 -25.32 5.61 -9.83
N ASP D 426 -25.48 5.89 -8.54
CA ASP D 426 -24.55 6.67 -7.76
C ASP D 426 -23.96 5.80 -6.63
N LEU D 427 -23.14 6.39 -5.76
CA LEU D 427 -22.50 5.66 -4.69
C LEU D 427 -23.44 5.28 -3.55
N TRP D 428 -24.62 5.90 -3.46
CA TRP D 428 -25.61 5.45 -2.50
C TRP D 428 -26.28 4.17 -3.03
N HIS D 429 -26.46 4.07 -4.34
CA HIS D 429 -26.85 2.79 -4.96
C HIS D 429 -25.75 1.72 -4.71
N LEU D 430 -24.49 2.09 -4.96
CA LEU D 430 -23.41 1.12 -4.79
C LEU D 430 -23.32 0.60 -3.35
N ARG D 431 -23.50 1.51 -2.39
CA ARG D 431 -23.56 1.13 -0.99
C ARG D 431 -24.54 -0.03 -0.74
N SER D 432 -25.75 0.04 -1.27
CA SER D 432 -26.71 -1.07 -1.12
C SER D 432 -26.17 -2.38 -1.68
N LEU D 433 -25.59 -2.31 -2.88
CA LEU D 433 -25.08 -3.53 -3.54
C LEU D 433 -23.99 -4.22 -2.72
N VAL D 434 -23.12 -3.44 -2.08
CA VAL D 434 -22.04 -4.03 -1.29
C VAL D 434 -22.49 -4.56 0.06
N PHE D 435 -23.71 -4.21 0.50
CA PHE D 435 -24.37 -4.88 1.63
C PHE D 435 -25.12 -6.15 1.17
N THR D 436 -25.91 -6.05 0.11
CA THR D 436 -26.80 -7.15 -0.24
C THR D 436 -26.11 -8.29 -1.01
N ASP D 437 -25.04 -7.95 -1.71
CA ASP D 437 -24.25 -8.91 -2.49
C ASP D 437 -22.76 -8.59 -2.28
N LYS D 438 -22.29 -8.91 -1.09
CA LYS D 438 -21.01 -8.40 -0.59
C LYS D 438 -19.86 -8.90 -1.42
N PRO D 439 -19.05 -7.99 -1.99
CA PRO D 439 -17.82 -8.37 -2.67
C PRO D 439 -16.67 -8.42 -1.66
N ASP D 440 -15.48 -8.78 -2.13
CA ASP D 440 -14.29 -8.80 -1.28
C ASP D 440 -13.70 -7.43 -1.11
N PHE D 441 -13.70 -6.65 -2.18
CA PHE D 441 -13.11 -5.30 -2.17
C PHE D 441 -13.90 -4.35 -3.07
N MET D 442 -13.71 -3.05 -2.83
CA MET D 442 -14.10 -2.00 -3.76
C MET D 442 -12.83 -1.45 -4.40
N ILE D 443 -12.90 -1.16 -5.70
CA ILE D 443 -11.90 -0.37 -6.38
C ILE D 443 -12.57 0.92 -6.80
N GLY D 444 -12.14 2.03 -6.20
CA GLY D 444 -12.77 3.31 -6.46
C GLY D 444 -11.98 4.50 -5.95
N ASN D 445 -12.62 5.65 -6.00
CA ASN D 445 -12.00 6.89 -5.54
C ASN D 445 -12.23 7.14 -4.05
N SER D 446 -11.76 8.27 -3.53
CA SER D 446 -11.81 8.50 -2.08
C SER D 446 -13.22 8.53 -1.50
N TYR D 447 -14.23 8.82 -2.32
CA TYR D 447 -15.62 8.82 -1.82
C TYR D 447 -16.03 7.42 -1.37
N GLY D 448 -15.34 6.40 -1.85
CA GLY D 448 -15.55 5.04 -1.37
C GLY D 448 -15.26 4.82 0.11
N LYS D 449 -14.47 5.69 0.75
CA LYS D 449 -14.11 5.46 2.14
C LYS D 449 -15.36 5.45 3.03
N PHE D 450 -16.37 6.23 2.63
CA PHE D 450 -17.58 6.30 3.43
C PHE D 450 -18.42 5.02 3.32
N ILE D 451 -18.31 4.33 2.18
CA ILE D 451 -18.97 3.04 2.05
C ILE D 451 -18.25 2.02 2.93
N GLN D 452 -16.91 2.01 2.91
CA GLN D 452 -16.15 1.12 3.80
C GLN D 452 -16.56 1.37 5.26
N ARG D 453 -16.61 2.63 5.67
N ARG D 453 -16.66 2.66 5.67
CA ARG D 453 -17.05 2.98 7.01
CA ARG D 453 -17.17 3.08 7.01
C ARG D 453 -18.44 2.37 7.33
C ARG D 453 -18.46 2.39 7.34
N ASP D 454 -19.40 2.52 6.41
CA ASP D 454 -20.74 1.98 6.61
C ASP D 454 -20.71 0.47 6.76
N THR D 455 -19.94 -0.21 5.92
CA THR D 455 -19.90 -1.67 5.99
C THR D 455 -19.29 -2.18 7.29
N LEU D 456 -18.23 -1.52 7.78
CA LEU D 456 -17.63 -1.89 9.07
C LEU D 456 -18.61 -1.74 10.21
N HIS D 457 -19.45 -0.70 10.14
CA HIS D 457 -20.43 -0.47 11.21
C HIS D 457 -21.41 -1.63 11.37
N LYS D 458 -21.74 -2.32 10.27
CA LYS D 458 -22.60 -3.51 10.36
C LYS D 458 -21.83 -4.62 11.09
N GLY D 459 -20.54 -4.73 10.80
CA GLY D 459 -19.64 -5.65 11.53
C GLY D 459 -18.34 -5.86 10.76
N LYS D 460 -17.29 -6.26 11.46
CA LYS D 460 -16.00 -6.51 10.80
C LYS D 460 -16.15 -7.53 9.66
N GLU D 461 -16.97 -8.55 9.86
CA GLU D 461 -17.19 -9.59 8.83
C GLU D 461 -17.89 -9.09 7.55
N PHE D 462 -18.53 -7.91 7.64
CA PHE D 462 -19.20 -7.30 6.48
C PHE D 462 -18.40 -6.15 5.85
N GLU D 463 -17.26 -5.80 6.44
CA GLU D 463 -16.45 -4.68 5.94
C GLU D 463 -15.90 -4.98 4.55
N VAL D 464 -16.02 -4.00 3.66
CA VAL D 464 -15.51 -4.12 2.30
C VAL D 464 -14.41 -3.07 2.15
N PRO D 465 -13.13 -3.50 2.16
CA PRO D 465 -12.06 -2.50 2.07
C PRO D 465 -12.01 -1.83 0.70
N LEU D 466 -11.68 -0.54 0.75
CA LEU D 466 -11.46 0.28 -0.46
C LEU D 466 -10.01 0.16 -0.92
N ILE D 467 -9.86 -0.07 -2.22
CA ILE D 467 -8.60 0.03 -2.95
C ILE D 467 -8.72 1.28 -3.83
N ARG D 468 -7.84 2.26 -3.62
CA ARG D 468 -7.97 3.58 -4.24
C ARG D 468 -7.35 3.64 -5.63
N ILE D 469 -8.19 3.56 -6.66
CA ILE D 469 -7.77 3.73 -8.05
C ILE D 469 -8.88 4.51 -8.76
N GLY D 470 -8.54 5.67 -9.31
CA GLY D 470 -9.53 6.53 -9.96
C GLY D 470 -9.30 7.99 -9.65
N PHE D 471 -10.38 8.77 -9.68
CA PHE D 471 -10.33 10.20 -9.44
C PHE D 471 -11.64 10.63 -8.79
N PRO D 472 -11.61 11.49 -7.78
CA PRO D 472 -10.40 12.01 -7.12
C PRO D 472 -9.90 11.13 -5.96
N ILE D 473 -8.59 11.12 -5.73
CA ILE D 473 -8.00 10.54 -4.54
C ILE D 473 -7.41 11.68 -3.71
N PHE D 474 -8.09 11.99 -2.59
CA PHE D 474 -7.75 13.13 -1.76
C PHE D 474 -7.14 12.78 -0.41
N ASP D 475 -7.26 11.50 0.01
CA ASP D 475 -6.92 11.07 1.36
C ASP D 475 -5.66 10.18 1.45
N ARG D 476 -4.95 10.10 0.33
CA ARG D 476 -3.61 9.53 0.27
C ARG D 476 -2.78 10.51 -0.52
N HIS D 477 -1.46 10.42 -0.36
CA HIS D 477 -0.54 11.33 -1.01
C HIS D 477 0.19 10.70 -2.18
N HIS D 478 0.23 11.42 -3.30
CA HIS D 478 1.07 11.09 -4.45
C HIS D 478 0.64 9.87 -5.25
N LEU D 479 -0.58 9.38 -5.05
CA LEU D 479 -1.07 8.31 -5.93
C LEU D 479 -1.33 8.80 -7.36
N HIS D 480 -1.49 10.11 -7.56
CA HIS D 480 -1.58 10.67 -8.90
C HIS D 480 -0.32 10.44 -9.76
N ARG D 481 0.81 10.07 -9.16
CA ARG D 481 2.01 9.73 -9.90
C ARG D 481 1.96 8.33 -10.55
N SER D 482 0.95 7.54 -10.19
CA SER D 482 0.85 6.14 -10.60
C SER D 482 0.51 5.99 -12.08
N THR D 483 0.47 4.74 -12.53
CA THR D 483 0.16 4.36 -13.91
C THR D 483 -0.93 3.29 -13.90
N THR D 484 -1.92 3.45 -14.77
CA THR D 484 -2.92 2.40 -15.04
C THR D 484 -2.91 1.84 -16.47
N LEU D 485 -2.27 2.53 -17.42
CA LEU D 485 -2.26 2.13 -18.82
C LEU D 485 -1.03 1.26 -19.13
N GLY D 486 -1.13 0.48 -20.18
CA GLY D 486 0.01 -0.30 -20.68
C GLY D 486 0.39 -1.46 -19.78
N TYR D 487 1.50 -2.11 -20.13
CA TYR D 487 2.00 -3.20 -19.28
C TYR D 487 2.42 -2.66 -17.91
N GLU D 488 3.03 -1.46 -17.88
CA GLU D 488 3.45 -0.85 -16.63
C GLU D 488 2.27 -0.62 -15.70
N GLY D 489 1.18 -0.08 -16.26
CA GLY D 489 -0.02 0.13 -15.48
C GLY D 489 -0.63 -1.14 -14.98
N ALA D 490 -0.63 -2.16 -15.83
CA ALA D 490 -1.16 -3.45 -15.46
C ALA D 490 -0.32 -4.06 -14.33
N MET D 491 0.99 -3.92 -14.41
N MET D 491 1.00 -3.93 -14.40
CA MET D 491 1.86 -4.43 -13.33
CA MET D 491 1.87 -4.39 -13.30
C MET D 491 1.58 -3.71 -12.00
C MET D 491 1.49 -3.71 -11.99
N GLN D 492 1.35 -2.39 -12.05
CA GLN D 492 1.01 -1.61 -10.86
C GLN D 492 -0.34 -2.01 -10.29
N ILE D 493 -1.35 -2.16 -11.16
CA ILE D 493 -2.67 -2.54 -10.70
C ILE D 493 -2.62 -3.95 -10.06
N LEU D 494 -2.02 -4.91 -10.77
CA LEU D 494 -1.85 -6.27 -10.25
C LEU D 494 -1.23 -6.29 -8.84
N THR D 495 -0.12 -5.55 -8.69
CA THR D 495 0.62 -5.49 -7.42
C THR D 495 -0.26 -4.91 -6.31
N THR D 496 -0.94 -3.81 -6.64
CA THR D 496 -1.87 -3.18 -5.70
C THR D 496 -3.00 -4.13 -5.27
N LEU D 497 -3.62 -4.80 -6.24
CA LEU D 497 -4.71 -5.75 -5.92
C LEU D 497 -4.24 -6.91 -5.04
N VAL D 498 -3.20 -7.61 -5.47
CA VAL D 498 -2.76 -8.78 -4.73
C VAL D 498 -2.28 -8.44 -3.29
N ASN D 499 -1.61 -7.31 -3.13
CA ASN D 499 -1.13 -6.89 -1.82
C ASN D 499 -2.26 -6.36 -0.95
N SER D 500 -3.31 -5.80 -1.55
CA SER D 500 -4.51 -5.45 -0.79
C SER D 500 -5.18 -6.71 -0.22
N ILE D 501 -5.24 -7.76 -1.05
CA ILE D 501 -5.75 -9.07 -0.63
C ILE D 501 -4.91 -9.61 0.52
N LEU D 502 -3.60 -9.59 0.36
CA LEU D 502 -2.72 -10.15 1.38
C LEU D 502 -2.69 -9.34 2.68
N GLU D 503 -2.80 -8.01 2.58
N GLU D 503 -2.81 -8.02 2.58
CA GLU D 503 -2.95 -7.15 3.77
CA GLU D 503 -2.93 -7.16 3.74
C GLU D 503 -4.20 -7.52 4.56
C GLU D 503 -4.19 -7.49 4.54
N ARG D 504 -5.32 -7.66 3.85
CA ARG D 504 -6.59 -7.99 4.52
C ARG D 504 -6.50 -9.37 5.17
N LEU D 505 -5.93 -10.33 4.46
CA LEU D 505 -5.74 -11.67 5.05
C LEU D 505 -4.85 -11.66 6.31
N ASP D 506 -3.77 -10.88 6.26
CA ASP D 506 -2.94 -10.68 7.44
C ASP D 506 -3.74 -10.08 8.60
N GLU D 507 -4.59 -9.11 8.31
CA GLU D 507 -5.47 -8.57 9.36
C GLU D 507 -6.36 -9.65 9.98
N GLU D 508 -7.03 -10.42 9.13
CA GLU D 508 -7.95 -11.46 9.56
C GLU D 508 -7.27 -12.64 10.28
N THR D 509 -5.96 -12.80 10.08
CA THR D 509 -5.21 -13.89 10.73
C THR D 509 -4.23 -13.40 11.79
N ARG D 510 -4.38 -12.18 12.28
CA ARG D 510 -3.42 -11.60 13.22
C ARG D 510 -3.78 -11.95 14.67
N GLY D 511 -4.91 -12.61 14.91
CA GLY D 511 -5.40 -12.89 16.27
C GLY D 511 -4.70 -14.05 16.94
N MET D 512 -3.93 -13.72 17.99
CA MET D 512 -3.14 -14.64 18.78
C MET D 512 -3.98 -15.81 19.26
N GLN D 513 -3.58 -17.02 18.88
CA GLN D 513 -4.24 -18.26 19.28
C GLN D 513 -5.68 -18.44 18.77
N ALA D 514 -6.16 -17.53 17.94
CA ALA D 514 -7.52 -17.60 17.44
C ALA D 514 -7.51 -17.82 15.93
N THR D 515 -6.87 -16.92 15.19
CA THR D 515 -6.75 -17.03 13.74
C THR D 515 -5.31 -17.05 13.21
N ASP D 516 -4.31 -16.93 14.09
CA ASP D 516 -2.94 -16.84 13.62
C ASP D 516 -2.30 -18.16 13.23
N TYR D 517 -3.01 -19.28 13.38
CA TYR D 517 -2.58 -20.51 12.72
C TYR D 517 -2.31 -20.31 11.21
N ASN D 518 -3.06 -19.41 10.57
CA ASN D 518 -2.84 -19.04 9.16
C ASN D 518 -2.11 -17.70 8.94
N HIS D 519 -1.35 -17.24 9.92
CA HIS D 519 -0.58 -15.97 9.76
C HIS D 519 0.79 -16.30 9.17
N ASP D 520 0.80 -16.80 7.94
CA ASP D 520 2.00 -17.36 7.32
C ASP D 520 3.08 -16.31 7.04
N LEU D 521 4.34 -16.67 7.31
CA LEU D 521 5.46 -15.84 6.88
C LEU D 521 5.56 -15.74 5.35
N VAL D 522 5.29 -16.84 4.65
CA VAL D 522 5.44 -16.91 3.20
C VAL D 522 4.05 -17.00 2.56
N ARG D 523 3.78 -16.12 1.60
CA ARG D 523 2.54 -16.16 0.80
C ARG D 523 2.86 -16.06 -0.68
#